data_3PA0
# 
_entry.id   3PA0 
# 
_audit_conform.dict_name       mmcif_pdbx.dic 
_audit_conform.dict_version    5.381 
_audit_conform.dict_location   http://mmcif.pdb.org/dictionaries/ascii/mmcif_pdbx.dic 
# 
loop_
_database_2.database_id 
_database_2.database_code 
_database_2.pdbx_database_accession 
_database_2.pdbx_DOI 
PDB   3PA0         pdb_00003pa0 10.2210/pdb3pa0/pdb 
NDB   NA0864       ?            ?                   
RCSB  RCSB062143   ?            ?                   
WWPDB D_1000062143 ?            ?                   
# 
_pdbx_database_status.status_code                     REL 
_pdbx_database_status.entry_id                        3PA0 
_pdbx_database_status.recvd_initial_deposition_date   2010-10-18 
_pdbx_database_status.deposit_site                    RCSB 
_pdbx_database_status.process_site                    RCSB 
_pdbx_database_status.status_code_sf                  REL 
_pdbx_database_status.status_code_mr                  ? 
_pdbx_database_status.SG_entry                        ? 
_pdbx_database_status.status_code_cs                  ? 
_pdbx_database_status.pdb_format_compatible           Y 
_pdbx_database_status.status_code_nmr_data            ? 
_pdbx_database_status.methods_development_category    ? 
# 
loop_
_audit_author.name 
_audit_author.pdbx_ordinal 
'Yeh, J.I.'     1 
'Shivachev, B.' 2 
'Du, S.'        3 
# 
_citation.id                        primary 
_citation.title                     
;Crystal structure of chiral gammaPNA with complementary DNA strand: insights into the stability and specificity of recognition and conformational preorganization.
;
_citation.journal_abbrev            J.Am.Chem.Soc. 
_citation.journal_volume            132 
_citation.page_first                10717 
_citation.page_last                 10727 
_citation.year                      2010 
_citation.journal_id_ASTM           JACSAT 
_citation.country                   US 
_citation.journal_id_ISSN           0002-7863 
_citation.journal_id_CSD            0004 
_citation.book_publisher            ? 
_citation.pdbx_database_id_PubMed   20681704 
_citation.pdbx_database_id_DOI      10.1021/ja907225d 
# 
loop_
_citation_author.citation_id 
_citation_author.name 
_citation_author.ordinal 
_citation_author.identifier_ORCID 
primary 'Yeh, J.I.'      1 ? 
primary 'Shivachev, B.'  2 ? 
primary 'Rapireddy, S.'  3 ? 
primary 'Crawford, M.J.' 4 ? 
primary 'Gil, R.R.'      5 ? 
primary 'Du, S.'         6 ? 
primary 'Madrid, M.'     7 ? 
primary 'Ly, D.H.'       8 ? 
# 
_cell.entry_id           3PA0 
_cell.length_a           48.190 
_cell.length_b           52.570 
_cell.length_c           61.150 
_cell.angle_alpha        90.00 
_cell.angle_beta         90.00 
_cell.angle_gamma        90.00 
_cell.Z_PDB              8 
_cell.pdbx_unique_axis   ? 
_cell.length_a_esd       ? 
_cell.length_b_esd       ? 
_cell.length_c_esd       ? 
_cell.angle_alpha_esd    ? 
_cell.angle_beta_esd     ? 
_cell.angle_gamma_esd    ? 
# 
_symmetry.entry_id                         3PA0 
_symmetry.space_group_name_H-M             'P 21 21 21' 
_symmetry.pdbx_full_space_group_name_H-M   ? 
_symmetry.cell_setting                     ? 
_symmetry.Int_Tables_number                19 
_symmetry.space_group_name_Hall            ? 
# 
loop_
_entity.id 
_entity.type 
_entity.src_method 
_entity.pdbx_description 
_entity.formula_weight 
_entity.pdbx_number_of_molecules 
_entity.pdbx_ec 
_entity.pdbx_mutation 
_entity.pdbx_fragment 
_entity.details 
1 polymer     syn 
;DNA 5'-D(*AP*TP*CP*TP*GP*TP*GP*GP*TP*C)-3'
;
3051.001 2   ? ? ? ? 
2 polymer     syn 'PEPTIDE NUCLEIC ACID'                       2928.065 2   ? ? ? ? 
3 non-polymer syn 1,2-ETHANEDIOL                               62.068   5   ? ? ? ? 
4 non-polymer syn 'ZINC ION'                                   65.409   2   ? ? ? ? 
5 water       nat water                                        18.015   189 ? ? ? ? 
# 
loop_
_entity_poly.entity_id 
_entity_poly.type 
_entity_poly.nstd_linkage 
_entity_poly.nstd_monomer 
_entity_poly.pdbx_seq_one_letter_code 
_entity_poly.pdbx_seq_one_letter_code_can 
_entity_poly.pdbx_strand_id 
_entity_poly.pdbx_target_identifier 
1 polydeoxyribonucleotide no no  '(DA)(DT)(DC)(DT)(DG)(DT)(DG)(DG)(DT)(DC)'            ATCTGTGGTC  A,B ? 
2 polydeoxyribonucleotide no yes 'K(40T)(40A)(40G)(40A)(40C)(40A)(40C)(40C)(40A)(40G)' KXXXXXXXXXX C,D ? 
# 
loop_
_entity_poly_seq.entity_id 
_entity_poly_seq.num 
_entity_poly_seq.mon_id 
_entity_poly_seq.hetero 
1 1  DA  n 
1 2  DT  n 
1 3  DC  n 
1 4  DT  n 
1 5  DG  n 
1 6  DT  n 
1 7  DG  n 
1 8  DG  n 
1 9  DT  n 
1 10 DC  n 
2 1  LYS n 
2 2  40T n 
2 3  40A n 
2 4  40G n 
2 5  40A n 
2 6  40C n 
2 7  40A n 
2 8  40C n 
2 9  40C n 
2 10 40A n 
2 11 40G n 
# 
loop_
_pdbx_entity_src_syn.entity_id 
_pdbx_entity_src_syn.pdbx_src_id 
_pdbx_entity_src_syn.pdbx_alt_source_flag 
_pdbx_entity_src_syn.pdbx_beg_seq_num 
_pdbx_entity_src_syn.pdbx_end_seq_num 
_pdbx_entity_src_syn.organism_scientific 
_pdbx_entity_src_syn.organism_common_name 
_pdbx_entity_src_syn.ncbi_taxonomy_id 
_pdbx_entity_src_syn.details 
1 1 sample ? ? ? ? 32630 ? 
2 1 sample ? ? ? ? 32630 ? 
# 
loop_
_struct_ref.id 
_struct_ref.db_name 
_struct_ref.db_code 
_struct_ref.pdbx_db_accession 
_struct_ref.entity_id 
_struct_ref.pdbx_align_begin 
_struct_ref.pdbx_seq_one_letter_code 
_struct_ref.pdbx_db_isoform 
1 PDB 3PA0 3PA0 1 ? ATCTGTGGTC                                            ? 
2 PDB 3PA0 3PA0 2 ? 'K(40T)(40A)(40G)(40A)(40C)(40A)(40C)(40C)(40A)(40G)' ? 
# 
loop_
_struct_ref_seq.align_id 
_struct_ref_seq.ref_id 
_struct_ref_seq.pdbx_PDB_id_code 
_struct_ref_seq.pdbx_strand_id 
_struct_ref_seq.seq_align_beg 
_struct_ref_seq.pdbx_seq_align_beg_ins_code 
_struct_ref_seq.seq_align_end 
_struct_ref_seq.pdbx_seq_align_end_ins_code 
_struct_ref_seq.pdbx_db_accession 
_struct_ref_seq.db_align_beg 
_struct_ref_seq.pdbx_db_align_beg_ins_code 
_struct_ref_seq.db_align_end 
_struct_ref_seq.pdbx_db_align_end_ins_code 
_struct_ref_seq.pdbx_auth_seq_align_beg 
_struct_ref_seq.pdbx_auth_seq_align_end 
1 1 3PA0 A 1 ? 10 ? 3PA0 1 ? 10 ? 1 10 
2 1 3PA0 B 1 ? 10 ? 3PA0 1 ? 10 ? 1 10 
3 2 3PA0 C 1 ? 11 ? 3PA0 1 ? 11 ? 1 11 
4 2 3PA0 D 1 ? 11 ? 3PA0 1 ? 11 ? 1 11 
# 
loop_
_chem_comp.id 
_chem_comp.type 
_chem_comp.mon_nstd_flag 
_chem_comp.name 
_chem_comp.pdbx_synonyms 
_chem_comp.formula 
_chem_comp.formula_weight 
40A peptide-like        . 'N-[(2S)-2-aminopropyl]-N-[(6-amino-9H-purin-9-yl)acetyl]glycine'                            ? 
'C12 H17 N7 O3'   307.308 
40C peptide-like        . 'N-[(4-amino-2-oxopyrimidin-1(2H)-yl)acetyl]-N-[(2S)-2-aminopropyl]glycine'                  ? 
'C11 H17 N5 O4'   283.284 
40G peptide-like        . 'N-[(2-amino-6-oxo-1,6-dihydro-9H-purin-9-yl)acetyl]-N-[(2S)-2-aminopropyl]glycine'          ? 
'C12 H17 N7 O4'   323.308 
40T peptide-like        . 'N-[(2S)-2-aminopropyl]-N-[(5-methyl-2,4-dioxo-3,4-dihydropyrimidin-1(2H)-yl)acetyl]glycine' ? 
'C12 H18 N4 O5'   298.295 
DA  'DNA linking'       y "2'-DEOXYADENOSINE-5'-MONOPHOSPHATE"                                                         ? 
'C10 H14 N5 O6 P' 331.222 
DC  'DNA linking'       y "2'-DEOXYCYTIDINE-5'-MONOPHOSPHATE"                                                          ? 
'C9 H14 N3 O7 P'  307.197 
DG  'DNA linking'       y "2'-DEOXYGUANOSINE-5'-MONOPHOSPHATE"                                                         ? 
'C10 H14 N5 O7 P' 347.221 
DT  'DNA linking'       y "THYMIDINE-5'-MONOPHOSPHATE"                                                                 ? 
'C10 H15 N2 O8 P' 322.208 
EDO non-polymer         . 1,2-ETHANEDIOL                                                                               
'ETHYLENE GLYCOL' 'C2 H6 O2'        62.068  
HOH non-polymer         . WATER                                                                                        ? 'H2 O' 
18.015  
LYS 'L-peptide linking' y LYSINE                                                                                       ? 
'C6 H15 N2 O2 1'  147.195 
ZN  non-polymer         . 'ZINC ION'                                                                                   ? 'Zn 2' 
65.409  
# 
_exptl.entry_id          3PA0 
_exptl.method            'X-RAY DIFFRACTION' 
_exptl.crystals_number   1 
# 
_exptl_crystal.id                    1 
_exptl_crystal.density_meas          ? 
_exptl_crystal.density_Matthews      3.28 
_exptl_crystal.density_percent_sol   62.45 
_exptl_crystal.description           ? 
_exptl_crystal.F_000                 ? 
_exptl_crystal.preparation           ? 
# 
_exptl_crystal_grow.crystal_id      1 
_exptl_crystal_grow.method          'VAPOR DIFFUSION, HANGING DROP' 
_exptl_crystal_grow.temp            295 
_exptl_crystal_grow.temp_details    ? 
_exptl_crystal_grow.pH              8.5 
_exptl_crystal_grow.pdbx_details    
;sample of 5mg/mL at 50 mM Tris pH7.5, 0.1 mM ZnSO4; well solution 20% w/v PEG-8000, 0.1 M Tris pH 8.5 and 0.2 M MgCl2, VAPOR DIFFUSION, HANGING DROP, temperature 295K
;
_exptl_crystal_grow.pdbx_pH_range   ? 
# 
loop_
_diffrn.id 
_diffrn.ambient_temp 
_diffrn.ambient_temp_details 
_diffrn.crystal_id 
1 93 ? 1 
2 ?  ? 1 
# 
_diffrn_detector.diffrn_id              1 
_diffrn_detector.detector               CCD 
_diffrn_detector.type                   'MARMOSAIC 300 mm CCD' 
_diffrn_detector.pdbx_collection_date   2007-12-07 
_diffrn_detector.details                'Si(111) monochromator' 
# 
loop_
_diffrn_radiation.diffrn_id 
_diffrn_radiation.wavelength_id 
_diffrn_radiation.pdbx_monochromatic_or_laue_m_l 
_diffrn_radiation.monochromator 
_diffrn_radiation.pdbx_diffrn_protocol 
_diffrn_radiation.pdbx_scattering_type 
1 1 M 'Si(111)' MAD                 x-ray 
2 1 M 'Si(111)' 'SINGLE WAVELENGTH' x-ray 
# 
_diffrn_radiation_wavelength.id           1 
_diffrn_radiation_wavelength.wavelength   1.27196 
_diffrn_radiation_wavelength.wt           1.0 
# 
_diffrn_source.diffrn_id                   1 
_diffrn_source.source                      SYNCHROTRON 
_diffrn_source.type                        'APS BEAMLINE 22-ID' 
_diffrn_source.pdbx_synchrotron_site       APS 
_diffrn_source.pdbx_synchrotron_beamline   22-ID 
_diffrn_source.pdbx_wavelength             ? 
_diffrn_source.pdbx_wavelength_list        1.27196 
# 
_reflns.entry_id                     3PA0 
_reflns.observed_criterion_sigma_I   -3 
_reflns.observed_criterion_sigma_F   0 
_reflns.d_resolution_low             30.72 
_reflns.d_resolution_high            1.6 
_reflns.number_obs                   19186 
_reflns.number_all                   19186 
_reflns.percent_possible_obs         91.2 
_reflns.pdbx_Rmerge_I_obs            0.068 
_reflns.pdbx_Rsym_value              ? 
_reflns.pdbx_netI_over_sigmaI        ? 
_reflns.B_iso_Wilson_estimate        ? 
_reflns.pdbx_redundancy              6.5 
_reflns.R_free_details               ? 
_reflns.limit_h_max                  ? 
_reflns.limit_h_min                  ? 
_reflns.limit_k_max                  ? 
_reflns.limit_k_min                  ? 
_reflns.limit_l_max                  ? 
_reflns.limit_l_min                  ? 
_reflns.observed_criterion_F_max     ? 
_reflns.observed_criterion_F_min     ? 
_reflns.pdbx_chi_squared             ? 
_reflns.pdbx_scaling_rejects         ? 
_reflns.pdbx_diffrn_id               1,2 
_reflns.pdbx_ordinal                 1 
# 
_reflns_shell.d_res_high             1.60 
_reflns_shell.d_res_low              1.66 
_reflns_shell.percent_possible_all   64 
_reflns_shell.Rmerge_I_obs           0.44 
_reflns_shell.pdbx_Rsym_value        ? 
_reflns_shell.meanI_over_sigI_obs    2.1 
_reflns_shell.pdbx_redundancy        4.3 
_reflns_shell.percent_possible_obs   ? 
_reflns_shell.number_unique_all      ? 
_reflns_shell.number_measured_all    ? 
_reflns_shell.number_measured_obs    ? 
_reflns_shell.number_unique_obs      ? 
_reflns_shell.pdbx_chi_squared       ? 
_reflns_shell.pdbx_diffrn_id         ? 
_reflns_shell.pdbx_ordinal           1 
# 
_refine.entry_id                                 3PA0 
_refine.ls_number_reflns_obs                     19141 
_refine.ls_number_reflns_all                     19721 
_refine.pdbx_ls_sigma_I                          ? 
_refine.pdbx_ls_sigma_F                          4.0 
_refine.pdbx_data_cutoff_high_absF               ? 
_refine.pdbx_data_cutoff_low_absF                ? 
_refine.pdbx_data_cutoff_high_rms_absF           ? 
_refine.ls_d_res_low                             10.00 
_refine.ls_d_res_high                            1.60 
_refine.ls_percent_reflns_obs                    ? 
_refine.ls_R_factor_obs                          0.2022 
_refine.ls_R_factor_all                          0.2179 
_refine.ls_R_factor_R_work                       0.2009 
_refine.ls_R_factor_R_free                       0.2287 
_refine.ls_R_factor_R_free_error                 ? 
_refine.ls_R_factor_R_free_error_details         ? 
_refine.ls_percent_reflns_R_free                 5 
_refine.ls_number_reflns_R_free                  958 
_refine.ls_number_parameters                     4147 
_refine.ls_number_restraints                     3771 
_refine.occupancy_min                            ? 
_refine.occupancy_max                            ? 
_refine.correlation_coeff_Fo_to_Fc               ? 
_refine.correlation_coeff_Fo_to_Fc_free          ? 
_refine.B_iso_mean                               ? 
_refine.aniso_B[1][1]                            ? 
_refine.aniso_B[2][2]                            ? 
_refine.aniso_B[3][3]                            ? 
_refine.aniso_B[1][2]                            ? 
_refine.aniso_B[1][3]                            ? 
_refine.aniso_B[2][3]                            ? 
_refine.solvent_model_details                    ? 
_refine.solvent_model_param_ksol                 ? 
_refine.solvent_model_param_bsol                 ? 
_refine.pdbx_solvent_vdw_probe_radii             ? 
_refine.pdbx_solvent_ion_probe_radii             ? 
_refine.pdbx_solvent_shrinkage_radii             ? 
_refine.pdbx_ls_cross_valid_method               'FREE R' 
_refine.details                                  
'ANISOTROPIC SCALING APPLIED BY THE METHOD OF PARKIN, MOEZZI & HOPE, J.APPL.CRYST.28(1995)53-56' 
_refine.pdbx_starting_model                      ? 
_refine.pdbx_method_to_determine_struct          'AB INITIO' 
_refine.pdbx_isotropic_thermal_model             ? 
_refine.pdbx_stereochemistry_target_values       'ENGH AND HUBER' 
_refine.pdbx_stereochem_target_val_spec_case     ? 
_refine.pdbx_R_Free_selection_details            RANDOM 
_refine.pdbx_overall_ESU_R_Free                  ? 
_refine.overall_SU_ML                            ? 
_refine.overall_SU_B                             ? 
_refine.overall_SU_R_Cruickshank_DPI             ? 
_refine.ls_redundancy_reflns_obs                 ? 
_refine.B_iso_min                                ? 
_refine.B_iso_max                                ? 
_refine.overall_SU_R_free                        ? 
_refine.ls_wR_factor_R_free                      ? 
_refine.ls_wR_factor_R_work                      ? 
_refine.overall_FOM_free_R_set                   ? 
_refine.overall_FOM_work_R_set                   ? 
_refine.pdbx_overall_phase_error                 ? 
_refine.pdbx_refine_id                           'X-RAY DIFFRACTION' 
_refine.pdbx_overall_ESU_R                       ? 
_refine.pdbx_diffrn_id                           1 
_refine.pdbx_TLS_residual_ADP_flag               ? 
_refine.pdbx_overall_SU_R_free_Cruickshank_DPI   ? 
_refine.pdbx_overall_SU_R_Blow_DPI               ? 
_refine.pdbx_overall_SU_R_free_Blow_DPI          ? 
# 
_refine_analyze.entry_id                        3PA0 
_refine_analyze.Luzzati_coordinate_error_obs    ? 
_refine_analyze.Luzzati_sigma_a_obs             ? 
_refine_analyze.Luzzati_d_res_low_obs           ? 
_refine_analyze.Luzzati_coordinate_error_free   ? 
_refine_analyze.Luzzati_sigma_a_free            ? 
_refine_analyze.Luzzati_d_res_low_free          ? 
_refine_analyze.number_disordered_residues      0 
_refine_analyze.occupancy_sum_hydrogen          0.00 
_refine_analyze.occupancy_sum_non_hydrogen      1031.83 
_refine_analyze.pdbx_Luzzati_d_res_high_obs     ? 
_refine_analyze.pdbx_refine_id                  'X-RAY DIFFRACTION' 
# 
_refine_hist.pdbx_refine_id                   'X-RAY DIFFRACTION' 
_refine_hist.cycle_id                         LAST 
_refine_hist.pdbx_number_atoms_protein        418 
_refine_hist.pdbx_number_atoms_nucleic_acid   404 
_refine_hist.pdbx_number_atoms_ligand         22 
_refine_hist.number_atoms_solvent             189 
_refine_hist.number_atoms_total               1033 
_refine_hist.d_res_high                       1.60 
_refine_hist.d_res_low                        10.00 
# 
loop_
_refine_ls_restr.type 
_refine_ls_restr.dev_ideal 
_refine_ls_restr.dev_ideal_target 
_refine_ls_restr.weight 
_refine_ls_restr.number 
_refine_ls_restr.pdbx_refine_id 
_refine_ls_restr.pdbx_restraint_function 
s_bond_d               0.010  ? ? ? 'X-RAY DIFFRACTION' ? 
s_angle_d              0.029  ? ? ? 'X-RAY DIFFRACTION' ? 
s_similar_dist         0.078  ? ? ? 'X-RAY DIFFRACTION' ? 
s_from_restr_planes    0.0185 ? ? ? 'X-RAY DIFFRACTION' ? 
s_zero_chiral_vol      0.000  ? ? ? 'X-RAY DIFFRACTION' ? 
s_non_zero_chiral_vol  0.008  ? ? ? 'X-RAY DIFFRACTION' ? 
s_anti_bump_dis_restr  0.074  ? ? ? 'X-RAY DIFFRACTION' ? 
s_rigid_bond_adp_cmpnt 0.000  ? ? ? 'X-RAY DIFFRACTION' ? 
s_similar_adp_cmpnt    0.075  ? ? ? 'X-RAY DIFFRACTION' ? 
s_approx_iso_adps      0.000  ? ? ? 'X-RAY DIFFRACTION' ? 
# 
_pdbx_refine.pdbx_refine_id                              'X-RAY DIFFRACTION' 
_pdbx_refine.entry_id                                    3PA0 
_pdbx_refine.R_factor_all_no_cutoff                      0.2183 
_pdbx_refine.R_factor_obs_no_cutoff                      0.2166 
_pdbx_refine.free_R_factor_no_cutoff                     0.2437 
_pdbx_refine.free_R_error_no_cutoff                      ? 
_pdbx_refine.free_R_val_test_set_size_perc_no_cutoff     5 
_pdbx_refine.free_R_val_test_set_ct_no_cutoff            958 
_pdbx_refine.R_factor_all_4sig_cutoff                    0.2026 
_pdbx_refine.R_factor_obs_4sig_cutoff                    0.2009 
_pdbx_refine.free_R_factor_4sig_cutoff                   0.2278 
_pdbx_refine.free_R_val_test_set_size_perc_4sig_cutoff   5 
_pdbx_refine.free_R_val_test_set_ct_4sig_cutoff          761 
_pdbx_refine.number_reflns_obs_4sig_cutoff               15099 
# 
_struct.entry_id                  3PA0 
_struct.title                     
;Crystal Structure of Chiral Gamma-PNA with Complementary DNA Strand: Insight Into the Stability and Specificity of Recognition an Conformational Preorganization
;
_struct.pdbx_model_details        ? 
_struct.pdbx_CASP_flag            ? 
_struct.pdbx_model_type_details   ? 
# 
_struct_keywords.entry_id        3PA0 
_struct_keywords.pdbx_keywords   'PEPTIDE NUCLEIC ACID/DNA' 
_struct_keywords.text            'GAMMA-PNA, DNA, PEPTIDE NUCLEIC ACID-DNA complex' 
# 
loop_
_struct_asym.id 
_struct_asym.pdbx_blank_PDB_chainid_flag 
_struct_asym.pdbx_modified 
_struct_asym.entity_id 
_struct_asym.details 
A N N 1 ? 
B N N 1 ? 
C N N 2 ? 
D N N 2 ? 
E N N 3 ? 
F N N 4 ? 
G N N 3 ? 
H N N 4 ? 
I N N 3 ? 
J N N 3 ? 
K N N 3 ? 
L N N 5 ? 
M N N 5 ? 
N N N 5 ? 
O N N 5 ? 
P N N 5 ? 
# 
_struct_biol.id        1 
_struct_biol.details   ? 
# 
loop_
_struct_conn.id 
_struct_conn.conn_type_id 
_struct_conn.pdbx_leaving_atom_flag 
_struct_conn.pdbx_PDB_id 
_struct_conn.ptnr1_label_asym_id 
_struct_conn.ptnr1_label_comp_id 
_struct_conn.ptnr1_label_seq_id 
_struct_conn.ptnr1_label_atom_id 
_struct_conn.pdbx_ptnr1_label_alt_id 
_struct_conn.pdbx_ptnr1_PDB_ins_code 
_struct_conn.pdbx_ptnr1_standard_comp_id 
_struct_conn.ptnr1_symmetry 
_struct_conn.ptnr2_label_asym_id 
_struct_conn.ptnr2_label_comp_id 
_struct_conn.ptnr2_label_seq_id 
_struct_conn.ptnr2_label_atom_id 
_struct_conn.pdbx_ptnr2_label_alt_id 
_struct_conn.pdbx_ptnr2_PDB_ins_code 
_struct_conn.ptnr1_auth_asym_id 
_struct_conn.ptnr1_auth_comp_id 
_struct_conn.ptnr1_auth_seq_id 
_struct_conn.ptnr2_auth_asym_id 
_struct_conn.ptnr2_auth_comp_id 
_struct_conn.ptnr2_auth_seq_id 
_struct_conn.ptnr2_symmetry 
_struct_conn.pdbx_ptnr3_label_atom_id 
_struct_conn.pdbx_ptnr3_label_seq_id 
_struct_conn.pdbx_ptnr3_label_comp_id 
_struct_conn.pdbx_ptnr3_label_asym_id 
_struct_conn.pdbx_ptnr3_label_alt_id 
_struct_conn.pdbx_ptnr3_PDB_ins_code 
_struct_conn.details 
_struct_conn.pdbx_dist_value 
_struct_conn.pdbx_value_order 
_struct_conn.pdbx_role 
covale1  covale both ? C LYS 1  N   ? ? ? 1_555 C 40T 2  C  ? ? C LYS 1  C 40T 2  1_555 ? ? ? ? ? ? ? 1.322 ? ? 
covale2  covale both ? C 40T 2  N   ? ? ? 1_555 C 40A 3  C  ? ? C 40T 2  C 40A 3  1_555 ? ? ? ? ? ? ? 1.321 ? ? 
covale3  covale both ? C 40A 3  N   ? ? ? 1_555 C 40G 4  C  ? ? C 40A 3  C 40G 4  1_555 ? ? ? ? ? ? ? 1.332 ? ? 
covale4  covale both ? C 40G 4  N   ? ? ? 1_555 C 40A 5  C  ? ? C 40G 4  C 40A 5  1_555 ? ? ? ? ? ? ? 1.331 ? ? 
covale5  covale both ? C 40A 5  N   ? ? ? 1_555 C 40C 6  C  ? ? C 40A 5  C 40C 6  1_555 ? ? ? ? ? ? ? 1.351 ? ? 
covale6  covale both ? C 40C 6  N   ? ? ? 1_555 C 40A 7  C  ? ? C 40C 6  C 40A 7  1_555 ? ? ? ? ? ? ? 1.341 ? ? 
covale7  covale both ? C 40A 7  N   ? ? ? 1_555 C 40C 8  C  ? ? C 40A 7  C 40C 8  1_555 ? ? ? ? ? ? ? 1.318 ? ? 
covale8  covale both ? C 40C 8  N   ? ? ? 1_555 C 40C 9  C  ? ? C 40C 8  C 40C 9  1_555 ? ? ? ? ? ? ? 1.321 ? ? 
covale9  covale both ? C 40C 9  N   ? ? ? 1_555 C 40A 10 C  ? ? C 40C 9  C 40A 10 1_555 ? ? ? ? ? ? ? 1.331 ? ? 
covale10 covale both ? C 40A 10 N   ? ? ? 1_555 C 40G 11 C  ? ? C 40A 10 C 40G 11 1_555 ? ? ? ? ? ? ? 1.342 ? ? 
covale11 covale both ? D LYS 1  N   ? ? ? 1_555 D 40T 2  C  ? ? D LYS 1  D 40T 2  1_555 ? ? ? ? ? ? ? 1.326 ? ? 
covale12 covale both ? D 40T 2  N   ? ? ? 1_555 D 40A 3  C  ? ? D 40T 2  D 40A 3  1_555 ? ? ? ? ? ? ? 1.329 ? ? 
covale13 covale both ? D 40A 3  N   ? ? ? 1_555 D 40G 4  C  ? ? D 40A 3  D 40G 4  1_555 ? ? ? ? ? ? ? 1.293 ? ? 
covale14 covale both ? D 40G 4  N   ? ? ? 1_555 D 40A 5  C  ? ? D 40G 4  D 40A 5  1_555 ? ? ? ? ? ? ? 1.326 ? ? 
covale15 covale both ? D 40A 5  N   ? ? ? 1_555 D 40C 6  C  ? ? D 40A 5  D 40C 6  1_555 ? ? ? ? ? ? ? 1.369 ? ? 
covale16 covale both ? D 40C 6  N   ? ? ? 1_555 D 40A 7  C  ? ? D 40C 6  D 40A 7  1_555 ? ? ? ? ? ? ? 1.338 ? ? 
covale17 covale both ? D 40A 7  N   ? ? ? 1_555 D 40C 8  C  ? ? D 40A 7  D 40C 8  1_555 ? ? ? ? ? ? ? 1.490 ? ? 
covale18 covale both ? D 40C 8  N   ? ? ? 1_555 D 40C 9  C  ? ? D 40C 8  D 40C 9  1_555 ? ? ? ? ? ? ? 1.329 ? ? 
covale19 covale both ? D 40C 9  N   ? ? ? 1_555 D 40A 10 C  ? ? D 40C 9  D 40A 10 1_555 ? ? ? ? ? ? ? 1.325 ? ? 
covale20 covale both ? D 40A 10 N   ? ? ? 1_555 D 40G 11 C  ? ? D 40A 10 D 40G 11 1_555 ? ? ? ? ? ? ? 1.426 ? ? 
metalc1  metalc ?    ? A DG  5  OP1 ? ? ? 1_555 H ZN  .  ZN ? ? A DG  5  D ZN  12 1_555 ? ? ? ? ? ? ? 1.999 ? ? 
metalc2  metalc ?    ? L HOH .  O   ? ? ? 1_555 H ZN  .  ZN ? ? A HOH 12 D ZN  12 1_555 ? ? ? ? ? ? ? 2.173 ? ? 
metalc3  metalc ?    ? B DT  6  OP1 ? ? ? 1_555 F ZN  .  ZN ? ? B DT  6  C ZN  12 1_555 ? ? ? ? ? ? ? 1.926 ? ? 
metalc4  metalc ?    ? M HOH .  O   ? ? ? 1_555 F ZN  .  ZN ? ? B HOH 12 C ZN  12 1_555 ? ? ? ? ? ? ? 2.097 ? ? 
metalc5  metalc ?    ? M HOH .  O   ? ? ? 1_555 F ZN  .  ZN ? ? B HOH 14 C ZN  12 1_555 ? ? ? ? ? ? ? 2.180 ? ? 
metalc6  metalc ?    ? C 40G 4  N7  ? ? ? 1_555 F ZN  .  ZN ? ? C 40G 4  C ZN  12 1_555 ? ? ? ? ? ? ? 2.360 ? ? 
metalc7  metalc ?    ? F ZN  .  ZN  ? ? ? 1_555 N HOH .  O  ? ? C ZN  12 C HOH 14 1_555 ? ? ? ? ? ? ? 2.087 ? ? 
metalc8  metalc ?    ? F ZN  .  ZN  ? ? ? 1_555 N HOH .  O  ? ? C ZN  12 C HOH 15 1_555 ? ? ? ? ? ? ? 2.182 ? ? 
metalc9  metalc ?    ? D 40G 4  N7  ? ? ? 1_555 H ZN  .  ZN ? ? D 40G 4  D ZN  12 1_555 ? ? ? ? ? ? ? 2.325 ? ? 
metalc10 metalc ?    ? H ZN  .  ZN  ? ? ? 1_555 O HOH .  O  ? ? D ZN  12 D HOH 16 1_555 ? ? ? ? ? ? ? 2.105 ? ? 
metalc11 metalc ?    ? H ZN  .  ZN  ? ? ? 1_555 O HOH .  O  ? ? D ZN  12 D HOH 17 1_555 ? ? ? ? ? ? ? 2.095 ? ? 
metalc12 metalc ?    ? H ZN  .  ZN  ? ? ? 1_555 O HOH .  O  ? ? D ZN  12 D HOH 18 1_555 ? ? ? ? ? ? ? 2.151 ? ? 
# 
loop_
_struct_conn_type.id 
_struct_conn_type.criteria 
_struct_conn_type.reference 
covale ? ? 
metalc ? ? 
# 
loop_
_struct_site.id 
_struct_site.pdbx_evidence_code 
_struct_site.pdbx_auth_asym_id 
_struct_site.pdbx_auth_comp_id 
_struct_site.pdbx_auth_seq_id 
_struct_site.pdbx_auth_ins_code 
_struct_site.pdbx_num_residues 
_struct_site.details 
AC1 Software A EDO 11 ? 9 'BINDING SITE FOR RESIDUE EDO A 11' 
AC2 Software C ZN  12 ? 6 'BINDING SITE FOR RESIDUE ZN C 12'  
AC3 Software C EDO 13 ? 5 'BINDING SITE FOR RESIDUE EDO C 13' 
AC4 Software D ZN  12 ? 6 'BINDING SITE FOR RESIDUE ZN D 12'  
AC5 Software D EDO 13 ? 6 'BINDING SITE FOR RESIDUE EDO D 13' 
AC6 Software D EDO 14 ? 2 'BINDING SITE FOR RESIDUE EDO D 14' 
AC7 Software D EDO 15 ? 9 'BINDING SITE FOR RESIDUE EDO D 15' 
# 
loop_
_struct_site_gen.id 
_struct_site_gen.site_id 
_struct_site_gen.pdbx_num_res 
_struct_site_gen.label_comp_id 
_struct_site_gen.label_asym_id 
_struct_site_gen.label_seq_id 
_struct_site_gen.pdbx_auth_ins_code 
_struct_site_gen.auth_comp_id 
_struct_site_gen.auth_asym_id 
_struct_site_gen.auth_seq_id 
_struct_site_gen.label_atom_id 
_struct_site_gen.label_alt_id 
_struct_site_gen.symmetry 
_struct_site_gen.details 
1  AC1 9 DT  A 6 ? DT  A 6    . ? 1_555 ? 
2  AC1 9 DG  A 7 ? DG  A 7    . ? 1_555 ? 
3  AC1 9 40A C 5 ? 40A C 5    . ? 4_566 ? 
4  AC1 9 40C C 6 ? 40C C 6    . ? 4_566 ? 
5  AC1 9 HOH N . ? HOH C 1005 . ? 4_566 ? 
6  AC1 9 HOH N . ? HOH C 1123 . ? 4_566 ? 
7  AC1 9 40C D 8 ? 40C D 8    . ? 1_555 ? 
8  AC1 9 40C D 9 ? 40C D 9    . ? 1_555 ? 
9  AC1 9 EDO I . ? EDO D 13   . ? 1_555 ? 
10 AC2 6 DT  B 6 ? DT  B 6    . ? 1_555 ? 
11 AC2 6 HOH M . ? HOH B 12   . ? 1_555 ? 
12 AC2 6 HOH M . ? HOH B 14   . ? 1_555 ? 
13 AC2 6 40G C 4 ? 40G C 4    . ? 1_555 ? 
14 AC2 6 HOH N . ? HOH C 14   . ? 1_555 ? 
15 AC2 6 HOH N . ? HOH C 15   . ? 1_555 ? 
16 AC3 5 40C C 8 ? 40C C 8    . ? 1_555 ? 
17 AC3 5 HOH N . ? HOH C 16   . ? 1_555 ? 
18 AC3 5 HOH N . ? HOH C 1016 . ? 1_555 ? 
19 AC3 5 HOH N . ? HOH C 1070 . ? 1_555 ? 
20 AC3 5 40C D 6 ? 40C D 6    . ? 1_555 ? 
21 AC4 6 DG  A 5 ? DG  A 5    . ? 1_555 ? 
22 AC4 6 HOH L . ? HOH A 12   . ? 1_555 ? 
23 AC4 6 40G D 4 ? 40G D 4    . ? 1_555 ? 
24 AC4 6 HOH O . ? HOH D 16   . ? 1_555 ? 
25 AC4 6 HOH O . ? HOH D 17   . ? 1_555 ? 
26 AC4 6 HOH O . ? HOH D 18   . ? 1_555 ? 
27 AC5 6 EDO E . ? EDO A 11   . ? 1_555 ? 
28 AC5 6 40C C 6 ? 40C C 6    . ? 4_566 ? 
29 AC5 6 HOH N . ? HOH C 1131 . ? 4_566 ? 
30 AC5 6 HOH N . ? HOH C 1209 . ? 4_566 ? 
31 AC5 6 40C D 8 ? 40C D 8    . ? 1_555 ? 
32 AC5 6 40C D 9 ? 40C D 9    . ? 1_555 ? 
33 AC6 2 40T D 2 ? 40T D 2    . ? 1_555 ? 
34 AC6 2 40A D 3 ? 40A D 3    . ? 1_555 ? 
35 AC7 9 HOH M . ? HOH B 1049 . ? 4_466 ? 
36 AC7 9 40A C 5 ? 40A C 5    . ? 1_555 ? 
37 AC7 9 HOH N . ? HOH C 1123 . ? 1_555 ? 
38 AC7 9 40A D 3 ? 40A D 3    . ? 1_555 ? 
39 AC7 9 40G D 4 ? 40G D 4    . ? 1_555 ? 
40 AC7 9 40C D 8 ? 40C D 8    . ? 4_466 ? 
41 AC7 9 HOH O . ? HOH D 1053 . ? 1_555 ? 
42 AC7 9 HOH O . ? HOH D 1093 . ? 1_555 ? 
43 AC7 9 HOH O . ? HOH D 1127 . ? 1_555 ? 
# 
_atom_sites.entry_id                    3PA0 
_atom_sites.fract_transf_matrix[1][1]   -0.01667804 
_atom_sites.fract_transf_matrix[1][2]   -0.01193664 
_atom_sites.fract_transf_matrix[1][3]   0.00315653 
_atom_sites.fract_transf_matrix[2][1]   0.00643836 
_atom_sites.fract_transf_matrix[2][2]   -0.01240737 
_atom_sites.fract_transf_matrix[2][3]   -0.01290121 
_atom_sites.fract_transf_matrix[3][1]   0.00800244 
_atom_sites.fract_transf_matrix[3][2]   -0.00807215 
_atom_sites.fract_transf_matrix[3][3]   0.01175678 
_atom_sites.fract_transf_vector[1]      0.608069 
_atom_sites.fract_transf_vector[2]      0.684398 
_atom_sites.fract_transf_vector[3]      0.448867 
# 
loop_
_atom_type.symbol 
C  
N  
O  
P  
ZN 
# 
loop_
_atom_site.group_PDB 
_atom_site.id 
_atom_site.type_symbol 
_atom_site.label_atom_id 
_atom_site.label_alt_id 
_atom_site.label_comp_id 
_atom_site.label_asym_id 
_atom_site.label_entity_id 
_atom_site.label_seq_id 
_atom_site.pdbx_PDB_ins_code 
_atom_site.Cartn_x 
_atom_site.Cartn_y 
_atom_site.Cartn_z 
_atom_site.occupancy 
_atom_site.B_iso_or_equiv 
_atom_site.pdbx_formal_charge 
_atom_site.auth_seq_id 
_atom_site.auth_comp_id 
_atom_site.auth_asym_id 
_atom_site.auth_atom_id 
_atom_site.pdbx_PDB_model_num 
ATOM   1    O  "O5'" . DA  A 1 1  ? 4.441   -26.154 14.400  1.00 62.76 ? 1    DA  A "O5'" 1 
ATOM   2    C  "C5'" . DA  A 1 1  ? 5.689   -25.947 15.063  1.00 49.24 ? 1    DA  A "C5'" 1 
ATOM   3    C  "C4'" . DA  A 1 1  ? 6.671   -25.224 14.176  1.00 55.95 ? 1    DA  A "C4'" 1 
ATOM   4    O  "O4'" . DA  A 1 1  ? 6.875   -25.979 12.949  1.00 52.51 ? 1    DA  A "O4'" 1 
ATOM   5    C  "C3'" . DA  A 1 1  ? 6.250   -23.824 13.733  1.00 45.91 ? 1    DA  A "C3'" 1 
ATOM   6    O  "O3'" . DA  A 1 1  ? 6.629   -22.817 14.667  1.00 45.84 ? 1    DA  A "O3'" 1 
ATOM   7    C  "C2'" . DA  A 1 1  ? 6.958   -23.696 12.401  1.00 47.74 ? 1    DA  A "C2'" 1 
ATOM   8    C  "C1'" . DA  A 1 1  ? 6.770   -25.104 11.844  1.00 48.76 ? 1    DA  A "C1'" 1 
ATOM   9    N  N9    . DA  A 1 1  ? 5.461   -25.296 11.220  1.00 42.90 ? 1    DA  A N9    1 
ATOM   10   C  C8    . DA  A 1 1  ? 4.394   -26.001 11.711  1.00 39.98 ? 1    DA  A C8    1 
ATOM   11   N  N7    . DA  A 1 1  ? 3.350   -25.998 10.930  1.00 38.65 ? 1    DA  A N7    1 
ATOM   12   C  C5    . DA  A 1 1  ? 3.760   -25.233 9.842   1.00 38.82 ? 1    DA  A C5    1 
ATOM   13   C  C6    . DA  A 1 1  ? 3.107   -24.850 8.653   1.00 35.19 ? 1    DA  A C6    1 
ATOM   14   N  N6    . DA  A 1 1  ? 1.853   -25.199 8.354   1.00 30.46 ? 1    DA  A N6    1 
ATOM   15   N  N1    . DA  A 1 1  ? 3.809   -24.088 7.784   1.00 32.64 ? 1    DA  A N1    1 
ATOM   16   C  C2    . DA  A 1 1  ? 5.067   -23.740 8.084   1.00 35.45 ? 1    DA  A C2    1 
ATOM   17   N  N3    . DA  A 1 1  ? 5.791   -24.041 9.170   1.00 35.24 ? 1    DA  A N3    1 
ATOM   18   C  C4    . DA  A 1 1  ? 5.058   -24.796 10.007  1.00 37.03 ? 1    DA  A C4    1 
ATOM   19   P  P     . DT  A 1 2  ? 5.822   -21.415 14.757  1.00 47.24 ? 2    DT  A P     1 
ATOM   20   O  OP1   . DT  A 1 2  ? 6.434   -20.637 15.862  1.00 60.01 ? 2    DT  A OP1   1 
ATOM   21   O  OP2   . DT  A 1 2  ? 4.374   -21.741 14.765  1.00 41.99 ? 2    DT  A OP2   1 
ATOM   22   O  "O5'" . DT  A 1 2  ? 6.147   -20.703 13.355  1.00 39.71 ? 2    DT  A "O5'" 1 
ATOM   23   C  "C5'" . DT  A 1 2  ? 7.486   -20.346 13.005  1.00 36.64 ? 2    DT  A "C5'" 1 
ATOM   24   C  "C4'" . DT  A 1 2  ? 7.510   -19.756 11.627  1.00 41.04 ? 2    DT  A "C4'" 1 
ATOM   25   O  "O4'" . DT  A 1 2  ? 6.930   -20.654 10.649  1.00 40.45 ? 2    DT  A "O4'" 1 
ATOM   26   C  "C3'" . DT  A 1 2  ? 6.688   -18.483 11.488  1.00 33.21 ? 2    DT  A "C3'" 1 
ATOM   27   O  "O3'" . DT  A 1 2  ? 7.380   -17.360 12.027  1.00 40.53 ? 2    DT  A "O3'" 1 
ATOM   28   C  "C2'" . DT  A 1 2  ? 6.496   -18.397 10.002  1.00 28.68 ? 2    DT  A "C2'" 1 
ATOM   29   C  "C1'" . DT  A 1 2  ? 6.349   -19.850 9.601   1.00 35.72 ? 2    DT  A "C1'" 1 
ATOM   30   N  N1    . DT  A 1 2  ? 4.976   -20.356 9.460   1.00 33.34 ? 2    DT  A N1    1 
ATOM   31   C  C2    . DT  A 1 2  ? 4.287   -20.028 8.310   1.00 29.53 ? 2    DT  A C2    1 
ATOM   32   O  O2    . DT  A 1 2  ? 4.778   -19.354 7.440   1.00 27.04 ? 2    DT  A O2    1 
ATOM   33   N  N3    . DT  A 1 2  ? 3.004   -20.533 8.235   1.00 27.08 ? 2    DT  A N3    1 
ATOM   34   C  C4    . DT  A 1 2  ? 2.370   -21.304 9.166   1.00 25.58 ? 2    DT  A C4    1 
ATOM   35   O  O4    . DT  A 1 2  ? 1.206   -21.694 8.976   1.00 31.35 ? 2    DT  A O4    1 
ATOM   36   C  C5    . DT  A 1 2  ? 3.149   -21.612 10.356  1.00 26.75 ? 2    DT  A C5    1 
ATOM   37   C  C7    . DT  A 1 2  ? 2.495   -22.453 11.406  1.00 38.88 ? 2    DT  A C7    1 
ATOM   38   C  C6    . DT  A 1 2  ? 4.389   -21.133 10.442  1.00 29.07 ? 2    DT  A C6    1 
ATOM   39   P  P     . DC  A 1 3  ? 6.535   -16.081 12.512  1.00 44.37 ? 3    DC  A P     1 
ATOM   40   O  OP1   . DC  A 1 3  ? 7.499   -15.152 13.156  1.00 50.26 ? 3    DC  A OP1   1 
ATOM   41   O  OP2   . DC  A 1 3  ? 5.331   -16.529 13.229  1.00 39.56 ? 3    DC  A OP2   1 
ATOM   42   O  "O5'" . DC  A 1 3  ? 6.082   -15.462 11.101  1.00 35.85 ? 3    DC  A "O5'" 1 
ATOM   43   C  "C5'" . DC  A 1 3  ? 7.035   -14.807 10.254  1.00 30.00 ? 3    DC  A "C5'" 1 
ATOM   44   C  "C4'" . DC  A 1 3  ? 6.311   -14.210 9.072   1.00 28.37 ? 3    DC  A "C4'" 1 
ATOM   45   O  "O4'" . DC  A 1 3  ? 5.754   -15.223 8.171   1.00 32.23 ? 3    DC  A "O4'" 1 
ATOM   46   C  "C3'" . DC  A 1 3  ? 5.116   -13.351 9.456   1.00 26.07 ? 3    DC  A "C3'" 1 
ATOM   47   O  "O3'" . DC  A 1 3  ? 5.509   -12.082 9.973   1.00 31.41 ? 3    DC  A "O3'" 1 
ATOM   48   C  "C2'" . DC  A 1 3  ? 4.396   -13.251 8.136   1.00 24.48 ? 3    DC  A "C2'" 1 
ATOM   49   C  "C1'" . DC  A 1 3  ? 4.569   -14.656 7.588   1.00 28.17 ? 3    DC  A "C1'" 1 
ATOM   50   N  N1    . DC  A 1 3  ? 3.426   -15.515 7.914   1.00 29.25 ? 3    DC  A N1    1 
ATOM   51   C  C2    . DC  A 1 3  ? 2.355   -15.535 7.004   1.00 23.80 ? 3    DC  A C2    1 
ATOM   52   O  O2    . DC  A 1 3  ? 2.428   -14.841 5.976   1.00 23.20 ? 3    DC  A O2    1 
ATOM   53   N  N3    . DC  A 1 3  ? 1.309   -16.317 7.297   1.00 21.90 ? 3    DC  A N3    1 
ATOM   54   C  C4    . DC  A 1 3  ? 1.256   -17.054 8.405   1.00 24.09 ? 3    DC  A C4    1 
ATOM   55   N  N4    . DC  A 1 3  ? 0.159   -17.794 8.586   1.00 22.09 ? 3    DC  A N4    1 
ATOM   56   C  C5    . DC  A 1 3  ? 2.330   -17.052 9.356   1.00 25.93 ? 3    DC  A C5    1 
ATOM   57   C  C6    . DC  A 1 3  ? 3.380   -16.268 9.059   1.00 30.76 ? 3    DC  A C6    1 
ATOM   58   P  P     . DT  A 1 4  ? 4.545   -11.160 10.839  1.00 30.38 ? 4    DT  A P     1 
ATOM   59   O  OP1   . DT  A 1 4  ? 5.385   -10.125 11.499  1.00 33.71 ? 4    DT  A OP1   1 
ATOM   60   O  OP2   . DT  A 1 4  ? 3.712   -11.998 11.727  1.00 30.81 ? 4    DT  A OP2   1 
ATOM   61   O  "O5'" . DT  A 1 4  ? 3.585   -10.510 9.699   1.00 25.00 ? 4    DT  A "O5'" 1 
ATOM   62   C  "C5'" . DT  A 1 4  ? 4.159   -9.660  8.704   1.00 26.41 ? 4    DT  A "C5'" 1 
ATOM   63   C  "C4'" . DT  A 1 4  ? 3.157   -9.344  7.614   1.00 24.73 ? 4    DT  A "C4'" 1 
ATOM   64   O  "O4'" . DT  A 1 4  ? 2.695   -10.531 6.950   1.00 22.84 ? 4    DT  A "O4'" 1 
ATOM   65   C  "C3'" . DT  A 1 4  ? 1.872   -8.704  8.108   1.00 23.97 ? 4    DT  A "C3'" 1 
ATOM   66   O  "O3'" . DT  A 1 4  ? 2.111   -7.321  8.397   1.00 26.30 ? 4    DT  A "O3'" 1 
ATOM   67   C  "C2'" . DT  A 1 4  ? 0.911   -8.939  6.974   1.00 19.51 ? 4    DT  A "C2'" 1 
ATOM   68   C  "C1'" . DT  A 1 4  ? 1.347   -10.310 6.500   1.00 21.29 ? 4    DT  A "C1'" 1 
ATOM   69   N  N1    . DT  A 1 4  ? 0.565   -11.447 7.030   1.00 18.76 ? 4    DT  A N1    1 
ATOM   70   C  C2    . DT  A 1 4  ? -0.533  -11.810 6.266   1.00 23.87 ? 4    DT  A C2    1 
ATOM   71   O  O2    . DT  A 1 4  ? -0.791  -11.204 5.240   1.00 22.25 ? 4    DT  A O2    1 
ATOM   72   N  N3    . DT  A 1 4  ? -1.273  -12.867 6.739   1.00 20.41 ? 4    DT  A N3    1 
ATOM   73   C  C4    . DT  A 1 4  ? -0.988  -13.564 7.894   1.00 19.94 ? 4    DT  A C4    1 
ATOM   74   O  O4    . DT  A 1 4  ? -1.697  -14.508 8.270   1.00 24.44 ? 4    DT  A O4    1 
ATOM   75   C  C5    . DT  A 1 4  ? 0.161   -13.144 8.649   1.00 19.97 ? 4    DT  A C5    1 
ATOM   76   C  C7    . DT  A 1 4  ? 0.441   -13.916 9.904   1.00 21.70 ? 4    DT  A C7    1 
ATOM   77   C  C6    . DT  A 1 4  ? 0.895   -12.114 8.196   1.00 20.85 ? 4    DT  A C6    1 
ATOM   78   P  P     . DG  A 1 5  ? 0.994   -6.471  9.185   1.00 24.76 ? 5    DG  A P     1 
ATOM   79   O  OP1   . DG  A 1 5  ? 1.632   -5.153  9.549   1.00 23.58 ? 5    DG  A OP1   1 
ATOM   80   O  OP2   . DG  A 1 5  ? 0.434   -7.313  10.275  1.00 27.06 ? 5    DG  A OP2   1 
ATOM   81   O  "O5'" . DG  A 1 5  ? -0.055  -6.255  7.999   1.00 23.02 ? 5    DG  A "O5'" 1 
ATOM   82   C  "C5'" . DG  A 1 5  ? -1.451  -6.152  8.298   1.00 23.97 ? 5    DG  A "C5'" 1 
ATOM   83   C  "C4'" . DG  A 1 5  ? -2.256  -6.384  7.052   1.00 20.60 ? 5    DG  A "C4'" 1 
ATOM   84   O  "O4'" . DG  A 1 5  ? -2.032  -7.712  6.517   1.00 22.79 ? 5    DG  A "O4'" 1 
ATOM   85   C  "C3'" . DG  A 1 5  ? -3.769  -6.323  7.245   1.00 22.68 ? 5    DG  A "C3'" 1 
ATOM   86   O  "O3'" . DG  A 1 5  ? -4.204  -4.986  7.292   1.00 23.64 ? 5    DG  A "O3'" 1 
ATOM   87   C  "C2'" . DG  A 1 5  ? -4.268  -7.065  6.036   1.00 21.35 ? 5    DG  A "C2'" 1 
ATOM   88   C  "C1'" . DG  A 1 5  ? -3.278  -8.221  6.026   1.00 23.51 ? 5    DG  A "C1'" 1 
ATOM   89   N  N9    . DG  A 1 5  ? -3.640  -9.372  6.882   1.00 22.41 ? 5    DG  A N9    1 
ATOM   90   C  C8    . DG  A 1 5  ? -2.916  -9.836  7.968   1.00 21.10 ? 5    DG  A C8    1 
ATOM   91   N  N7    . DG  A 1 5  ? -3.512  -10.881 8.516   1.00 20.44 ? 5    DG  A N7    1 
ATOM   92   C  C5    . DG  A 1 5  ? -4.661  -11.096 7.757   1.00 18.86 ? 5    DG  A C5    1 
ATOM   93   C  C6    . DG  A 1 5  ? -5.687  -12.066 7.865   1.00 17.16 ? 5    DG  A C6    1 
ATOM   94   O  O6    . DG  A 1 5  ? -5.823  -12.991 8.684   1.00 20.14 ? 5    DG  A O6    1 
ATOM   95   N  N1    . DG  A 1 5  ? -6.681  -11.928 6.883   1.00 20.94 ? 5    DG  A N1    1 
ATOM   96   C  C2    . DG  A 1 5  ? -6.643  -10.942 5.918   1.00 24.87 ? 5    DG  A C2    1 
ATOM   97   N  N2    . DG  A 1 5  ? -7.669  -10.940 5.043   1.00 24.19 ? 5    DG  A N2    1 
ATOM   98   N  N3    . DG  A 1 5  ? -5.690  -10.025 5.799   1.00 20.32 ? 5    DG  A N3    1 
ATOM   99   C  C4    . DG  A 1 5  ? -4.738  -10.164 6.749   1.00 19.52 ? 5    DG  A C4    1 
ATOM   100  P  P     . DT  A 1 6  ? -5.494  -4.513  8.115   1.00 25.93 ? 6    DT  A P     1 
ATOM   101  O  OP1   . DT  A 1 6  ? -5.586  -3.046  7.861   1.00 26.07 ? 6    DT  A OP1   1 
ATOM   102  O  OP2   . DT  A 1 6  ? -5.395  -5.006  9.512   1.00 26.48 ? 6    DT  A OP2   1 
ATOM   103  O  "O5'" . DT  A 1 6  ? -6.679  -5.271  7.376   1.00 20.93 ? 6    DT  A "O5'" 1 
ATOM   104  C  "C5'" . DT  A 1 6  ? -7.108  -4.839  6.076   1.00 21.50 ? 6    DT  A "C5'" 1 
ATOM   105  C  "C4'" . DT  A 1 6  ? -8.427  -5.487  5.702   1.00 23.19 ? 6    DT  A "C4'" 1 
ATOM   106  O  "O4'" . DT  A 1 6  ? -8.272  -6.902  5.530   1.00 22.56 ? 6    DT  A "O4'" 1 
ATOM   107  C  "C3'" . DT  A 1 6  ? -9.524  -5.353  6.753   1.00 23.38 ? 6    DT  A "C3'" 1 
ATOM   108  O  "O3'" . DT  A 1 6  ? -10.199 -4.097  6.652   1.00 27.49 ? 6    DT  A "O3'" 1 
ATOM   109  C  "C2'" . DT  A 1 6  ? -10.427 -6.524  6.453   1.00 24.47 ? 6    DT  A "C2'" 1 
ATOM   110  C  "C1'" . DT  A 1 6  ? -9.414  -7.578  6.025   1.00 26.61 ? 6    DT  A "C1'" 1 
ATOM   111  N  N1    . DT  A 1 6  ? -9.013  -8.453  7.153   1.00 22.22 ? 6    DT  A N1    1 
ATOM   112  C  C2    . DT  A 1 6  ? -9.854  -9.518  7.389   1.00 20.39 ? 6    DT  A C2    1 
ATOM   113  O  O2    . DT  A 1 6  ? -10.846 -9.705  6.712   1.00 23.41 ? 6    DT  A O2    1 
ATOM   114  N  N3    . DT  A 1 6  ? -9.478  -10.316 8.428   1.00 24.04 ? 6    DT  A N3    1 
ATOM   115  C  C4    . DT  A 1 6  ? -8.367  -10.153 9.237   1.00 17.53 ? 6    DT  A C4    1 
ATOM   116  O  O4    . DT  A 1 6  ? -8.202  -10.972 10.112  1.00 21.62 ? 6    DT  A O4    1 
ATOM   117  C  C5    . DT  A 1 6  ? -7.537  -9.025  8.934   1.00 21.46 ? 6    DT  A C5    1 
ATOM   118  C  C7    . DT  A 1 6  ? -6.320  -8.788  9.762   1.00 22.12 ? 6    DT  A C7    1 
ATOM   119  C  C6    . DT  A 1 6  ? -7.893  -8.233  7.910   1.00 28.96 ? 6    DT  A C6    1 
ATOM   120  P  P     . DG  A 1 7  ? -10.859 -3.486  8.003   1.00 31.02 ? 7    DG  A P     1 
ATOM   121  O  OP1   . DG  A 1 7  ? -11.182 -2.067  7.761   1.00 33.79 ? 7    DG  A OP1   1 
ATOM   122  O  OP2   . DG  A 1 7  ? -9.994  -3.841  9.149   1.00 28.85 ? 7    DG  A OP2   1 
ATOM   123  O  "O5'" . DG  A 1 7  ? -12.184 -4.383  8.097   1.00 32.64 ? 7    DG  A "O5'" 1 
ATOM   124  C  "C5'" . DG  A 1 7  ? -13.224 -4.216  7.131   1.00 31.07 ? 7    DG  A "C5'" 1 
ATOM   125  C  "C4'" . DG  A 1 7  ? -14.284 -5.255  7.366   1.00 28.10 ? 7    DG  A "C4'" 1 
ATOM   126  O  "O4'" . DG  A 1 7  ? -13.740 -6.579  7.188   1.00 25.94 ? 7    DG  A "O4'" 1 
ATOM   127  C  "C3'" . DG  A 1 7  ? -14.872 -5.306  8.774   1.00 37.16 ? 7    DG  A "C3'" 1 
ATOM   128  O  "O3'" . DG  A 1 7  ? -15.830 -4.279  8.967   1.00 37.50 ? 7    DG  A "O3'" 1 
ATOM   129  C  "C2'" . DG  A 1 7  ? -15.471 -6.691  8.815   1.00 28.68 ? 7    DG  A "C2'" 1 
ATOM   130  C  "C1'" . DG  A 1 7  ? -14.417 -7.488  8.034   1.00 30.70 ? 7    DG  A "C1'" 1 
ATOM   131  N  N9    . DG  A 1 7  ? -13.537 -8.143  9.011   1.00 28.39 ? 7    DG  A N9    1 
ATOM   132  C  C8    . DG  A 1 7  ? -12.329 -7.741  9.544   1.00 21.86 ? 7    DG  A C8    1 
ATOM   133  N  N7    . DG  A 1 7  ? -11.835 -8.590  10.394  1.00 25.46 ? 7    DG  A N7    1 
ATOM   134  C  C5    . DG  A 1 7  ? -12.762 -9.619  10.438  1.00 24.99 ? 7    DG  A C5    1 
ATOM   135  C  C6    . DG  A 1 7  ? -12.784 -10.823 11.176  1.00 25.29 ? 7    DG  A C6    1 
ATOM   136  O  O6    . DG  A 1 7  ? -11.973 -11.271 11.982  1.00 24.11 ? 7    DG  A O6    1 
ATOM   137  N  N1    . DG  A 1 7  ? -13.917 -11.580 10.918  1.00 27.15 ? 7    DG  A N1    1 
ATOM   138  C  C2    . DG  A 1 7  ? -14.916 -11.235 10.056  1.00 26.20 ? 7    DG  A C2    1 
ATOM   139  N  N2    . DG  A 1 7  ? -15.908 -12.136 9.977   1.00 26.89 ? 7    DG  A N2    1 
ATOM   140  N  N3    . DG  A 1 7  ? -14.916 -10.121 9.358   1.00 29.48 ? 7    DG  A N3    1 
ATOM   141  C  C4    . DG  A 1 7  ? -13.819 -9.366  9.596   1.00 27.40 ? 7    DG  A C4    1 
ATOM   142  P  P     . DG  A 1 8  ? -16.522 -3.989  10.383  1.00 38.40 ? 8    DG  A P     1 
ATOM   143  O  OP1   . DG  A 1 8  ? -17.269 -2.705  10.233  1.00 41.54 ? 8    DG  A OP1   1 
ATOM   144  O  OP2   . DG  A 1 8  ? -15.484 -4.023  11.440  1.00 40.20 ? 8    DG  A OP2   1 
ATOM   145  O  "O5'" . DG  A 1 8  ? -17.507 -5.220  10.572  1.00 35.13 ? 8    DG  A "O5'" 1 
ATOM   146  C  "C5'" . DG  A 1 8  ? -17.665 -5.737  11.906  1.00 39.86 ? 8    DG  A "C5'" 1 
ATOM   147  C  "C4'" . DG  A 1 8  ? -18.280 -7.102  11.779  1.00 42.05 ? 8    DG  A "C4'" 1 
ATOM   148  O  "O4'" . DG  A 1 8  ? -17.284 -8.052  11.341  1.00 36.55 ? 8    DG  A "O4'" 1 
ATOM   149  C  "C3'" . DG  A 1 8  ? -18.840 -7.694  13.075  1.00 42.44 ? 8    DG  A "C3'" 1 
ATOM   150  O  "O3'" . DG  A 1 8  ? -20.117 -7.119  13.348  1.00 49.00 ? 8    DG  A "O3'" 1 
ATOM   151  C  "C2'" . DG  A 1 8  ? -18.831 -9.160  12.744  1.00 45.46 ? 8    DG  A "C2'" 1 
ATOM   152  C  "C1'" . DG  A 1 8  ? -17.561 -9.316  11.913  1.00 35.54 ? 8    DG  A "C1'" 1 
ATOM   153  N  N9    . DG  A 1 8  ? -16.375 -9.688  12.692  1.00 30.95 ? 8    DG  A N9    1 
ATOM   154  C  C8    . DG  A 1 8  ? -15.197 -9.000  12.867  1.00 28.24 ? 8    DG  A C8    1 
ATOM   155  N  N7    . DG  A 1 8  ? -14.337 -9.613  13.627  1.00 33.48 ? 8    DG  A N7    1 
ATOM   156  C  C5    . DG  A 1 8  ? -14.987 -10.789 13.983  1.00 27.58 ? 8    DG  A C5    1 
ATOM   157  C  C6    . DG  A 1 8  ? -14.563 -11.866 14.797  1.00 31.42 ? 8    DG  A C6    1 
ATOM   158  O  O6    . DG  A 1 8  ? -13.492 -12.018 15.397  1.00 39.62 ? 8    DG  A O6    1 
ATOM   159  N  N1    . DG  A 1 8  ? -15.546 -12.847 14.883  1.00 31.94 ? 8    DG  A N1    1 
ATOM   160  C  C2    . DG  A 1 8  ? -16.772 -12.801 14.270  1.00 39.03 ? 8    DG  A C2    1 
ATOM   161  N  N2    . DG  A 1 8  ? -17.602 -13.833 14.459  1.00 42.34 ? 8    DG  A N2    1 
ATOM   162  N  N3    . DG  A 1 8  ? -17.187 -11.804 13.505  1.00 36.74 ? 8    DG  A N3    1 
ATOM   163  C  C4    . DG  A 1 8  ? -16.235 -10.849 13.418  1.00 29.95 ? 8    DG  A C4    1 
ATOM   164  P  P     . DT  A 1 9  ? -20.766 -7.067  14.840  1.00 45.46 ? 9    DT  A P     1 
ATOM   165  O  OP1   . DT  A 1 9  ? -21.984 -6.197  14.726  1.00 48.14 ? 9    DT  A OP1   1 
ATOM   166  O  OP2   . DT  A 1 9  ? -19.703 -6.618  15.760  1.00 34.29 ? 9    DT  A OP2   1 
ATOM   167  O  "O5'" . DT  A 1 9  ? -21.095 -8.593  15.065  1.00 36.00 ? 9    DT  A "O5'" 1 
ATOM   168  C  "C5'" . DT  A 1 9  ? -22.154 -9.318  14.437  1.00 35.01 ? 9    DT  A "C5'" 1 
ATOM   169  C  "C4'" . DT  A 1 9  ? -22.230 -10.654 15.130  1.00 45.29 ? 9    DT  A "C4'" 1 
ATOM   170  O  "O4'" . DT  A 1 9  ? -20.992 -11.374 14.883  1.00 43.60 ? 9    DT  A "O4'" 1 
ATOM   171  C  "C3'" . DT  A 1 9  ? -22.357 -10.648 16.651  1.00 40.18 ? 9    DT  A "C3'" 1 
ATOM   172  O  "O3'" . DT  A 1 9  ? -23.685 -10.455 17.130  1.00 58.65 ? 9    DT  A "O3'" 1 
ATOM   173  C  "C2'" . DT  A 1 9  ? -21.838 -12.028 17.003  1.00 34.72 ? 9    DT  A "C2'" 1 
ATOM   174  C  "C1'" . DT  A 1 9  ? -20.724 -12.221 15.996  1.00 35.05 ? 9    DT  A "C1'" 1 
ATOM   175  N  N1    . DT  A 1 9  ? -19.380 -11.845 16.481  1.00 33.16 ? 9    DT  A N1    1 
ATOM   176  C  C2    . DT  A 1 9  ? -18.725 -12.876 17.127  1.00 32.25 ? 9    DT  A C2    1 
ATOM   177  O  O2    . DT  A 1 9  ? -19.299 -13.950 17.232  1.00 42.30 ? 9    DT  A O2    1 
ATOM   178  N  N3    . DT  A 1 9  ? -17.483 -12.571 17.591  1.00 29.27 ? 9    DT  A N3    1 
ATOM   179  C  C4    . DT  A 1 9  ? -16.836 -11.363 17.474  1.00 28.59 ? 9    DT  A C4    1 
ATOM   180  O  O4    . DT  A 1 9  ? -15.710 -11.232 17.942  1.00 29.40 ? 9    DT  A O4    1 
ATOM   181  C  C5    . DT  A 1 9  ? -17.580 -10.327 16.784  1.00 37.31 ? 9    DT  A C5    1 
ATOM   182  C  C7    . DT  A 1 9  ? -16.895 -9.002  16.644  1.00 34.48 ? 9    DT  A C7    1 
ATOM   183  C  C6    . DT  A 1 9  ? -18.811 -10.607 16.321  1.00 31.62 ? 9    DT  A C6    1 
ATOM   184  P  P     . DC  A 1 10 ? -24.040 -10.193 18.679  1.00 57.57 ? 10   DC  A P     1 
ATOM   185  O  OP1   . DC  A 1 10 ? -25.525 -10.059 18.769  1.00 71.97 ? 10   DC  A OP1   1 
ATOM   186  O  OP2   . DC  A 1 10 ? -23.175 -9.077  19.138  1.00 47.16 ? 10   DC  A OP2   1 
ATOM   187  O  "O5'" . DC  A 1 10 ? -23.621 -11.553 19.422  1.00 55.17 ? 10   DC  A "O5'" 1 
ATOM   188  C  "C5'" . DC  A 1 10 ? -24.303 -12.761 19.052  1.00 47.85 ? 10   DC  A "C5'" 1 
ATOM   189  C  "C4'" . DC  A 1 10 ? -23.822 -13.898 19.915  1.00 50.25 ? 10   DC  A "C4'" 1 
ATOM   190  O  "O4'" . DC  A 1 10 ? -22.418 -14.107 19.654  1.00 53.44 ? 10   DC  A "O4'" 1 
ATOM   191  C  "C3'" . DC  A 1 10 ? -23.925 -13.672 21.412  1.00 52.18 ? 10   DC  A "C3'" 1 
ATOM   192  O  "O3'" . DC  A 1 10 ? -25.148 -14.205 21.936  1.00 59.02 ? 10   DC  A "O3'" 1 
ATOM   193  C  "C2'" . DC  A 1 10 ? -22.744 -14.386 22.001  1.00 47.51 ? 10   DC  A "C2'" 1 
ATOM   194  C  "C1'" . DC  A 1 10 ? -21.795 -14.577 20.836  1.00 46.08 ? 10   DC  A "C1'" 1 
ATOM   195  N  N1    . DC  A 1 10 ? -20.553 -13.805 20.989  1.00 35.49 ? 10   DC  A N1    1 
ATOM   196  C  C2    . DC  A 1 10 ? -19.514 -14.455 21.669  1.00 37.35 ? 10   DC  A C2    1 
ATOM   197  O  O2    . DC  A 1 10 ? -19.773 -15.608 22.062  1.00 40.14 ? 10   DC  A O2    1 
ATOM   198  N  N3    . DC  A 1 10 ? -18.349 -13.802 21.840  1.00 36.55 ? 10   DC  A N3    1 
ATOM   199  C  C4    . DC  A 1 10 ? -18.198 -12.558 21.369  1.00 37.00 ? 10   DC  A C4    1 
ATOM   200  N  N4    . DC  A 1 10 ? -17.015 -11.962 21.572  1.00 39.18 ? 10   DC  A N4    1 
ATOM   201  C  C5    . DC  A 1 10 ? -19.234 -11.880 20.674  1.00 33.34 ? 10   DC  A C5    1 
ATOM   202  C  C6    . DC  A 1 10 ? -20.395 -12.541 20.507  1.00 32.24 ? 10   DC  A C6    1 
ATOM   203  O  "O5'" . DA  B 1 1  ? -2.866  3.291   21.688  1.00 84.41 ? 1    DA  B "O5'" 1 
ATOM   204  C  "C5'" . DA  B 1 1  ? -2.650  3.764   23.022  1.00 71.19 ? 1    DA  B "C5'" 1 
ATOM   205  C  "C4'" . DA  B 1 1  ? -1.413  4.635   23.091  1.00 65.44 ? 1    DA  B "C4'" 1 
ATOM   206  O  "O4'" . DA  B 1 1  ? -0.274  3.824   23.464  1.00 59.51 ? 1    DA  B "O4'" 1 
ATOM   207  C  "C3'" . DA  B 1 1  ? -1.041  5.308   21.786  1.00 54.48 ? 1    DA  B "C3'" 1 
ATOM   208  O  "O3'" . DA  B 1 1  ? -1.145  6.737   21.871  1.00 60.56 ? 1    DA  B "O3'" 1 
ATOM   209  C  "C2'" . DA  B 1 1  ? 0.393   4.968   21.494  1.00 56.80 ? 1    DA  B "C2'" 1 
ATOM   210  C  "C1'" . DA  B 1 1  ? 0.676   3.804   22.411  1.00 60.44 ? 1    DA  B "C1'" 1 
ATOM   211  N  N9    . DA  B 1 1  ? 0.546   2.516   21.708  1.00 55.05 ? 1    DA  B N9    1 
ATOM   212  C  C8    . DA  B 1 1  ? -0.501  1.642   21.672  1.00 55.09 ? 1    DA  B C8    1 
ATOM   213  N  N7    . DA  B 1 1  ? -0.277  0.576   20.935  1.00 51.03 ? 1    DA  B N7    1 
ATOM   214  C  C5    . DA  B 1 1  ? 1.010   0.778   20.460  1.00 38.21 ? 1    DA  B C5    1 
ATOM   215  C  C6    . DA  B 1 1  ? 1.841   0.021   19.629  1.00 39.49 ? 1    DA  B C6    1 
ATOM   216  N  N6    . DA  B 1 1  ? 1.490   -1.150  19.096  1.00 53.24 ? 1    DA  B N6    1 
ATOM   217  N  N1    . DA  B 1 1  ? 3.066   0.531   19.366  1.00 37.84 ? 1    DA  B N1    1 
ATOM   218  C  C2    . DA  B 1 1  ? 3.427   1.696   19.890  1.00 40.00 ? 1    DA  B C2    1 
ATOM   219  N  N3    . DA  B 1 1  ? 2.737   2.506   20.689  1.00 45.02 ? 1    DA  B N3    1 
ATOM   220  C  C4    . DA  B 1 1  ? 1.530   1.967   20.924  1.00 41.44 ? 1    DA  B C4    1 
ATOM   221  P  P     . DT  B 1 2  ? -1.564  7.440   20.477  1.00 59.99 ? 2    DT  B P     1 
ATOM   222  O  OP1   . DT  B 1 2  ? -2.065  8.805   20.784  1.00 75.73 ? 2    DT  B OP1   1 
ATOM   223  O  OP2   . DT  B 1 2  ? -2.494  6.446   19.838  1.00 46.15 ? 2    DT  B OP2   1 
ATOM   224  O  "O5'" . DT  B 1 2  ? -0.199  7.523   19.682  1.00 45.88 ? 2    DT  B "O5'" 1 
ATOM   225  C  "C5'" . DT  B 1 2  ? 1.053   8.001   20.178  1.00 42.94 ? 2    DT  B "C5'" 1 
ATOM   226  C  "C4'" . DT  B 1 2  ? 2.059   7.768   19.066  1.00 52.22 ? 2    DT  B "C4'" 1 
ATOM   227  O  "O4'" . DT  B 1 2  ? 2.329   6.354   18.977  1.00 51.87 ? 2    DT  B "O4'" 1 
ATOM   228  C  "C3'" . DT  B 1 2  ? 1.570   8.246   17.711  1.00 59.88 ? 2    DT  B "C3'" 1 
ATOM   229  O  "O3'" . DT  B 1 2  ? 2.405   9.235   17.087  1.00 60.96 ? 2    DT  B "O3'" 1 
ATOM   230  C  "C2'" . DT  B 1 2  ? 1.553   7.002   16.852  1.00 59.22 ? 2    DT  B "C2'" 1 
ATOM   231  C  "C1'" . DT  B 1 2  ? 2.416   6.002   17.614  1.00 55.51 ? 2    DT  B "C1'" 1 
ATOM   232  N  N1    . DT  B 1 2  ? 1.933   4.633   17.350  1.00 43.66 ? 2    DT  B N1    1 
ATOM   233  C  C2    . DT  B 1 2  ? 2.841   3.785   16.744  1.00 40.07 ? 2    DT  B C2    1 
ATOM   234  O  O2    . DT  B 1 2  ? 3.976   4.131   16.446  1.00 38.78 ? 2    DT  B O2    1 
ATOM   235  N  N3    . DT  B 1 2  ? 2.380   2.524   16.499  1.00 33.53 ? 2    DT  B N3    1 
ATOM   236  C  C4    . DT  B 1 2  ? 1.129   2.022   16.790  1.00 31.36 ? 2    DT  B C4    1 
ATOM   237  O  O4    . DT  B 1 2  ? 0.927   0.850   16.485  1.00 37.91 ? 2    DT  B O4    1 
ATOM   238  C  C5    . DT  B 1 2  ? 0.233   2.955   17.416  1.00 38.46 ? 2    DT  B C5    1 
ATOM   239  C  C7    . DT  B 1 2  ? -1.151  2.510   17.770  1.00 50.77 ? 2    DT  B C7    1 
ATOM   240  C  C6    . DT  B 1 2  ? 0.673   4.200   17.661  1.00 42.72 ? 2    DT  B C6    1 
ATOM   241  P  P     . DC  B 1 3  ? 1.747   10.146  15.922  1.00 63.09 ? 3    DC  B P     1 
ATOM   242  O  OP1   . DC  B 1 3  ? 1.642   11.532  16.427  1.00 79.17 ? 3    DC  B OP1   1 
ATOM   243  O  OP2   . DC  B 1 3  ? 0.523   9.452   15.431  1.00 65.52 ? 3    DC  B OP2   1 
ATOM   244  O  "O5'" . DC  B 1 3  ? 2.867   10.056  14.772  1.00 66.24 ? 3    DC  B "O5'" 1 
ATOM   245  C  "C5'" . DC  B 1 3  ? 2.851   8.893   13.937  1.00 45.97 ? 3    DC  B "C5'" 1 
ATOM   246  C  "C4'" . DC  B 1 3  ? 4.184   8.651   13.277  1.00 46.17 ? 3    DC  B "C4'" 1 
ATOM   247  O  "O4'" . DC  B 1 3  ? 4.793   7.480   13.884  1.00 37.55 ? 3    DC  B "O4'" 1 
ATOM   248  C  "C3'" . DC  B 1 3  ? 4.127   8.374   11.784  1.00 27.44 ? 3    DC  B "C3'" 1 
ATOM   249  O  "O3'" . DC  B 1 3  ? 4.438   9.512   10.972  1.00 36.25 ? 3    DC  B "O3'" 1 
ATOM   250  C  "C2'" . DC  B 1 3  ? 5.173   7.319   11.587  1.00 27.16 ? 3    DC  B "C2'" 1 
ATOM   251  C  "C1'" . DC  B 1 3  ? 5.087   6.520   12.874  1.00 37.69 ? 3    DC  B "C1'" 1 
ATOM   252  N  N1    . DC  B 1 3  ? 4.037   5.488   12.898  1.00 30.67 ? 3    DC  B N1    1 
ATOM   253  C  C2    . DC  B 1 3  ? 4.300   4.268   12.274  1.00 24.50 ? 3    DC  B C2    1 
ATOM   254  O  O2    . DC  B 1 3  ? 5.389   4.101   11.734  1.00 29.65 ? 3    DC  B O2    1 
ATOM   255  N  N3    . DC  B 1 3  ? 3.344   3.306   12.281  1.00 23.72 ? 3    DC  B N3    1 
ATOM   256  C  C4    . DC  B 1 3  ? 2.175   3.499   12.866  1.00 27.44 ? 3    DC  B C4    1 
ATOM   257  N  N4    . DC  B 1 3  ? 1.269   2.515   12.848  1.00 25.87 ? 3    DC  B N4    1 
ATOM   258  C  C5    . DC  B 1 3  ? 1.873   4.736   13.514  1.00 34.23 ? 3    DC  B C5    1 
ATOM   259  C  C6    . DC  B 1 3  ? 2.829   5.674   13.494  1.00 30.73 ? 3    DC  B C6    1 
ATOM   260  P  P     . DT  B 1 4  ? 3.860   9.637   9.466   1.00 37.18 ? 4    DT  B P     1 
ATOM   261  O  OP1   . DT  B 1 4  ? 4.321   10.991  8.997   1.00 47.25 ? 4    DT  B OP1   1 
ATOM   262  O  OP2   . DT  B 1 4  ? 2.427   9.312   9.463   1.00 28.07 ? 4    DT  B OP2   1 
ATOM   263  O  "O5'" . DT  B 1 4  ? 4.626   8.542   8.604   1.00 32.70 ? 4    DT  B "O5'" 1 
ATOM   264  C  "C5'" . DT  B 1 4  ? 6.019   8.651   8.321   1.00 33.76 ? 4    DT  B "C5'" 1 
ATOM   265  C  "C4'" . DT  B 1 4  ? 6.427   7.488   7.459   1.00 37.50 ? 4    DT  B "C4'" 1 
ATOM   266  O  "O4'" . DT  B 1 4  ? 6.399   6.224   8.171   1.00 38.75 ? 4    DT  B "O4'" 1 
ATOM   267  C  "C3'" . DT  B 1 4  ? 5.503   7.249   6.269   1.00 30.33 ? 4    DT  B "C3'" 1 
ATOM   268  O  "O3'" . DT  B 1 4  ? 5.708   8.216   5.248   1.00 29.37 ? 4    DT  B "O3'" 1 
ATOM   269  C  "C2'" . DT  B 1 4  ? 5.920   5.853   5.894   1.00 25.27 ? 4    DT  B "C2'" 1 
ATOM   270  C  "C1'" . DT  B 1 4  ? 6.016   5.194   7.272   1.00 26.34 ? 4    DT  B "C1'" 1 
ATOM   271  N  N1    . DT  B 1 4  ? 4.745   4.622   7.705   1.00 24.07 ? 4    DT  B N1    1 
ATOM   272  C  C2    . DT  B 1 4  ? 4.439   3.344   7.269   1.00 24.70 ? 4    DT  B C2    1 
ATOM   273  O  O2    . DT  B 1 4  ? 5.219   2.739   6.562   1.00 25.85 ? 4    DT  B O2    1 
ATOM   274  N  N3    . DT  B 1 4  ? 3.238   2.841   7.695   1.00 25.11 ? 4    DT  B N3    1 
ATOM   275  C  C4    . DT  B 1 4  ? 2.313   3.479   8.500   1.00 23.81 ? 4    DT  B C4    1 
ATOM   276  O  O4    . DT  B 1 4  ? 1.262   2.931   8.820   1.00 28.09 ? 4    DT  B O4    1 
ATOM   277  C  C5    . DT  B 1 4  ? 2.682   4.810   8.919   1.00 21.77 ? 4    DT  B C5    1 
ATOM   278  C  C7    . DT  B 1 4  ? 1.715   5.554   9.796   1.00 33.99 ? 4    DT  B C7    1 
ATOM   279  C  C6    . DT  B 1 4  ? 3.854   5.316   8.511   1.00 25.20 ? 4    DT  B C6    1 
ATOM   280  P  P     . DG  B 1 5  ? 4.665   8.523   4.087   1.00 28.32 ? 5    DG  B P     1 
ATOM   281  O  OP1   . DG  B 1 5  ? 5.253   9.615   3.223   1.00 24.69 ? 5    DG  B OP1   1 
ATOM   282  O  OP2   . DG  B 1 5  ? 3.317   8.633   4.679   1.00 26.02 ? 5    DG  B OP2   1 
ATOM   283  O  "O5'" . DG  B 1 5  ? 4.636   7.183   3.176   1.00 22.38 ? 5    DG  B "O5'" 1 
ATOM   284  C  "C5'" . DG  B 1 5  ? 5.798   6.877   2.395   1.00 20.86 ? 5    DG  B "C5'" 1 
ATOM   285  C  "C4'" . DG  B 1 5  ? 5.661   5.491   1.806   1.00 18.57 ? 5    DG  B "C4'" 1 
ATOM   286  O  "O4'" . DG  B 1 5  ? 5.605   4.504   2.896   1.00 23.32 ? 5    DG  B "O4'" 1 
ATOM   287  C  "C3'" . DG  B 1 5  ? 4.421   5.181   0.997   1.00 20.42 ? 5    DG  B "C3'" 1 
ATOM   288  O  "O3'" . DG  B 1 5  ? 4.499   5.666   -0.328  1.00 21.05 ? 5    DG  B "O3'" 1 
ATOM   289  C  "C2'" . DG  B 1 5  ? 4.416   3.670   1.025   1.00 19.49 ? 5    DG  B "C2'" 1 
ATOM   290  C  "C1'" . DG  B 1 5  ? 4.784   3.432   2.479   1.00 22.80 ? 5    DG  B "C1'" 1 
ATOM   291  N  N9    . DG  B 1 5  ? 3.575   3.387   3.306   1.00 23.45 ? 5    DG  B N9    1 
ATOM   292  C  C8    . DG  B 1 5  ? 3.044   4.309   4.180   1.00 20.42 ? 5    DG  B C8    1 
ATOM   293  N  N7    . DG  B 1 5  ? 1.925   3.894   4.739   1.00 23.41 ? 5    DG  B N7    1 
ATOM   294  C  C5    . DG  B 1 5  ? 1.714   2.613   4.189   1.00 21.93 ? 5    DG  B C5    1 
ATOM   295  C  C6    . DG  B 1 5  ? 0.696   1.643   4.375   1.00 26.20 ? 5    DG  B C6    1 
ATOM   296  O  O6    . DG  B 1 5  ? -0.309  1.648   5.084   1.00 23.39 ? 5    DG  B O6    1 
ATOM   297  N  N1    . DG  B 1 5  ? 0.889   0.489   3.608   1.00 20.97 ? 5    DG  B N1    1 
ATOM   298  C  C2    . DG  B 1 5  ? 1.943   0.290   2.758   1.00 26.63 ? 5    DG  B C2    1 
ATOM   299  N  N2    . DG  B 1 5  ? 1.967   -0.880  2.102   1.00 21.19 ? 5    DG  B N2    1 
ATOM   300  N  N3    . DG  B 1 5  ? 2.913   1.178   2.564   1.00 19.80 ? 5    DG  B N3    1 
ATOM   301  C  C4    . DG  B 1 5  ? 2.713   2.290   3.311   1.00 23.50 ? 5    DG  B C4    1 
ATOM   302  P  P     . DT  B 1 6  ? 3.278   5.708   -1.341  1.00 23.03 ? 6    DT  B P     1 
ATOM   303  O  OP1   . DT  B 1 6  ? 3.812   6.349   -2.576  1.00 21.39 ? 6    DT  B OP1   1 
ATOM   304  O  OP2   . DT  B 1 6  ? 2.082   6.331   -0.692  1.00 20.92 ? 6    DT  B OP2   1 
ATOM   305  O  "O5'" . DT  B 1 6  ? 2.879   4.182   -1.634  1.00 22.12 ? 6    DT  B "O5'" 1 
ATOM   306  C  "C5'" . DT  B 1 6  ? 3.824   3.320   -2.284  1.00 19.81 ? 6    DT  B "C5'" 1 
ATOM   307  C  "C4'" . DT  B 1 6  ? 3.273   1.927   -2.458  1.00 18.79 ? 6    DT  B "C4'" 1 
ATOM   308  O  "O4'" . DT  B 1 6  ? 2.959   1.339   -1.165  1.00 23.21 ? 6    DT  B "O4'" 1 
ATOM   309  C  "C3'" . DT  B 1 6  ? 1.973   1.827   -3.237  1.00 19.89 ? 6    DT  B "C3'" 1 
ATOM   310  O  "O3'" . DT  B 1 6  ? 2.234   1.894   -4.639  1.00 23.12 ? 6    DT  B "O3'" 1 
ATOM   311  C  "C2'" . DT  B 1 6  ? 1.420   0.500   -2.778  1.00 21.12 ? 6    DT  B "C2'" 1 
ATOM   312  C  "C1'" . DT  B 1 6  ? 1.815   0.473   -1.318  1.00 22.77 ? 6    DT  B "C1'" 1 
ATOM   313  N  N1    . DT  B 1 6  ? 0.790   0.962   -0.384  1.00 20.65 ? 6    DT  B N1    1 
ATOM   314  C  C2    . DT  B 1 6  ? -0.232  0.091   -0.071  1.00 19.98 ? 6    DT  B C2    1 
ATOM   315  O  O2    . DT  B 1 6  ? -0.235  -1.021  -0.575  1.00 22.32 ? 6    DT  B O2    1 
ATOM   316  N  N3    . DT  B 1 6  ? -1.195  0.528   0.800   1.00 19.58 ? 6    DT  B N3    1 
ATOM   317  C  C4    . DT  B 1 6  ? -1.215  1.773   1.385   1.00 24.16 ? 6    DT  B C4    1 
ATOM   318  O  O4    . DT  B 1 6  ? -2.131  2.066   2.159   1.00 24.16 ? 6    DT  B O4    1 
ATOM   319  C  C5    . DT  B 1 6  ? -0.123  2.636   1.022   1.00 21.31 ? 6    DT  B C5    1 
ATOM   320  C  C7    . DT  B 1 6  ? -0.111  4.016   1.646   1.00 27.05 ? 6    DT  B C7    1 
ATOM   321  C  C6    . DT  B 1 6  ? 0.835   2.229   0.167   1.00 24.16 ? 6    DT  B C6    1 
ATOM   322  P  P     . DG  B 1 7  ? 1.126   2.467   -5.663  1.00 26.61 ? 7    DG  B P     1 
ATOM   323  O  OP1   . DG  B 1 7  ? 1.774   2.426   -7.002  1.00 26.71 ? 7    DG  B OP1   1 
ATOM   324  O  OP2   . DG  B 1 7  ? 0.557   3.708   -5.100  1.00 26.51 ? 7    DG  B OP2   1 
ATOM   325  O  "O5'" . DG  B 1 7  ? -0.024  1.342   -5.627  1.00 25.50 ? 7    DG  B "O5'" 1 
ATOM   326  C  "C5'" . DG  B 1 7  ? 0.310   0.123   -6.313  1.00 24.39 ? 7    DG  B "C5'" 1 
ATOM   327  C  "C4'" . DG  B 1 7  ? -0.744  -0.929  -6.147  1.00 27.17 ? 7    DG  B "C4'" 1 
ATOM   328  O  "O4'" . DG  B 1 7  ? -0.852  -1.310  -4.738  1.00 27.17 ? 7    DG  B "O4'" 1 
ATOM   329  C  "C3'" . DG  B 1 7  ? -2.167  -0.538  -6.524  1.00 31.55 ? 7    DG  B "C3'" 1 
ATOM   330  O  "O3'" . DG  B 1 7  ? -2.351  -0.498  -7.931  1.00 34.51 ? 7    DG  B "O3'" 1 
ATOM   331  C  "C2'" . DG  B 1 7  ? -2.948  -1.639  -5.825  1.00 27.02 ? 7    DG  B "C2'" 1 
ATOM   332  C  "C1'" . DG  B 1 7  ? -2.190  -1.714  -4.487  1.00 28.62 ? 7    DG  B "C1'" 1 
ATOM   333  N  N9    . DG  B 1 7  ? -2.820  -0.843  -3.510  1.00 26.54 ? 7    DG  B N9    1 
ATOM   334  C  C8    . DG  B 1 7  ? -2.467  0.419   -3.115  1.00 23.82 ? 7    DG  B C8    1 
ATOM   335  N  N7    . DG  B 1 7  ? -3.253  0.920   -2.212  1.00 23.88 ? 7    DG  B N7    1 
ATOM   336  C  C5    . DG  B 1 7  ? -4.206  -0.070  -1.979  1.00 23.67 ? 7    DG  B C5    1 
ATOM   337  C  C6    . DG  B 1 7  ? -5.319  -0.112  -1.109  1.00 24.33 ? 7    DG  B C6    1 
ATOM   338  O  O6    . DG  B 1 7  ? -5.755  0.733   -0.301  1.00 25.60 ? 7    DG  B O6    1 
ATOM   339  N  N1    . DG  B 1 7  ? -5.997  -1.327  -1.219  1.00 24.03 ? 7    DG  B N1    1 
ATOM   340  C  C2    . DG  B 1 7  ? -5.646  -2.346  -2.049  1.00 25.87 ? 7    DG  B C2    1 
ATOM   341  N  N2    . DG  B 1 7  ? -6.426  -3.444  -2.012  1.00 29.17 ? 7    DG  B N2    1 
ATOM   342  N  N3    . DG  B 1 7  ? -4.602  -2.316  -2.871  1.00 25.54 ? 7    DG  B N3    1 
ATOM   343  C  C4    . DG  B 1 7  ? -3.947  -1.159  -2.775  1.00 23.57 ? 7    DG  B C4    1 
ATOM   344  P  P     . DG  B 1 8  ? -3.623  0.202   -8.623  1.00 35.04 ? 8    DG  B P     1 
ATOM   345  O  OP1   . DG  B 1 8  ? -3.464  -0.004  -10.093 1.00 42.59 ? 8    DG  B OP1   1 
ATOM   346  O  OP2   . DG  B 1 8  ? -3.804  1.548   -8.059  1.00 31.50 ? 8    DG  B OP2   1 
ATOM   347  O  "O5'" . DG  B 1 8  ? -4.883  -0.648  -8.097  1.00 31.86 ? 8    DG  B "O5'" 1 
ATOM   348  C  "C5'" . DG  B 1 8  ? -5.242  -1.899  -8.673  1.00 34.02 ? 8    DG  B "C5'" 1 
ATOM   349  C  "C4'" . DG  B 1 8  ? -6.275  -2.550  -7.806  1.00 38.63 ? 8    DG  B "C4'" 1 
ATOM   350  O  "O4'" . DG  B 1 8  ? -6.022  -2.339  -6.396  1.00 43.02 ? 8    DG  B "O4'" 1 
ATOM   351  C  "C3'" . DG  B 1 8  ? -7.698  -2.005  -7.929  1.00 41.84 ? 8    DG  B "C3'" 1 
ATOM   352  O  "O3'" . DG  B 1 8  ? -8.236  -2.345  -9.195  1.00 43.35 ? 8    DG  B "O3'" 1 
ATOM   353  C  "C2'" . DG  B 1 8  ? -8.354  -2.679  -6.761  1.00 35.69 ? 8    DG  B "C2'" 1 
ATOM   354  C  "C1'" . DG  B 1 8  ? -7.236  -2.566  -5.718  1.00 38.97 ? 8    DG  B "C1'" 1 
ATOM   355  N  N9    . DG  B 1 8  ? -7.474  -1.440  -4.823  1.00 29.70 ? 8    DG  B N9    1 
ATOM   356  C  C8    . DG  B 1 8  ? -6.754  -0.281  -4.699  1.00 29.55 ? 8    DG  B C8    1 
ATOM   357  N  N7    . DG  B 1 8  ? -7.253  0.515   -3.792  1.00 27.91 ? 8    DG  B N7    1 
ATOM   358  C  C5    . DG  B 1 8  ? -8.363  -0.172  -3.298  1.00 25.08 ? 8    DG  B C5    1 
ATOM   359  C  C6    . DG  B 1 8  ? -9.301  0.185   -2.299  1.00 23.10 ? 8    DG  B C6    1 
ATOM   360  O  O6    . DG  B 1 8  ? -9.351  1.208   -1.623  1.00 28.30 ? 8    DG  B O6    1 
ATOM   361  N  N1    . DG  B 1 8  ? -10.261 -0.820  -2.129  1.00 28.11 ? 8    DG  B N1    1 
ATOM   362  C  C2    . DG  B 1 8  ? -10.295 -1.991  -2.827  1.00 21.78 ? 8    DG  B C2    1 
ATOM   363  N  N2    . DG  B 1 8  ? -11.284 -2.869  -2.554  1.00 31.77 ? 8    DG  B N2    1 
ATOM   364  N  N3    . DG  B 1 8  ? -9.431  -2.348  -3.765  1.00 32.45 ? 8    DG  B N3    1 
ATOM   365  C  C4    . DG  B 1 8  ? -8.506  -1.372  -3.924  1.00 26.15 ? 8    DG  B C4    1 
ATOM   366  P  P     . DT  B 1 9  ? -9.513  -1.604  -9.806  1.00 42.72 ? 9    DT  B P     1 
ATOM   367  O  OP1   . DT  B 1 9  ? -9.614  -2.120  -11.214 1.00 46.03 ? 9    DT  B OP1   1 
ATOM   368  O  OP2   . DT  B 1 9  ? -9.412  -0.157  -9.517  1.00 35.30 ? 9    DT  B OP2   1 
ATOM   369  O  "O5'" . DT  B 1 9  ? -10.728 -2.222  -8.961  1.00 37.04 ? 9    DT  B "O5'" 1 
ATOM   370  C  "C5'" . DT  B 1 9  ? -11.087 -3.602  -9.156  1.00 30.01 ? 9    DT  B "C5'" 1 
ATOM   371  C  "C4'" . DT  B 1 9  ? -12.265 -3.845  -8.223  1.00 43.30 ? 9    DT  B "C4'" 1 
ATOM   372  O  "O4'" . DT  B 1 9  ? -11.856 -3.526  -6.870  1.00 36.90 ? 9    DT  B "O4'" 1 
ATOM   373  C  "C3'" . DT  B 1 9  ? -13.506 -3.006  -8.437  1.00 52.44 ? 9    DT  B "C3'" 1 
ATOM   374  O  "O3'" . DT  B 1 9  ? -14.413 -3.598  -9.370  1.00 68.53 ? 9    DT  B "O3'" 1 
ATOM   375  C  "C2'" . DT  B 1 9  ? -14.148 -2.935  -7.077  1.00 48.18 ? 9    DT  B "C2'" 1 
ATOM   376  C  "C1'" . DT  B 1 9  ? -12.953 -3.037  -6.137  1.00 41.02 ? 9    DT  B "C1'" 1 
ATOM   377  N  N1    . DT  B 1 9  ? -12.648 -1.709  -5.592  1.00 36.74 ? 9    DT  B N1    1 
ATOM   378  C  C2    . DT  B 1 9  ? -13.419 -1.336  -4.514  1.00 32.12 ? 9    DT  B C2    1 
ATOM   379  O  O2    . DT  B 1 9  ? -14.260 -2.125  -4.114  1.00 44.59 ? 9    DT  B O2    1 
ATOM   380  N  N3    . DT  B 1 9  ? -13.143 -0.099  -4.001  1.00 33.21 ? 9    DT  B N3    1 
ATOM   381  C  C4    . DT  B 1 9  ? -12.179 0.787   -4.465  1.00 27.13 ? 9    DT  B C4    1 
ATOM   382  O  O4    . DT  B 1 9  ? -12.048 1.873   -3.896  1.00 36.40 ? 9    DT  B O4    1 
ATOM   383  C  C5    . DT  B 1 9  ? -11.418 0.332   -5.594  1.00 37.47 ? 9    DT  B C5    1 
ATOM   384  C  C7    . DT  B 1 9  ? -10.363 1.243   -6.145  1.00 38.58 ? 9    DT  B C7    1 
ATOM   385  C  C6    . DT  B 1 9  ? -11.677 -0.877  -6.105  1.00 35.57 ? 9    DT  B C6    1 
ATOM   386  P  P     . DC  B 1 10 ? -15.474 -2.599  -10.082 1.00 56.76 ? 10   DC  B P     1 
ATOM   387  O  OP1   . DC  B 1 10 ? -15.974 -3.325  -11.280 1.00 89.60 ? 10   DC  B OP1   1 
ATOM   388  O  OP2   . DC  B 1 10 ? -14.779 -1.294  -10.252 1.00 45.17 ? 10   DC  B OP2   1 
ATOM   389  O  "O5'" . DC  B 1 10 ? -16.617 -2.464  -8.979  1.00 43.40 ? 10   DC  B "O5'" 1 
ATOM   390  C  "C5'" . DC  B 1 10 ? -17.110 -3.633  -8.307  1.00 53.06 ? 10   DC  B "C5'" 1 
ATOM   391  C  "C4'" . DC  B 1 10 ? -18.201 -3.223  -7.342  1.00 56.13 ? 10   DC  B "C4'" 1 
ATOM   392  O  "O4'" . DC  B 1 10 ? -17.583 -2.580  -6.206  1.00 52.95 ? 10   DC  B "O4'" 1 
ATOM   393  C  "C3'" . DC  B 1 10 ? -19.209 -2.221  -7.868  1.00 54.66 ? 10   DC  B "C3'" 1 
ATOM   394  O  "O3'" . DC  B 1 10 ? -20.377 -2.851  -8.404  1.00 80.54 ? 10   DC  B "O3'" 1 
ATOM   395  C  "C2'" . DC  B 1 10 ? -19.585 -1.383  -6.677  1.00 50.39 ? 10   DC  B "C2'" 1 
ATOM   396  C  "C1'" . DC  B 1 10 ? -18.456 -1.599  -5.681  1.00 55.14 ? 10   DC  B "C1'" 1 
ATOM   397  N  N1    . DC  B 1 10 ? -17.693 -0.356  -5.451  1.00 49.15 ? 10   DC  B N1    1 
ATOM   398  C  C2    . DC  B 1 10 ? -18.104 0.436   -4.379  1.00 51.41 ? 10   DC  B C2    1 
ATOM   399  O  O2    . DC  B 1 10 ? -19.069 0.063   -3.685  1.00 55.41 ? 10   DC  B O2    1 
ATOM   400  N  N3    . DC  B 1 10 ? -17.449 1.586   -4.117  1.00 49.26 ? 10   DC  B N3    1 
ATOM   401  C  C4    . DC  B 1 10 ? -16.418 1.946   -4.891  1.00 40.04 ? 10   DC  B C4    1 
ATOM   402  N  N4    . DC  B 1 10 ? -15.837 3.100   -4.547  1.00 51.75 ? 10   DC  B N4    1 
ATOM   403  C  C5    . DC  B 1 10 ? -15.982 1.156   -5.988  1.00 40.56 ? 10   DC  B C5    1 
ATOM   404  C  C6    . DC  B 1 10 ? -16.641 0.013   -6.241  1.00 47.71 ? 10   DC  B C6    1 
ATOM   405  N  N     . LYS C 2 1  ? 7.385   22.078  -2.674  1.00 43.52 ? 1    LYS C N     1 
ATOM   406  C  CA    . LYS C 2 1  ? 8.106   23.146  -3.346  1.00 50.91 ? 1    LYS C CA    1 
ATOM   407  C  C     . LYS C 2 1  ? 7.855   24.490  -2.651  1.00 41.67 ? 1    LYS C C     1 
ATOM   408  C  CB    . LYS C 2 1  ? 7.768   23.280  -4.829  1.00 46.32 ? 1    LYS C CB    1 
HETATM 409  C  C     . 40T C 2 2  ? 6.995   20.903  -3.138  1.00 33.86 ? 2    40T C C     1 
HETATM 410  N  N1    . 40T C 2 2  ? 5.027   15.842  -4.274  1.00 24.72 ? 2    40T C N1    1 
HETATM 411  C  C2    . 40T C 2 2  ? 4.337   16.297  -5.393  1.00 25.92 ? 2    40T C C2    1 
HETATM 412  O  O2    . 40T C 2 2  ? 4.810   17.169  -6.127  1.00 31.00 ? 2    40T C O2    1 
HETATM 413  N  N3    . 40T C 2 2  ? 3.073   15.771  -5.662  1.00 28.17 ? 2    40T C N3    1 
HETATM 414  C  C4    . 40T C 2 2  ? 2.501   14.821  -4.789  1.00 31.16 ? 2    40T C C4    1 
HETATM 415  O  O4    . 40T C 2 2  ? 1.387   14.394  -5.116  1.00 29.54 ? 2    40T C O4    1 
HETATM 416  C  C5    . 40T C 2 2  ? 3.199   14.367  -3.678  1.00 27.51 ? 2    40T C C5    1 
HETATM 417  C  C6    . 40T C 2 2  ? 4.455   14.902  -3.413  1.00 26.12 ? 2    40T C C6    1 
HETATM 418  C  C7    . 40T C 2 2  ? 2.703   13.285  -2.705  1.00 27.82 ? 2    40T C C7    1 
HETATM 419  N  N     . 40T C 2 2  ? 9.180   16.609  -1.741  1.00 27.99 ? 2    40T C N     1 
HETATM 420  O  O     . 40T C 2 2  ? 6.555   20.729  -4.285  1.00 34.61 ? 2    40T C O     1 
HETATM 421  C  CA    . 40T C 2 2  ? 9.510   17.887  -2.399  1.00 33.86 ? 2    40T C CA    1 
HETATM 422  C  C2M   . 40T C 2 2  ? 10.905  17.749  -3.024  1.00 40.31 ? 2    40T C C2M   1 
HETATM 423  C  "C3'" . 40T C 2 2  ? 8.568   18.166  -3.568  1.00 29.76 ? 2    40T C "C3'" 1 
HETATM 424  N  "N4'" . 40T C 2 2  ? 7.235   18.472  -3.014  1.00 28.91 ? 2    40T C "N4'" 1 
HETATM 425  C  "C5'" . 40T C 2 2  ? 7.093   19.696  -2.180  1.00 33.58 ? 2    40T C "C5'" 1 
HETATM 426  C  "C7'" . 40T C 2 2  ? 6.181   17.699  -3.214  1.00 27.26 ? 2    40T C "C7'" 1 
HETATM 427  O  "O7'" . 40T C 2 2  ? 5.060   18.012  -2.797  1.00 32.61 ? 2    40T C "O7'" 1 
HETATM 428  C  "C8'" . 40T C 2 2  ? 6.382   16.384  -3.958  1.00 29.27 ? 2    40T C "C8'" 1 
HETATM 429  C  C     . 40A C 2 3  ? 8.826   16.536  -0.470  1.00 26.26 ? 3    40A C C     1 
HETATM 430  N  N1    . 40A C 2 3  ? 5.684   13.250  -6.500  1.00 31.42 ? 3    40A C N1    1 
HETATM 431  C  C2    . 40A C 2 3  ? 6.809   13.753  -6.021  1.00 29.26 ? 3    40A C C2    1 
HETATM 432  N  N3    . 40A C 2 3  ? 7.293   13.390  -4.856  1.00 23.49 ? 3    40A C N3    1 
HETATM 433  C  C4    . 40A C 2 3  ? 6.680   12.441  -4.126  1.00 25.45 ? 3    40A C C4    1 
HETATM 434  C  C5    . 40A C 2 3  ? 5.453   11.955  -4.569  1.00 23.59 ? 3    40A C C5    1 
HETATM 435  C  C6    . 40A C 2 3  ? 4.961   12.382  -5.793  1.00 22.86 ? 3    40A C C6    1 
HETATM 436  N  N6    . 40A C 2 3  ? 3.754   12.053  -6.276  1.00 23.68 ? 3    40A C N6    1 
HETATM 437  N  N7    . 40A C 2 3  ? 5.071   11.085  -3.641  1.00 23.87 ? 3    40A C N7    1 
HETATM 438  C  C8    . 40A C 2 3  ? 5.940   11.086  -2.622  1.00 24.22 ? 3    40A C C8    1 
HETATM 439  N  N9    . 40A C 2 3  ? 6.926   11.899  -2.927  1.00 20.88 ? 3    40A C N9    1 
HETATM 440  N  N     . 40A C 2 3  ? 10.129  11.412  0.663   1.00 23.21 ? 3    40A C N     1 
HETATM 441  O  O     . 40A C 2 3  ? 8.627   17.536  0.228   1.00 32.32 ? 3    40A C O     1 
HETATM 442  C  CA    . 40A C 2 3  ? 10.573  12.833  0.692   1.00 24.22 ? 3    40A C CA    1 
HETATM 443  C  C2M   . 40A C 2 3  ? 12.092  12.756  0.927   1.00 28.43 ? 3    40A C C2M   1 
HETATM 444  C  "C3'" . 40A C 2 3  ? 10.298  13.484  -0.657  1.00 22.21 ? 3    40A C "C3'" 1 
HETATM 445  N  "N4'" . 40A C 2 3  ? 8.920   14.015  -0.664  1.00 24.95 ? 3    40A C "N4'" 1 
HETATM 446  C  "C5'" . 40A C 2 3  ? 8.650   15.191  0.191   1.00 26.48 ? 3    40A C "C5'" 1 
HETATM 447  C  "C7'" . 40A C 2 3  ? 7.911   13.473  -1.342  1.00 28.05 ? 3    40A C "C7'" 1 
HETATM 448  O  "O7'" . 40A C 2 3  ? 6.765   13.946  -1.387  1.00 25.14 ? 3    40A C "O7'" 1 
HETATM 449  C  "C8'" . 40A C 2 3  ? 8.124   12.175  -2.141  1.00 19.19 ? 3    40A C "C8'" 1 
HETATM 450  C  C     . 40G C 2 4  ? 9.429   10.931  1.689   1.00 33.00 ? 4    40G C C     1 
HETATM 451  N  N1    . 40G C 2 4  ? 8.198   10.050  -5.904  1.00 16.53 ? 4    40G C N1    1 
HETATM 452  C  C2    . 40G C 2 4  ? 9.283   10.065  -5.026  1.00 22.11 ? 4    40G C C2    1 
HETATM 453  N  N2    . 40G C 2 4  ? 10.314  10.885  -5.267  1.00 25.18 ? 4    40G C N2    1 
HETATM 454  N  N3    . 40G C 2 4  ? 9.240   9.343   -3.892  1.00 19.44 ? 4    40G C N3    1 
HETATM 455  C  C4    . 40G C 2 4  ? 8.141   8.606   -3.624  1.00 19.54 ? 4    40G C C4    1 
HETATM 456  C  C5    . 40G C 2 4  ? 7.063   8.502   -4.497  1.00 19.15 ? 4    40G C C5    1 
HETATM 457  C  C6    . 40G C 2 4  ? 7.053   9.295   -5.659  1.00 20.34 ? 4    40G C C6    1 
HETATM 458  O  O6    . 40G C 2 4  ? 6.143   9.356   -6.496  1.00 20.82 ? 4    40G C O6    1 
HETATM 459  N  N7    . 40G C 2 4  ? 6.152   7.694   -3.924  1.00 17.63 ? 4    40G C N7    1 
HETATM 460  C  C8    . 40G C 2 4  ? 6.676   7.270   -2.761  1.00 21.74 ? 4    40G C C8    1 
HETATM 461  N  N9    . 40G C 2 4  ? 7.862   7.821   -2.599  1.00 19.63 ? 4    40G C N9    1 
HETATM 462  N  N     . 40G C 2 4  ? 10.344  5.864   1.276   1.00 27.59 ? 4    40G C N     1 
HETATM 463  O  O     . 40G C 2 4  ? 9.167   11.735  2.593   1.00 30.92 ? 4    40G C O     1 
HETATM 464  C  CA    . 40G C 2 4  ? 10.943  7.163   1.667   1.00 32.11 ? 4    40G C CA    1 
HETATM 465  C  C2M   . 40G C 2 4  ? 12.466  6.978   1.801   1.00 25.66 ? 4    40G C C2M   1 
HETATM 466  C  "C3'" . 40G C 2 4  ? 10.723  8.190   0.556   1.00 22.04 ? 4    40G C "C3'" 1 
HETATM 467  N  "N4'" . 40G C 2 4  ? 9.365   8.731   0.611   1.00 23.44 ? 4    40G C "N4'" 1 
HETATM 468  C  "C5'" . 40G C 2 4  ? 8.920   9.488   1.814   1.00 26.23 ? 4    40G C "C5'" 1 
HETATM 469  C  "C7'" . 40G C 2 4  ? 8.460   8.613   -0.359  1.00 22.56 ? 4    40G C "C7'" 1 
HETATM 470  O  "O7'" . 40G C 2 4  ? 7.394   9.235   -0.384  1.00 22.33 ? 4    40G C "O7'" 1 
HETATM 471  C  "C8'" . 40G C 2 4  ? 8.780   7.628   -1.484  1.00 21.22 ? 4    40G C "C8'" 1 
HETATM 472  C  C     . 40A C 2 5  ? 9.455   5.276   2.073   1.00 19.92 ? 5    40A C C     1 
HETATM 473  N  N1    . 40A C 2 5  ? 9.847   6.400   -5.741  1.00 20.48 ? 5    40A C N1    1 
HETATM 474  C  C2    . 40A C 2 5  ? 10.717  6.000   -4.834  1.00 23.63 ? 5    40A C C2    1 
HETATM 475  N  N3    . 40A C 2 5  ? 10.407  5.157   -3.863  1.00 20.49 ? 5    40A C N3    1 
HETATM 476  C  C4    . 40A C 2 5  ? 9.171   4.642   -3.864  1.00 18.55 ? 5    40A C C4    1 
HETATM 477  C  C5    . 40A C 2 5  ? 8.192   5.096   -4.745  1.00 22.63 ? 5    40A C C5    1 
HETATM 478  C  C6    . 40A C 2 5  ? 8.573   5.991   -5.745  1.00 25.54 ? 5    40A C C6    1 
HETATM 479  N  N6    . 40A C 2 5  ? 7.776   6.369   -6.735  1.00 19.57 ? 5    40A C N6    1 
HETATM 480  N  N7    . 40A C 2 5  ? 7.066   4.450   -4.440  1.00 21.56 ? 5    40A C N7    1 
HETATM 481  C  C8    . 40A C 2 5  ? 7.319   3.646   -3.404  1.00 23.82 ? 5    40A C C8    1 
HETATM 482  N  N9    . 40A C 2 5  ? 8.585   3.792   -3.034  1.00 21.76 ? 5    40A C N9    1 
HETATM 483  N  N     . 40A C 2 5  ? 8.785   0.470   0.468   1.00 17.14 ? 5    40A C N     1 
HETATM 484  O  O     . 40A C 2 5  ? 8.987   5.852   3.071   1.00 26.76 ? 5    40A C O     1 
HETATM 485  C  CA    . 40A C 2 5  ? 9.925   1.023   1.237   1.00 17.79 ? 5    40A C CA    1 
HETATM 486  C  C2M   . 40A C 2 5  ? 11.039  -0.026  1.228   1.00 18.21 ? 5    40A C C2M   1 
HETATM 487  C  "C3'" . 40A C 2 5  ? 10.476  2.268   0.538   1.00 19.53 ? 5    40A C "C3'" 1 
HETATM 488  N  "N4'" . 40A C 2 5  ? 9.404   3.308   0.535   1.00 20.56 ? 5    40A C "N4'" 1 
HETATM 489  C  "C5'" . 40A C 2 5  ? 8.964   3.855   1.810   1.00 18.81 ? 5    40A C "C5'" 1 
HETATM 490  C  "C7'" . 40A C 2 5  ? 8.825   3.731   -0.590  1.00 22.61 ? 5    40A C "C7'" 1 
HETATM 491  O  "O7'" . 40A C 2 5  ? 7.941   4.583   -0.554  1.00 21.81 ? 5    40A C "O7'" 1 
HETATM 492  C  "C8'" . 40A C 2 5  ? 9.286   3.150   -1.928  1.00 18.95 ? 5    40A C "C8'" 1 
HETATM 493  C  C     . 40C C 2 6  ? 7.556   0.475   1.027   1.00 21.98 ? 6    40C C C     1 
HETATM 494  N  N1    . 40C C 2 6  ? 6.639   0.080   -4.434  1.00 19.83 ? 6    40C C N1    1 
HETATM 495  C  C2    . 40C C 2 6  ? 7.822   0.661   -4.934  1.00 22.20 ? 6    40C C C2    1 
HETATM 496  O  O2    . 40C C 2 6  ? 8.917   0.341   -4.450  1.00 20.54 ? 6    40C C O2    1 
HETATM 497  N  N3    . 40C C 2 6  ? 7.715   1.614   -5.957  1.00 19.80 ? 6    40C C N3    1 
HETATM 498  C  C4    . 40C C 2 6  ? 6.464   1.991   -6.447  1.00 19.57 ? 6    40C C C4    1 
HETATM 499  N  N4    . 40C C 2 6  ? 6.353   2.873   -7.446  1.00 19.76 ? 6    40C C N4    1 
HETATM 500  C  C5    . 40C C 2 6  ? 5.304   1.400   -5.963  1.00 18.42 ? 6    40C C C5    1 
HETATM 501  C  C6    . 40C C 2 6  ? 5.405   0.470   -4.942  1.00 20.35 ? 6    40C C C6    1 
HETATM 502  N  N     . 40C C 2 6  ? 5.165   -3.454  -1.285  1.00 18.49 ? 6    40C C N     1 
HETATM 503  O  O     . 40C C 2 6  ? 7.277   1.053   2.113   1.00 21.31 ? 6    40C C O     1 
HETATM 504  C  CA    . 40C C 2 6  ? 6.235   -3.205  -0.287  1.00 18.12 ? 6    40C C CA    1 
HETATM 505  C  C2M   . 40C C 2 6  ? 7.005   -4.536  -0.077  1.00 17.08 ? 6    40C C C2M   1 
HETATM 506  C  "C3'" . 40C C 2 6  ? 7.283   -2.240  -0.856  1.00 20.08 ? 6    40C C "C3'" 1 
HETATM 507  N  "N4'" . 40C C 2 6  ? 6.766   -0.867  -0.902  1.00 18.42 ? 6    40C C "N4'" 1 
HETATM 508  C  "C5'" . 40C C 2 6  ? 6.366   -0.228  0.381   1.00 19.91 ? 6    40C C "C5'" 1 
HETATM 509  C  "C7'" . 40C C 2 6  ? 6.600   -0.150  -2.012  1.00 17.20 ? 6    40C C "C7'" 1 
HETATM 510  O  "O7'" . 40C C 2 6  ? 6.280   1.046   -2.072  1.00 20.30 ? 6    40C C "O7'" 1 
HETATM 511  C  "C8'" . 40C C 2 6  ? 6.740   -0.904  -3.340  1.00 20.85 ? 6    40C C "C8'" 1 
HETATM 512  C  C     . 40A C 2 7  ? 3.943   -3.001  -0.970  1.00 22.22 ? 7    40A C C     1 
HETATM 513  N  N1    . 40A C 2 7  ? 7.790   -1.588  -7.428  1.00 23.15 ? 7    40A C N1    1 
HETATM 514  C  C2    . 40A C 2 7  ? 7.722   -2.517  -6.470  1.00 21.65 ? 7    40A C C2    1 
HETATM 515  N  N3    . 40A C 2 7  ? 6.559   -2.985  -6.028  1.00 27.34 ? 7    40A C N3    1 
HETATM 516  C  C4    . 40A C 2 7  ? 5.405   -2.585  -6.605  1.00 21.64 ? 7    40A C C4    1 
HETATM 517  C  C5    . 40A C 2 7  ? 5.434   -1.552  -7.522  1.00 21.48 ? 7    40A C C5    1 
HETATM 518  C  C6    . 40A C 2 7  ? 6.672   -1.069  -7.949  1.00 28.16 ? 7    40A C C6    1 
HETATM 519  N  N6    . 40A C 2 7  ? 6.755   -0.142  -8.923  1.00 24.44 ? 7    40A C N6    1 
HETATM 520  N  N7    . 40A C 2 7  ? 4.159   -1.283  -7.840  1.00 25.97 ? 7    40A C N7    1 
HETATM 521  C  C8    . 40A C 2 7  ? 3.361   -2.136  -7.180  1.00 25.92 ? 7    40A C C8    1 
HETATM 522  N  N9    . 40A C 2 7  ? 4.126   -2.876  -6.407  1.00 20.51 ? 7    40A C N9    1 
HETATM 523  N  N     . 40A C 2 7  ? 0.938   -5.786  -4.292  1.00 22.28 ? 7    40A C N     1 
HETATM 524  O  O     . 40A C 2 7  ? 3.803   -2.350  0.087   1.00 21.46 ? 7    40A C O     1 
HETATM 525  C  CA    . 40A C 2 7  ? 1.622   -5.924  -2.998  1.00 24.21 ? 7    40A C CA    1 
HETATM 526  C  C2M   . 40A C 2 7  ? 1.780   -7.416  -2.709  1.00 24.45 ? 7    40A C C2M   1 
HETATM 527  C  "C3'" . 40A C 2 7  ? 3.064   -5.426  -3.080  1.00 21.36 ? 7    40A C "C3'" 1 
HETATM 528  N  "N4'" . 40A C 2 7  ? 3.076   -3.954  -3.050  1.00 21.87 ? 7    40A C "N4'" 1 
HETATM 529  C  "C5'" . 40A C 2 7  ? 2.711   -3.268  -1.804  1.00 17.13 ? 7    40A C "C5'" 1 
HETATM 530  C  "C7'" . 40A C 2 7  ? 3.430   -3.210  -4.102  1.00 23.49 ? 7    40A C "C7'" 1 
HETATM 531  O  "O7'" . 40A C 2 7  ? 3.528   -1.984  -4.008  1.00 22.94 ? 7    40A C "O7'" 1 
HETATM 532  C  "C8'" . 40A C 2 7  ? 3.719   -3.904  -5.443  1.00 20.89 ? 7    40A C "C8'" 1 
HETATM 533  C  C     . 40C C 2 8  ? -0.225  -5.205  -4.511  1.00 28.38 ? 8    40C C C     1 
HETATM 534  N  N1    . 40C C 2 8  ? 2.261   -4.710  -9.385  1.00 23.86 ? 8    40C C N1    1 
HETATM 535  C  C2    . 40C C 2 8  ? 3.587   -4.955  -9.049  1.00 25.16 ? 8    40C C C2    1 
HETATM 536  O  O2    . 40C C 2 8  ? 3.823   -5.805  -8.196  1.00 26.77 ? 8    40C C O2    1 
HETATM 537  N  N3    . 40C C 2 8  ? 4.608   -4.171  -9.610  1.00 25.48 ? 8    40C C N3    1 
HETATM 538  C  C4    . 40C C 2 8  ? 4.247   -3.157  -10.511 1.00 25.24 ? 8    40C C C4    1 
HETATM 539  N  N4    . 40C C 2 8  ? 5.242   -2.431  -11.039 1.00 29.72 ? 8    40C C N4    1 
HETATM 540  C  C5    . 40C C 2 8  ? 2.925   -2.857  -10.794 1.00 26.56 ? 8    40C C C5    1 
HETATM 541  C  C6    . 40C C 2 8  ? 1.917   -3.686  -10.261 1.00 25.35 ? 8    40C C C6    1 
HETATM 542  N  N     . 40C C 2 8  ? -2.227  -6.508  -8.934  1.00 30.86 ? 8    40C C N     1 
HETATM 543  O  O     . 40C C 2 8  ? -0.731  -4.817  -3.455  1.00 27.25 ? 8    40C C O     1 
HETATM 544  C  CA    . 40C C 2 8  ? -1.983  -7.223  -7.668  1.00 38.04 ? 8    40C C CA    1 
HETATM 545  C  C2M   . 40C C 2 8  ? -2.254  -8.706  -7.862  1.00 35.74 ? 8    40C C C2M   1 
HETATM 546  C  "C3'" . 40C C 2 8  ? -0.563  -7.048  -7.148  1.00 28.01 ? 8    40C C "C3'" 1 
HETATM 547  N  "N4'" . 40C C 2 8  ? -0.323  -5.618  -6.875  1.00 24.06 ? 8    40C C "N4'" 1 
HETATM 548  C  "C5'" . 40C C 2 8  ? -1.067  -4.946  -5.804  1.00 21.95 ? 8    40C C "C5'" 1 
HETATM 549  C  "C7'" . 40C C 2 8  ? 0.588   -4.911  -7.563  1.00 27.40 ? 8    40C C "C7'" 1 
HETATM 550  O  "O7'" . 40C C 2 8  ? 0.855   -3.749  -7.249  1.00 27.17 ? 8    40C C "O7'" 1 
HETATM 551  C  "C8'" . 40C C 2 8  ? 1.252   -5.604  -8.749  1.00 25.29 ? 8    40C C "C8'" 1 
HETATM 552  C  C     . 40C C 2 9  ? -3.049  -5.474  -8.910  1.00 29.75 ? 9    40C C C     1 
HETATM 553  N  N1    . 40C C 2 9  ? 0.186   -4.969  -13.370 1.00 28.39 ? 9    40C C N1    1 
HETATM 554  C  C2    . 40C C 2 9  ? 1.307   -5.677  -12.960 1.00 29.09 ? 9    40C C C2    1 
HETATM 555  O  O2    . 40C C 2 9  ? 1.190   -6.667  -12.261 1.00 31.59 ? 9    40C C O2    1 
HETATM 556  N  N3    . 40C C 2 9  ? 2.594   -5.198  -13.240 1.00 31.17 ? 9    40C C N3    1 
HETATM 557  C  C4    . 40C C 2 9  ? 2.692   -3.988  -13.932 1.00 29.86 ? 9    40C C C4    1 
HETATM 558  N  N4    . 40C C 2 9  ? 3.918   -3.520  -14.210 1.00 30.19 ? 9    40C C N4    1 
HETATM 559  C  C5    . 40C C 2 9  ? 1.565   -3.271  -14.332 1.00 37.74 ? 9    40C C C5    1 
HETATM 560  C  C6    . 40C C 2 9  ? 0.280   -3.742  -14.034 1.00 30.78 ? 9    40C C C6    1 
HETATM 561  N  N     . 40C C 2 9  ? -4.538  -5.380  -13.799 1.00 34.40 ? 9    40C C N     1 
HETATM 562  O  O     . 40C C 2 9  ? -3.513  -5.062  -7.846  1.00 34.51 ? 9    40C C O     1 
HETATM 563  C  CA    . 40C C 2 9  ? -4.785  -6.111  -12.545 1.00 38.00 ? 9    40C C CA    1 
HETATM 564  C  C2M   . 40C C 2 9  ? -5.610  -7.352  -12.903 1.00 34.49 ? 9    40C C C2M   1 
HETATM 565  C  "C3'" . 40C C 2 9  ? -3.483  -6.606  -11.925 1.00 39.88 ? 9    40C C "C3'" 1 
HETATM 566  N  "N4'" . 40C C 2 9  ? -2.820  -5.429  -11.340 1.00 35.50 ? 9    40C C "N4'" 1 
HETATM 567  C  "C5'" . 40C C 2 9  ? -3.460  -4.756  -10.194 1.00 33.22 ? 9    40C C "C5'" 1 
HETATM 568  C  "C7'" . 40C C 2 9  ? -1.676  -4.942  -11.798 1.00 34.13 ? 9    40C C "C7'" 1 
HETATM 569  O  "O7'" . 40C C 2 9  ? -1.047  -4.029  -11.267 1.00 36.68 ? 9    40C C "O7'" 1 
HETATM 570  C  "C8'" . 40C C 2 9  ? -1.146  -5.561  -13.087 1.00 32.67 ? 9    40C C "C8'" 1 
HETATM 571  C  C     . 40A C 2 10 ? -5.108  -4.193  -13.986 1.00 33.06 ? 10   40A C C     1 
HETATM 572  N  N1    . 40A C 2 10 ? 1.896   -7.312  -15.673 1.00 32.28 ? 10   40A C N1    1 
HETATM 573  C  C2    . 40A C 2 10 ? 0.656   -7.750  -15.536 1.00 40.26 ? 10   40A C C2    1 
HETATM 574  N  N3    . 40A C 2 10 ? -0.376  -7.048  -15.986 1.00 42.29 ? 10   40A C N3    1 
HETATM 575  C  C4    . 40A C 2 10 ? -0.205  -5.999  -16.800 1.00 32.74 ? 10   40A C C4    1 
HETATM 576  C  C5    . 40A C 2 10 ? 1.103   -5.563  -17.041 1.00 33.14 ? 10   40A C C5    1 
HETATM 577  C  C6    . 40A C 2 10 ? 2.151   -6.218  -16.406 1.00 33.20 ? 10   40A C C6    1 
HETATM 578  N  N6    . 40A C 2 10 ? 3.395   -5.789  -16.574 1.00 31.50 ? 10   40A C N6    1 
HETATM 579  N  N7    . 40A C 2 10 ? 1.017   -4.448  -17.754 1.00 32.31 ? 10   40A C N7    1 
HETATM 580  C  C8    . 40A C 2 10 ? -0.261  -4.244  -18.059 1.00 32.79 ? 10   40A C C8    1 
HETATM 581  N  N9    . 40A C 2 10 ? -0.986  -5.175  -17.468 1.00 35.64 ? 10   40A C N9    1 
HETATM 582  N  N     . 40A C 2 10 ? -5.247  -4.097  -19.102 1.00 42.68 ? 10   40A C N     1 
HETATM 583  O  O     . 40A C 2 10 ? -5.685  -3.617  -13.058 1.00 42.73 ? 10   40A C O     1 
HETATM 584  C  CA    . 40A C 2 10 ? -6.102  -4.677  -18.051 1.00 38.29 ? 10   40A C CA    1 
HETATM 585  C  C2M   . 40A C 2 10 ? -6.973  -5.754  -18.710 1.00 30.88 ? 10   40A C C2M   1 
HETATM 586  C  "C3'" . 40A C 2 10 ? -5.177  -5.402  -17.085 1.00 37.10 ? 10   40A C "C3'" 1 
HETATM 587  N  "N4'" . 40A C 2 10 ? -4.370  -4.439  -16.316 1.00 35.57 ? 10   40A C "N4'" 1 
HETATM 588  C  "C5'" . 40A C 2 10 ? -5.034  -3.531  -15.362 1.00 37.41 ? 10   40A C "C5'" 1 
HETATM 589  C  "C7'" . 40A C 2 10 ? -3.046  -4.373  -16.448 1.00 41.69 ? 10   40A C "C7'" 1 
HETATM 590  O  "O7'" . 40A C 2 10 ? -2.354  -3.647  -15.731 1.00 34.73 ? 10   40A C "O7'" 1 
HETATM 591  C  "C8'" . 40A C 2 10 ? -2.438  -5.254  -17.553 1.00 38.82 ? 10   40A C "C8'" 1 
HETATM 592  C  C     . 40G C 2 11 ? -5.193  -2.764  -19.248 1.00 49.25 ? 11   40G C C     1 
HETATM 593  N  N1    . 40G C 2 11 ? 0.302   -7.846  -19.626 1.00 35.08 ? 11   40G C N1    1 
HETATM 594  C  C2    . 40G C 2 11 ? -1.070  -7.700  -19.840 1.00 32.14 ? 11   40G C C2    1 
HETATM 595  N  N2    . 40G C 2 11 ? -1.895  -8.615  -19.340 1.00 28.81 ? 11   40G C N2    1 
HETATM 596  N  N3    . 40G C 2 11 ? -1.574  -6.645  -20.501 1.00 31.25 ? 11   40G C N3    1 
HETATM 597  C  C4    . 40G C 2 11 ? -0.748  -5.838  -21.175 1.00 28.47 ? 11   40G C C4    1 
HETATM 598  C  C5    . 40G C 2 11 ? 0.636   -5.904  -20.985 1.00 27.49 ? 11   40G C C5    1 
HETATM 599  C  C6    . 40G C 2 11 ? 1.174   -6.889  -20.168 1.00 33.65 ? 11   40G C C6    1 
HETATM 600  O  O6    . 40G C 2 11 ? 2.378   -7.014  -19.908 1.00 30.43 ? 11   40G C O6    1 
HETATM 601  N  N7    . 40G C 2 11 ? 1.142   -4.834  -21.606 1.00 29.01 ? 11   40G C N7    1 
HETATM 602  C  C8    . 40G C 2 11 ? 0.153   -4.151  -22.157 1.00 29.79 ? 11   40G C C8    1 
HETATM 603  N  N9    . 40G C 2 11 ? -0.999  -4.745  -21.869 1.00 31.98 ? 11   40G C N9    1 
HETATM 604  N  N     . 40G C 2 11 ? -6.748  -2.378  -24.033 1.00 66.06 ? 11   40G C N     1 
HETATM 605  O  O     . 40G C 2 11 ? -5.626  -2.208  -18.240 1.00 51.18 ? 11   40G C O     1 
HETATM 606  C  CA    . 40G C 2 11 ? -6.269  -2.470  -22.640 1.00 37.14 ? 11   40G C CA    1 
HETATM 607  C  C2M   . 40G C 2 11 ? -7.298  -3.326  -21.910 1.00 39.86 ? 11   40G C C2M   1 
HETATM 608  C  "C3'" . 40G C 2 11 ? -4.917  -3.156  -22.648 1.00 42.13 ? 11   40G C "C3'" 1 
HETATM 609  N  "N4'" . 40G C 2 11 ? -4.118  -2.860  -21.449 1.00 40.01 ? 11   40G C "N4'" 1 
HETATM 610  C  "C5'" . 40G C 2 11 ? -4.694  -1.935  -20.441 1.00 50.83 ? 11   40G C "C5'" 1 
HETATM 611  C  "C7'" . 40G C 2 11 ? -2.919  -3.390  -21.231 1.00 34.98 ? 11   40G C "C7'" 1 
HETATM 612  O  "O7'" . 40G C 2 11 ? -2.258  -3.173  -20.203 1.00 31.31 ? 11   40G C "O7'" 1 
HETATM 613  C  "C8'" . 40G C 2 11 ? -2.328  -4.312  -22.302 1.00 28.49 ? 11   40G C "C8'" 1 
ATOM   614  N  N     . LYS D 2 1  ? 12.950  0.772   19.178  1.00 43.34 ? 1    LYS D N     1 
ATOM   615  C  CA    . LYS D 2 1  ? 13.329  1.603   20.319  1.00 47.06 ? 1    LYS D CA    1 
ATOM   616  C  C     . LYS D 2 1  ? 13.063  3.077   20.058  1.00 48.65 ? 1    LYS D C     1 
ATOM   617  C  CB    . LYS D 2 1  ? 14.785  1.318   20.679  1.00 47.22 ? 1    LYS D CB    1 
HETATM 618  C  C     . 40T D 2 2  ? 11.717  0.795   18.690  1.00 41.14 ? 2    40T D C     1 
HETATM 619  N  N1    . 40T D 2 2  ? 6.762   -0.422  16.461  1.00 26.17 ? 2    40T D N1    1 
HETATM 620  C  C2    . 40T D 2 2  ? 5.896   0.153   17.382  1.00 35.68 ? 2    40T D C2    1 
HETATM 621  O  O2    . 40T D 2 2  ? 6.155   1.234   17.899  1.00 34.72 ? 2    40T D O2    1 
HETATM 622  N  N3    . 40T D 2 2  ? 4.724   -0.540  17.738  1.00 38.86 ? 2    40T D N3    1 
HETATM 623  C  C4    . 40T D 2 2  ? 4.500   -1.837  17.247  1.00 41.75 ? 2    40T D C4    1 
HETATM 624  O  O4    . 40T D 2 2  ? 3.482   -2.427  17.635  1.00 44.85 ? 2    40T D O4    1 
HETATM 625  C  C5    . 40T D 2 2  ? 5.358   -2.386  16.302  1.00 28.05 ? 2    40T D C5    1 
HETATM 626  C  C6    . 40T D 2 2  ? 6.512   -1.695  15.924  1.00 31.89 ? 2    40T D C6    1 
HETATM 627  C  C7    . 40T D 2 2  ? 5.138   -3.803  15.752  1.00 35.77 ? 2    40T D C7    1 
HETATM 628  N  N     . 40T D 2 2  ? 10.932  0.611   13.767  1.00 34.26 ? 2    40T D N     1 
HETATM 629  O  O     . 40T D 2 2  ? 10.827  1.490   19.191  1.00 36.62 ? 2    40T D O     1 
HETATM 630  C  CA    . 40T D 2 2  ? 11.451  1.469   14.858  1.00 30.75 ? 2    40T D CA    1 
HETATM 631  C  C2M   . 40T D 2 2  ? 11.746  2.846   14.264  1.00 44.77 ? 2    40T D C2M   1 
HETATM 632  C  "C3'" . 40T D 2 2  ? 10.425  1.676   15.957  1.00 33.89 ? 2    40T D "C3'" 1 
HETATM 633  N  "N4'" . 40T D 2 2  ? 10.294  0.452   16.762  1.00 44.72 ? 2    40T D "N4'" 1 
HETATM 634  C  "C5'" . 40T D 2 2  ? 11.489  -0.089  17.460  1.00 44.64 ? 2    40T D "C5'" 1 
HETATM 635  C  "C7'" . 40T D 2 2  ? 9.137   -0.185  16.904  1.00 41.34 ? 2    40T D "C7'" 1 
HETATM 636  O  "O7'" . 40T D 2 2  ? 8.991   -1.122  17.687  1.00 41.11 ? 2    40T D "O7'" 1 
HETATM 637  C  "C8'" . 40T D 2 2  ? 7.982   0.309   16.028  1.00 26.93 ? 2    40T D "C8'" 1 
HETATM 638  C  C     . 40A D 2 3  ? 11.517  -0.574  13.630  1.00 32.11 ? 3    40A D C     1 
HETATM 639  N  N1    . 40A D 2 3  ? 3.978   0.931   14.782  1.00 30.58 ? 3    40A D N1    1 
HETATM 640  C  C2    . 40A D 2 3  ? 5.075   1.498   14.327  1.00 36.89 ? 3    40A D C2    1 
HETATM 641  N  N3    . 40A D 2 3  ? 5.900   0.898   13.487  1.00 25.86 ? 3    40A D N3    1 
HETATM 642  C  C4    . 40A D 2 3  ? 5.534   -0.267  12.925  1.00 28.30 ? 3    40A D C4    1 
HETATM 643  C  C5    . 40A D 2 3  ? 4.407   -0.925  13.403  1.00 23.76 ? 3    40A D C5    1 
HETATM 644  C  C6    . 40A D 2 3  ? 3.650   -0.316  14.403  1.00 29.31 ? 3    40A D C6    1 
HETATM 645  N  N6    . 40A D 2 3  ? 2.512   -0.847  14.854  1.00 32.20 ? 3    40A D N6    1 
HETATM 646  N  N7    . 40A D 2 3  ? 4.378   -2.129  12.823  1.00 24.69 ? 3    40A D N7    1 
HETATM 647  C  C8    . 40A D 2 3  ? 5.448   -2.212  12.023  1.00 27.43 ? 3    40A D C8    1 
HETATM 648  N  N9    . 40A D 2 3  ? 6.167   -1.113  12.116  1.00 27.19 ? 3    40A D N9    1 
HETATM 649  N  N     . 40A D 2 3  ? 9.635   -1.861  8.994   1.00 33.72 ? 3    40A D N     1 
HETATM 650  O  O     . 40A D 2 3  ? 12.477  -0.883  14.353  1.00 33.14 ? 3    40A D O     1 
HETATM 651  C  CA    . 40A D 2 3  ? 10.774  -1.066  9.552   1.00 30.71 ? 3    40A D CA    1 
HETATM 652  C  C2M   . 40A D 2 3  ? 11.190  -0.178  8.377   1.00 27.53 ? 3    40A D C2M   1 
HETATM 653  C  "C3'" . 40A D 2 3  ? 10.200  -0.160  10.632  1.00 23.41 ? 3    40A D "C3'" 1 
HETATM 654  N  "N4'" . 40A D 2 3  ? 9.843   -0.955  11.819  1.00 32.70 ? 3    40A D "N4'" 1 
HETATM 655  C  "C5'" . 40A D 2 3  ? 10.953  -1.540  12.614  1.00 38.17 ? 3    40A D "C5'" 1 
HETATM 656  C  "C7'" . 40A D 2 3  ? 8.611   -1.211  12.248  1.00 33.46 ? 3    40A D "C7'" 1 
HETATM 657  O  "O7'" . 40A D 2 3  ? 8.408   -1.811  13.311  1.00 27.94 ? 3    40A D "O7'" 1 
HETATM 658  C  "C8'" . 40A D 2 3  ? 7.408   -0.797  11.407  1.00 28.73 ? 3    40A D "C8'" 1 
HETATM 659  C  C     . 40G D 2 4  ? 9.826   -3.110  8.724   1.00 45.01 ? 4    40G D C     1 
HETATM 660  N  N1    . 40G D 2 4  ? 3.793   1.191   10.627  1.00 25.53 ? 4    40G D N1    1 
HETATM 661  C  C2    . 40G D 2 4  ? 4.943   1.141   9.832   1.00 31.38 ? 4    40G D C2    1 
HETATM 662  N  N2    . 40G D 2 4  ? 5.793   2.168   9.901   1.00 28.74 ? 4    40G D N2    1 
HETATM 663  N  N3    . 40G D 2 4  ? 5.227   0.071   9.078   1.00 27.08 ? 4    40G D N3    1 
HETATM 664  C  C4    . 40G D 2 4  ? 4.406   -1.005  9.091   1.00 26.18 ? 4    40G D C4    1 
HETATM 665  C  C5    . 40G D 2 4  ? 3.266   -1.046  9.889   1.00 21.02 ? 4    40G D C5    1 
HETATM 666  C  C6    . 40G D 2 4  ? 2.944   0.064   10.666  1.00 24.48 ? 4    40G D C6    1 
HETATM 667  O  O6    . 40G D 2 4  ? 1.941   0.128   11.381  1.00 24.01 ? 4    40G D O6    1 
HETATM 668  N  N7    . 40G D 2 4  ? 2.674   -2.249  9.670   1.00 23.13 ? 4    40G D N7    1 
HETATM 669  C  C8    . 40G D 2 4  ? 3.373   -2.863  8.709   1.00 25.20 ? 4    40G D C8    1 
HETATM 670  N  N9    . 40G D 2 4  ? 4.412   -2.118  8.360   1.00 26.34 ? 4    40G D N9    1 
HETATM 671  N  N     . 40G D 2 4  ? 6.875   -4.715  4.915   1.00 42.22 ? 4    40G D N     1 
HETATM 672  O  O     . 40G D 2 4  ? 10.956  -3.487  9.023   1.00 54.54 ? 4    40G D O     1 
HETATM 673  C  CA    . 40G D 2 4  ? 8.204   -4.209  5.320   1.00 46.97 ? 4    40G D CA    1 
HETATM 674  C  C2M   . 40G D 2 4  ? 9.112   -4.114  4.127   1.00 60.22 ? 4    40G D C2M   1 
HETATM 675  C  "C3'" . 40G D 2 4  ? 8.047   -2.851  6.008   1.00 30.16 ? 4    40G D "C3'" 1 
HETATM 676  N  "N4'" . 40G D 2 4  ? 7.774   -3.263  7.397   1.00 31.60 ? 4    40G D "N4'" 1 
HETATM 677  C  "C5'" . 40G D 2 4  ? 8.812   -4.060  8.097   1.00 47.98 ? 4    40G D "C5'" 1 
HETATM 678  C  "C7'" . 40G D 2 4  ? 6.660   -3.046  8.092   1.00 29.03 ? 4    40G D "C7'" 1 
HETATM 679  O  "O7'" . 40G D 2 4  ? 6.616   -3.365  9.284   1.00 26.81 ? 4    40G D "O7'" 1 
HETATM 680  C  "C8'" . 40G D 2 4  ? 5.465   -2.431  7.394   1.00 21.89 ? 4    40G D "C8'" 1 
HETATM 681  C  C     . 40A D 2 5  ? 6.629   -5.980  5.225   1.00 27.70 ? 5    40A D C     1 
HETATM 682  N  N1    . 40A D 2 5  ? 2.509   0.328   6.692   1.00 21.82 ? 5    40A D N1    1 
HETATM 683  C  C2    . 40A D 2 5  ? 3.358   -0.118  5.786   1.00 25.42 ? 5    40A D C2    1 
HETATM 684  N  N3    . 40A D 2 5  ? 3.261   -1.339  5.282   1.00 21.95 ? 5    40A D N3    1 
HETATM 685  C  C4    . 40A D 2 5  ? 2.177   -2.068  5.635   1.00 24.22 ? 5    40A D C4    1 
HETATM 686  C  C5    . 40A D 2 5  ? 1.261   -1.615  6.579   1.00 21.86 ? 5    40A D C5    1 
HETATM 687  C  C6    . 40A D 2 5  ? 1.478   -0.376  7.165   1.00 23.80 ? 5    40A D C6    1 
HETATM 688  N  N6    . 40A D 2 5  ? 0.675   0.167   8.090   1.00 21.61 ? 5    40A D N6    1 
HETATM 689  N  N7    . 40A D 2 5  ? 0.416   -2.639  6.839   1.00 20.12 ? 5    40A D N7    1 
HETATM 690  C  C8    . 40A D 2 5  ? 0.702   -3.627  5.971   1.00 20.92 ? 5    40A D C8    1 
HETATM 691  N  N9    . 40A D 2 5  ? 1.796   -3.301  5.300   1.00 23.33 ? 5    40A D N9    1 
HETATM 692  N  N     . 40A D 2 5  ? 2.270   -6.995  2.457   1.00 18.47 ? 5    40A D N     1 
HETATM 693  O  O     . 40A D 2 5  ? 7.449   -6.672  5.826   1.00 48.23 ? 5    40A D O     1 
HETATM 694  C  CA    . 40A D 2 5  ? 3.705   -6.907  2.191   1.00 21.07 ? 5    40A D CA    1 
HETATM 695  C  C2M   . 40A D 2 5  ? 3.941   -6.984  0.682   1.00 22.74 ? 5    40A D C2M   1 
HETATM 696  C  "C3'" . 40A D 2 5  ? 4.294   -5.590  2.705   1.00 20.44 ? 5    40A D "C3'" 1 
HETATM 697  N  "N4'" . 40A D 2 5  ? 4.381   -5.671  4.179   1.00 21.01 ? 5    40A D "N4'" 1 
HETATM 698  C  "C5'" . 40A D 2 5  ? 5.317   -6.615  4.812   1.00 22.14 ? 5    40A D "C5'" 1 
HETATM 699  C  "C7'" . 40A D 2 5  ? 3.589   -4.944  4.967   1.00 23.85 ? 5    40A D "C7'" 1 
HETATM 700  O  "O7'" . 40A D 2 5  ? 3.703   -5.012  6.190   1.00 25.27 ? 5    40A D "O7'" 1 
HETATM 701  C  "C8'" . 40A D 2 5  ? 2.516   -4.092  4.310   1.00 23.41 ? 5    40A D "C8'" 1 
HETATM 702  C  C     . 40C D 2 6  ? 1.727   -8.007  3.202   1.00 23.34 ? 6    40C D C     1 
HETATM 703  N  N1    . 40C D 2 6  ? -1.950  -3.798  3.314   1.00 19.34 ? 6    40C D N1    1 
HETATM 704  C  C2    . 40C D 2 6  ? -0.993  -2.786  3.187   1.00 22.58 ? 6    40C D C2    1 
HETATM 705  O  O2    . 40C D 2 6  ? -0.040  -2.925  2.416   1.00 25.00 ? 6    40C D O2    1 
HETATM 706  N  N3    . 40C D 2 6  ? -1.094  -1.690  4.036   1.00 20.79 ? 6    40C D N3    1 
HETATM 707  C  C4    . 40C D 2 6  ? -2.052  -1.616  5.032   1.00 24.08 ? 6    40C D C4    1 
HETATM 708  N  N4    . 40C D 2 6  ? -2.099  -0.498  5.746   1.00 22.48 ? 6    40C D N4    1 
HETATM 709  C  C5    . 40C D 2 6  ? -3.033  -2.609  5.141   1.00 21.44 ? 6    40C D C5    1 
HETATM 710  C  C6    . 40C D 2 6  ? -2.976  -3.675  4.252   1.00 19.81 ? 6    40C D C6    1 
HETATM 711  N  N     . 40C D 2 6  ? -3.052  -8.130  1.238   1.00 21.94 ? 6    40C D N     1 
HETATM 712  O  O     . 40C D 2 6  ? 2.404   -8.859  3.814   1.00 25.00 ? 6    40C D O     1 
HETATM 713  C  CA    . 40C D 2 6  ? -1.684  -8.435  0.791   1.00 19.38 ? 6    40C D CA    1 
HETATM 714  C  C2M   . 40C D 2 6  ? -1.722  -8.664  -0.723  1.00 23.50 ? 6    40C D C2M   1 
HETATM 715  C  "C3'" . 40C D 2 6  ? -0.694  -7.309  1.029   1.00 16.60 ? 6    40C D "C3'" 1 
HETATM 716  N  "N4'" . 40C D 2 6  ? -0.508  -7.098  2.481   1.00 19.03 ? 6    40C D "N4'" 1 
HETATM 717  C  "C5'" . 40C D 2 6  ? 0.204   -8.122  3.280   1.00 23.07 ? 6    40C D "C5'" 1 
HETATM 718  C  "C7'" . 40C D 2 6  ? -0.932  -6.006  3.129   1.00 19.02 ? 6    40C D "C7'" 1 
HETATM 719  O  "O7'" . 40C D 2 6  ? -0.607  -5.776  4.310   1.00 21.39 ? 6    40C D "O7'" 1 
HETATM 720  C  "C8'" . 40C D 2 6  ? -1.844  -4.992  2.445   1.00 22.45 ? 6    40C D "C8'" 1 
HETATM 721  C  C     . 40A D 2 7  ? -3.623  -8.888  2.182   1.00 26.00 ? 7    40A D C     1 
HETATM 722  N  N1    . 40A D 2 7  ? -3.340  -1.328  1.332   1.00 24.93 ? 7    40A D N1    1 
HETATM 723  C  C2    . 40A D 2 7  ? -3.297  -2.406  0.569   1.00 23.06 ? 7    40A D C2    1 
HETATM 724  N  N3    . 40A D 2 7  ? -4.247  -3.313  0.679   1.00 23.52 ? 7    40A D N3    1 
HETATM 725  C  C4    . 40A D 2 7  ? -5.217  -3.233  1.586   1.00 22.36 ? 7    40A D C4    1 
HETATM 726  C  C5    . 40A D 2 7  ? -5.303  -2.099  2.380   1.00 19.97 ? 7    40A D C5    1 
HETATM 727  C  C6    . 40A D 2 7  ? -4.335  -1.119  2.203   1.00 23.83 ? 7    40A D C6    1 
HETATM 728  N  N6    . 40A D 2 7  ? -4.300  0.008   2.917   1.00 21.76 ? 7    40A D N6    1 
HETATM 729  N  N7    . 40A D 2 7  ? -6.398  -2.261  3.141   1.00 24.58 ? 7    40A D N7    1 
HETATM 730  C  C8    . 40A D 2 7  ? -6.970  -3.426  2.817   1.00 23.85 ? 7    40A D C8    1 
HETATM 731  N  N9    . 40A D 2 7  ? -6.270  -4.011  1.869   1.00 20.83 ? 7    40A D N9    1 
HETATM 732  N  N     . 40A D 2 7  ? -8.510  -8.079  0.768   1.00 20.36 ? 7    40A D N     1 
HETATM 733  O  O     . 40A D 2 7  ? -3.014  -9.725  2.869   1.00 22.24 ? 7    40A D O     1 
HETATM 734  C  CA    . 40A D 2 7  ? -7.398  -8.903  0.345   1.00 20.66 ? 7    40A D CA    1 
HETATM 735  C  C2M   . 40A D 2 7  ? -7.681  -9.426  -1.064  1.00 27.10 ? 7    40A D C2M   1 
HETATM 736  C  "C3'" . 40A D 2 7  ? -6.110  -8.084  0.205   1.00 22.10 ? 7    40A D "C3'" 1 
HETATM 737  N  "N4'" . 40A D 2 7  ? -5.660  -7.637  1.550   1.00 22.68 ? 7    40A D "N4'" 1 
HETATM 738  C  "C5'" . 40A D 2 7  ? -5.120  -8.715  2.433   1.00 21.06 ? 7    40A D "C5'" 1 
HETATM 739  C  "C7'" . 40A D 2 7  ? -5.738  -6.385  1.989   1.00 21.86 ? 7    40A D "C7'" 1 
HETATM 740  O  "O7'" . 40A D 2 7  ? -5.194  -5.963  3.031   1.00 20.97 ? 7    40A D "O7'" 1 
HETATM 741  C  "C8'" . 40A D 2 7  ? -6.493  -5.297  1.200   1.00 23.19 ? 7    40A D "C8'" 1 
HETATM 742  C  C     . 40C D 2 8  ? -9.197  -8.440  2.040   1.00 24.10 ? 8    40C D C     1 
HETATM 743  N  N1    . 40C D 2 8  ? -10.191 -3.048  1.129   1.00 24.07 ? 8    40C D N1    1 
HETATM 744  C  C2    . 40C D 2 8  ? -9.081  -2.839  0.285   1.00 22.55 ? 8    40C D C2    1 
HETATM 745  O  O2    . 40C D 2 8  ? -8.791  -3.678  -0.571  1.00 24.97 ? 8    40C D O2    1 
HETATM 746  N  N3    . 40C D 2 8  ? -8.313  -1.688  0.459   1.00 26.96 ? 8    40C D N3    1 
HETATM 747  C  C4    . 40C D 2 8  ? -8.660  -0.746  1.433   1.00 26.67 ? 8    40C D C4    1 
HETATM 748  N  N4    . 40C D 2 8  ? -7.898  0.343   1.572   1.00 29.23 ? 8    40C D N4    1 
HETATM 749  C  C5    . 40C D 2 8  ? -9.713  -0.991  2.316   1.00 22.38 ? 8    40C D C5    1 
HETATM 750  C  C6    . 40C D 2 8  ? -10.487 -2.136  2.136   1.00 22.85 ? 8    40C D C6    1 
HETATM 751  N  N     . 40C D 2 8  ? -13.782 -6.091  1.718   1.00 27.69 ? 8    40C D N     1 
HETATM 752  O  O     . 40C D 2 8  ? -8.813  -9.454  2.651   1.00 29.12 ? 8    40C D O     1 
HETATM 753  C  CA    . 40C D 2 8  ? -13.223 -7.316  1.150   1.00 27.08 ? 8    40C D CA    1 
HETATM 754  C  C2M   . 40C D 2 8  ? -14.142 -7.756  0.027   1.00 33.88 ? 8    40C D C2M   1 
HETATM 755  C  "C3'" . 40C D 2 8  ? -11.831 -7.080  0.578   1.00 28.35 ? 8    40C D "C3'" 1 
HETATM 756  N  "N4'" . 40C D 2 8  ? -10.894 -6.642  1.611   1.00 25.98 ? 8    40C D "N4'" 1 
HETATM 757  C  "C5'" . 40C D 2 8  ? -10.350 -7.614  2.597   1.00 26.43 ? 8    40C D "C5'" 1 
HETATM 758  C  "C7'" . 40C D 2 8  ? -10.432 -5.403  1.752   1.00 27.65 ? 8    40C D "C7'" 1 
HETATM 759  O  "O7'" . 40C D 2 8  ? -9.559  -5.160  2.598   1.00 22.46 ? 8    40C D "O7'" 1 
HETATM 760  C  "C8'" . 40C D 2 8  ? -10.989 -4.277  0.886   1.00 22.36 ? 8    40C D "C8'" 1 
HETATM 761  C  C     . 40C D 2 9  ? -14.005 -5.965  3.023   1.00 41.28 ? 9    40C D C     1 
HETATM 762  N  N1    . 40C D 2 9  ? -14.035 -0.749  1.192   1.00 27.11 ? 9    40C D N1    1 
HETATM 763  C  C2    . 40C D 2 9  ? -13.116 -0.976  0.179   1.00 27.02 ? 9    40C D C2    1 
HETATM 764  O  O2    . 40C D 2 9  ? -13.089 -2.010  -0.494  1.00 32.13 ? 9    40C D O2    1 
HETATM 765  N  N3    . 40C D 2 9  ? -12.078 -0.055  -0.042  1.00 27.77 ? 9    40C D N3    1 
HETATM 766  C  C4    . 40C D 2 9  ? -11.950 1.084   0.739   1.00 29.81 ? 9    40C D C4    1 
HETATM 767  N  N4    . 40C D 2 9  ? -10.924 1.910   0.513   1.00 31.33 ? 9    40C D N4    1 
HETATM 768  C  C5    . 40C D 2 9  ? -12.890 1.313   1.736   1.00 27.26 ? 9    40C D C5    1 
HETATM 769  C  C6    . 40C D 2 9  ? -13.866 0.369   2.028   1.00 27.39 ? 9    40C D C6    1 
HETATM 770  N  N     . 40C D 2 9  ? -18.098 -2.533  3.173   1.00 41.53 ? 9    40C D N     1 
HETATM 771  O  O     . 40C D 2 9  ? -13.431 -6.749  3.804   1.00 37.57 ? 9    40C D O     1 
HETATM 772  C  CA    . 40C D 2 9  ? -17.873 -3.912  2.736   1.00 40.84 ? 9    40C D CA    1 
HETATM 773  C  C2M   . 40C D 2 9  ? -19.058 -4.236  1.810   1.00 64.04 ? 9    40C D C2M   1 
HETATM 774  C  "C3'" . 40C D 2 9  ? -16.635 -4.012  1.848   1.00 43.94 ? 9    40C D "C3'" 1 
HETATM 775  N  "N4'" . 40C D 2 9  ? -15.387 -3.876  2.601   1.00 33.62 ? 9    40C D "N4'" 1 
HETATM 776  C  "C5'" . 40C D 2 9  ? -14.954 -4.909  3.550   1.00 35.23 ? 9    40C D "C5'" 1 
HETATM 777  C  "C7'" . 40C D 2 9  ? -14.624 -2.793  2.430   1.00 32.25 ? 9    40C D "C7'" 1 
HETATM 778  O  "O7'" . 40C D 2 9  ? -13.550 -2.674  3.022   1.00 28.37 ? 9    40C D "O7'" 1 
HETATM 779  C  "C8'" . 40C D 2 9  ? -15.138 -1.708  1.482   1.00 28.97 ? 9    40C D "C8'" 1 
HETATM 780  C  C     . 40A D 2 10 ? -18.077 -2.160  4.445   1.00 45.39 ? 10   40A D C     1 
HETATM 781  N  N1    . 40A D 2 10 ? -14.958 0.692   -2.145  1.00 38.16 ? 10   40A D N1    1 
HETATM 782  C  C2    . 40A D 2 10 ? -15.896 -0.158  -1.780  1.00 44.97 ? 10   40A D C2    1 
HETATM 783  N  N3    . 40A D 2 10 ? -16.729 0.098   -0.793  1.00 38.66 ? 10   40A D N3    1 
HETATM 784  C  C4    . 40A D 2 10 ? -16.676 1.257   -0.131  1.00 31.41 ? 10   40A D C4    1 
HETATM 785  C  C5    . 40A D 2 10 ? -15.642 2.148   -0.449  1.00 29.40 ? 10   40A D C5    1 
HETATM 786  C  C6    . 40A D 2 10 ? -14.726 1.788   -1.421  1.00 34.52 ? 10   40A D C6    1 
HETATM 787  N  N6    . 40A D 2 10 ? -13.771 2.635   -1.828  1.00 41.30 ? 10   40A D N6    1 
HETATM 788  N  N7    . 40A D 2 10 ? -15.759 3.170   0.390   1.00 32.97 ? 10   40A D N7    1 
HETATM 789  C  C8    . 40A D 2 10 ? -16.818 2.964   1.176   1.00 29.41 ? 10   40A D C8    1 
HETATM 790  N  N9    . 40A D 2 10 ? -17.365 1.806   0.856   1.00 35.63 ? 10   40A D N9    1 
HETATM 791  N  N     . 40A D 2 10 ? -21.126 1.944   3.967   1.00 35.39 ? 10   40A D N     1 
HETATM 792  O  O     . 40A D 2 10 ? -17.602 -2.863  5.336   1.00 50.15 ? 10   40A D O     1 
HETATM 793  C  CA    . 40A D 2 10 ? -21.399 0.488   4.021   1.00 41.92 ? 10   40A D CA    1 
HETATM 794  C  C2M   . 40A D 2 10 ? -22.844 0.305   3.557   1.00 65.32 ? 10   40A D C2M   1 
HETATM 795  C  "C3'" . 40A D 2 10 ? -20.502 -0.270  3.053   1.00 35.62 ? 10   40A D "C3'" 1 
HETATM 796  N  "N4'" . 40A D 2 10 ? -19.095 -0.148  3.480   1.00 41.02 ? 10   40A D "N4'" 1 
HETATM 797  C  "C5'" . 40A D 2 10 ? -18.685 -0.786  4.753   1.00 41.84 ? 10   40A D "C5'" 1 
HETATM 798  C  "C7'" . 40A D 2 10 ? -18.170 0.525   2.795   1.00 46.94 ? 10   40A D "C7'" 1 
HETATM 799  O  "O7'" . 40A D 2 10 ? -17.013 0.606   3.212   1.00 39.21 ? 10   40A D "O7'" 1 
HETATM 800  C  "C8'" . 40A D 2 10 ? -18.540 1.220   1.491   1.00 46.79 ? 10   40A D "C8'" 1 
HETATM 801  C  C     . 40G D 2 11 ? -20.831 2.486   5.252   1.00 39.60 ? 11   40G D C     1 
HETATM 802  N  N1    . 40G D 2 11 ? -18.368 3.181   -2.075  1.00 34.82 ? 11   40G D N1    1 
HETATM 803  C  C2    . 40G D 2 11 ? -19.517 2.664   -1.447  1.00 36.81 ? 11   40G D C2    1 
HETATM 804  N  N2    . 40G D 2 11 ? -19.995 1.500   -1.890  1.00 35.16 ? 11   40G D N2    1 
HETATM 805  N  N3    . 40G D 2 11 ? -20.136 3.393   -0.520  1.00 34.54 ? 11   40G D N3    1 
HETATM 806  C  C4    . 40G D 2 11 ? -19.614 4.532   -0.036  1.00 37.61 ? 11   40G D C4    1 
HETATM 807  C  C5    . 40G D 2 11 ? -18.472 5.079   -0.615  1.00 39.22 ? 11   40G D C5    1 
HETATM 808  C  C6    . 40G D 2 11 ? -17.855 4.411   -1.652  1.00 32.25 ? 11   40G D C6    1 
HETATM 809  O  O6    . 40G D 2 11 ? -16.854 4.920   -2.159  1.00 55.44 ? 11   40G D O6    1 
HETATM 810  N  N7    . 40G D 2 11 ? -18.141 6.188   0.040   1.00 44.39 ? 11   40G D N7    1 
HETATM 811  C  C8    . 40G D 2 11 ? -19.092 6.404   0.947   1.00 45.47 ? 11   40G D C8    1 
HETATM 812  N  N9    . 40G D 2 11 ? -19.934 5.392   0.907   1.00 38.19 ? 11   40G D N9    1 
HETATM 813  N  N     . 40G D 2 11 ? -23.652 3.521   5.839   1.00 71.58 ? 11   40G D N     1 
HETATM 814  O  O     . 40G D 2 11 ? -20.603 1.775   6.227   1.00 49.73 ? 11   40G D O     1 
HETATM 815  C  CA    . 40G D 2 11 ? -23.660 4.747   5.054   1.00 60.07 ? 11   40G D CA    1 
HETATM 816  C  C2M   . 40G D 2 11 ? -23.285 5.921   5.953   1.00 98.73 ? 11   40G D C2M   1 
HETATM 817  C  "C3'" . 40G D 2 11 ? -22.769 4.725   3.838   1.00 48.77 ? 11   40G D "C3'" 1 
HETATM 818  N  "N4'" . 40G D 2 11 ? -21.348 4.508   4.062   1.00 46.72 ? 11   40G D "N4'" 1 
HETATM 819  C  "C5'" . 40G D 2 11 ? -20.823 4.015   5.351   1.00 47.75 ? 11   40G D "C5'" 1 
HETATM 820  C  "C7'" . 40G D 2 11 ? -20.463 4.719   3.093   1.00 48.98 ? 11   40G D "C7'" 1 
HETATM 821  O  "O7'" . 40G D 2 11 ? -19.249 4.510   3.115   1.00 41.78 ? 11   40G D "O7'" 1 
HETATM 822  C  "C8'" . 40G D 2 11 ? -21.074 5.282   1.802   1.00 36.05 ? 11   40G D "C8'" 1 
HETATM 823  C  C1    . EDO E 3 .  ? -13.271 -10.488 3.781   1.00 49.85 ? 11   EDO A C1    1 
HETATM 824  O  O1    . EDO E 3 .  ? -12.950 -10.319 2.398   1.00 28.89 ? 11   EDO A O1    1 
HETATM 825  C  C2    . EDO E 3 .  ? -12.778 -9.292  4.593   1.00 40.80 ? 11   EDO A C2    1 
HETATM 826  O  O2    . EDO E 3 .  ? -13.687 -9.027  5.664   1.00 51.86 ? 11   EDO A O2    1 
HETATM 827  ZN ZN    . ZN  F 4 .  ? 3.908   7.100   -4.347  0.43 23.00 ? 12   ZN  C ZN    1 
HETATM 828  C  C1    . EDO G 3 .  ? -3.180  -7.929  -4.450  1.00 55.77 ? 13   EDO C C1    1 
HETATM 829  O  O1    . EDO G 3 .  ? -2.390  -9.035  -3.993  1.00 40.04 ? 13   EDO C O1    1 
HETATM 830  C  C2    . EDO G 3 .  ? -3.834  -7.222  -3.261  1.00 59.25 ? 13   EDO C C2    1 
HETATM 831  O  O2    . EDO G 3 .  ? -3.320  -5.891  -3.142  1.00 36.60 ? 13   EDO C O2    1 
HETATM 832  ZN ZN    . ZN  H 4 .  ? 1.093   -3.609  10.698  0.40 24.97 ? 12   ZN  D ZN    1 
HETATM 833  C  C1    . EDO I 3 .  ? -17.755 -8.968  2.900   1.00 63.99 ? 13   EDO D C1    1 
HETATM 834  O  O1    . EDO I 3 .  ? -16.869 -9.976  3.405   1.00 61.60 ? 13   EDO D O1    1 
HETATM 835  C  C2    . EDO I 3 .  ? -16.996 -7.636  2.808   1.00 40.49 ? 13   EDO D C2    1 
HETATM 836  O  O2    . EDO I 3 .  ? -16.056 -7.608  3.893   1.00 57.42 ? 13   EDO D O2    1 
HETATM 837  C  C1    . EDO J 3 .  ? 13.846  1.571   10.690  1.00 54.00 ? 14   EDO D C1    1 
HETATM 838  O  O1    . EDO J 3 .  ? 13.655  0.572   11.701  1.00 40.34 ? 14   EDO D O1    1 
HETATM 839  C  C2    . EDO J 3 .  ? 12.543  2.310   10.404  1.00 44.17 ? 14   EDO D C2    1 
HETATM 840  O  O2    . EDO J 3 .  ? 12.660  3.688   10.731  1.00 43.17 ? 14   EDO D O2    1 
HETATM 841  C  C1    . EDO K 3 .  ? 11.820  -2.500  3.778   1.00 36.62 ? 15   EDO D C1    1 
HETATM 842  O  O1    . EDO K 3 .  ? 13.192  -2.886  3.848   1.00 70.08 ? 15   EDO D O1    1 
HETATM 843  C  C2    . EDO K 3 .  ? 11.411  -1.838  5.109   1.00 26.86 ? 15   EDO D C2    1 
HETATM 844  O  O2    . EDO K 3 .  ? 11.113  -0.456  4.827   1.00 44.95 ? 15   EDO D O2    1 
HETATM 845  O  O     . HOH L 5 .  ? -0.276  -4.781  11.913  1.00 28.01 ? 12   HOH A O     1 
HETATM 846  O  O     . HOH L 5 .  ? -4.139  -0.668  8.026   1.00 25.27 ? 13   HOH A O     1 
HETATM 847  O  O     . HOH L 5 .  ? -17.238 -9.519  7.859   1.00 39.88 ? 14   HOH A O     1 
HETATM 848  O  O     . HOH L 5 .  ? -10.853 -9.403  14.300  1.00 44.55 ? 15   HOH A O     1 
HETATM 849  O  O     . HOH L 5 .  ? 0.248   -18.950 11.293  1.00 34.14 ? 1028 HOH A O     1 
HETATM 850  O  O     . HOH L 5 .  ? -7.868  -5.705  10.572  1.00 39.65 ? 1031 HOH A O     1 
HETATM 851  O  O     . HOH L 5 .  ? -2.356  -15.801 10.462  1.00 35.79 ? 1035 HOH A O     1 
HETATM 852  O  O     . HOH L 5 .  ? -0.876  -22.806 9.886   1.00 36.85 ? 1043 HOH A O     1 
HETATM 853  O  O     . HOH L 5 .  ? 2.878   -18.595 12.529  1.00 39.27 ? 1048 HOH A O     1 
HETATM 854  O  O     . HOH L 5 .  ? 3.194   -12.718 4.336   1.00 32.06 ? 1052 HOH A O     1 
HETATM 855  O  O     . HOH L 5 .  ? -4.663  -16.472 10.017  1.00 59.72 ? 1058 HOH A O     1 
HETATM 856  O  O     . HOH L 5 .  ? -17.496 -1.656  7.820   1.00 47.65 ? 1065 HOH A O     1 
HETATM 857  O  O     . HOH L 5 .  ? -25.226 -13.945 16.776  1.00 67.94 ? 1079 HOH A O     1 
HETATM 858  O  O     . HOH L 5 .  ? -10.908 1.352   5.202   1.00 71.48 ? 1082 HOH A O     1 
HETATM 859  O  O     . HOH L 5 .  ? -6.336  -11.870 12.238  1.00 38.49 ? 1083 HOH A O     1 
HETATM 860  O  O     . HOH L 5 .  ? -21.674 -14.728 25.148  1.00 41.38 ? 1090 HOH A O     1 
HETATM 861  O  O     . HOH L 5 .  ? 4.460   -5.929  11.185  1.00 38.85 ? 1091 HOH A O     1 
HETATM 862  O  O     . HOH L 5 .  ? -23.808 -16.941 20.795  1.00 57.89 ? 1095 HOH A O     1 
HETATM 863  O  O     . HOH L 5 .  ? -5.562  -18.903 10.452  1.00 55.43 ? 1098 HOH A O     1 
HETATM 864  O  O     . HOH L 5 .  ? 10.708  -24.266 14.861  1.00 51.62 ? 1099 HOH A O     1 
HETATM 865  O  O     . HOH L 5 .  ? -1.028  -16.743 12.311  1.00 40.06 ? 1103 HOH A O     1 
HETATM 866  O  O     . HOH L 5 .  ? 4.252   -7.693  12.523  1.00 40.56 ? 1104 HOH A O     1 
HETATM 867  O  O     . HOH L 5 .  ? -9.553  -7.882  11.648  1.00 31.33 ? 1109 HOH A O     1 
HETATM 868  O  O     . HOH L 5 .  ? -12.193 -8.152  13.990  1.00 50.62 ? 1110 HOH A O     1 
HETATM 869  O  O     . HOH L 5 .  ? -2.631  -11.878 10.799  1.00 33.63 ? 1115 HOH A O     1 
HETATM 870  O  O     . HOH L 5 .  ? -14.029 -5.747  12.422  1.00 42.16 ? 1117 HOH A O     1 
HETATM 871  O  O     . HOH L 5 .  ? 1.216   -10.795 12.019  1.00 42.97 ? 1128 HOH A O     1 
HETATM 872  O  O     . HOH L 5 .  ? -3.002  -8.212  11.782  1.00 46.74 ? 1129 HOH A O     1 
HETATM 873  O  O     . HOH L 5 .  ? 3.903   -29.908 12.437  1.00 49.57 ? 1137 HOH A O     1 
HETATM 874  O  O     . HOH L 5 .  ? 1.747   -8.009  12.706  1.00 45.61 ? 1145 HOH A O     1 
HETATM 875  O  O     . HOH L 5 .  ? -7.560  -1.926  9.613   1.00 47.00 ? 1146 HOH A O     1 
HETATM 876  O  O     . HOH L 5 .  ? 7.156   -12.311 14.119  1.00 62.60 ? 1152 HOH A O     1 
HETATM 877  O  O     . HOH L 5 .  ? -0.404  -9.588  10.481  1.00 35.55 ? 1156 HOH A O     1 
HETATM 878  O  O     . HOH L 5 .  ? -3.516  -13.895 10.849  1.00 47.46 ? 1157 HOH A O     1 
HETATM 879  O  O     . HOH L 5 .  ? -9.614  -0.404  6.642   1.00 57.66 ? 1165 HOH A O     1 
HETATM 880  O  O     . HOH L 5 .  ? 3.018   -28.621 14.307  1.00 69.40 ? 1180 HOH A O     1 
HETATM 881  O  O     . HOH L 5 .  ? -21.358 -17.299 24.140  1.00 54.13 ? 1181 HOH A O     1 
HETATM 882  O  O     . HOH L 5 .  ? -19.949 -2.759  15.575  1.00 52.16 ? 1183 HOH A O     1 
HETATM 883  O  O     . HOH L 5 .  ? 9.856   -21.576 13.470  1.00 58.79 ? 1187 HOH A O     1 
HETATM 884  O  O     . HOH L 5 .  ? -6.168  -15.997 11.527  1.00 42.77 ? 1188 HOH A O     1 
HETATM 885  O  O     . HOH L 5 .  ? 2.486   -19.944 14.477  1.00 66.01 ? 1194 HOH A O     1 
HETATM 886  O  O     . HOH L 5 .  ? -1.903  -24.040 11.814  1.00 60.06 ? 1198 HOH A O     1 
HETATM 887  O  O     . HOH L 5 .  ? 11.538  -20.067 10.293  1.00 59.84 ? 1204 HOH A O     1 
HETATM 888  O  O     . HOH M 5 .  ? -3.044  3.577   -1.077  1.00 36.10 ? 11   HOH B O     1 
HETATM 889  O  O     . HOH M 5 .  ? 3.154   8.907   -3.596  1.00 24.03 ? 12   HOH B O     1 
HETATM 890  O  O     . HOH M 5 .  ? 0.388   5.494   6.390   1.00 33.30 ? 13   HOH B O     1 
HETATM 891  O  O     . HOH M 5 .  ? 1.868   6.552   -4.885  1.00 22.97 ? 14   HOH B O     1 
HETATM 892  O  O     . HOH M 5 .  ? -6.106  3.063   -3.279  1.00 39.97 ? 15   HOH B O     1 
HETATM 893  O  O     . HOH M 5 .  ? 0.803   7.685   2.266   1.00 42.66 ? 1027 HOH B O     1 
HETATM 894  O  O     . HOH M 5 .  ? -1.466  3.417   14.036  1.00 43.23 ? 1034 HOH B O     1 
HETATM 895  O  O     . HOH M 5 .  ? -12.241 -5.571  -2.842  1.00 35.57 ? 1038 HOH B O     1 
HETATM 896  O  O     . HOH M 5 .  ? -9.462  -5.443  -4.596  1.00 56.91 ? 1045 HOH B O     1 
HETATM 897  O  O     . HOH M 5 .  ? 3.740   4.267   -7.644  1.00 27.11 ? 1047 HOH B O     1 
HETATM 898  O  O     . HOH M 5 .  ? -11.678 -8.071  -2.515  1.00 55.69 ? 1049 HOH B O     1 
HETATM 899  O  O     . HOH M 5 .  ? -0.917  3.419   9.962   1.00 39.60 ? 1050 HOH B O     1 
HETATM 900  O  O     . HOH M 5 .  ? -3.183  4.060   3.195   1.00 39.43 ? 1054 HOH B O     1 
HETATM 901  O  O     . HOH M 5 .  ? 6.280   6.580   20.378  1.00 73.53 ? 1059 HOH B O     1 
HETATM 902  O  O     . HOH M 5 .  ? -0.392  6.423   -1.399  1.00 48.41 ? 1061 HOH B O     1 
HETATM 903  O  O     . HOH M 5 .  ? -1.390  -0.975  16.612  1.00 55.67 ? 1063 HOH B O     1 
HETATM 904  O  O     . HOH M 5 .  ? -8.935  2.783   -3.367  1.00 64.70 ? 1064 HOH B O     1 
HETATM 905  O  O     . HOH M 5 .  ? -4.541  2.148   -5.933  1.00 44.79 ? 1072 HOH B O     1 
HETATM 906  O  O     . HOH M 5 .  ? -16.449 -4.154  -2.516  1.00 52.64 ? 1086 HOH B O     1 
HETATM 907  O  O     . HOH M 5 .  ? -8.337  1.887   -8.845  1.00 58.38 ? 1092 HOH B O     1 
HETATM 908  O  O     . HOH M 5 .  ? -1.568  4.987   11.924  1.00 51.91 ? 1097 HOH B O     1 
HETATM 909  O  O     . HOH M 5 .  ? -6.728  2.533   -6.968  1.00 58.49 ? 1102 HOH B O     1 
HETATM 910  O  O     . HOH M 5 .  ? -11.048 1.470   -9.540  1.00 48.80 ? 1105 HOH B O     1 
HETATM 911  O  O     . HOH M 5 .  ? -7.527  4.371   -5.150  1.00 64.47 ? 1106 HOH B O     1 
HETATM 912  O  O     . HOH M 5 .  ? -5.825  3.265   -0.634  1.00 39.39 ? 1119 HOH B O     1 
HETATM 913  O  O     . HOH M 5 .  ? -7.125  4.644   -1.925  1.00 80.82 ? 1120 HOH B O     1 
HETATM 914  O  O     . HOH M 5 .  ? -0.940  3.377   -8.982  1.00 57.41 ? 1126 HOH B O     1 
HETATM 915  O  O     . HOH M 5 .  ? -4.318  3.953   0.860   1.00 56.62 ? 1140 HOH B O     1 
HETATM 916  O  O     . HOH M 5 .  ? -0.658  12.094  19.762  1.00 56.06 ? 1142 HOH B O     1 
HETATM 917  O  O     . HOH M 5 .  ? 2.931   9.453   -0.738  1.00 47.41 ? 1147 HOH B O     1 
HETATM 918  O  O     . HOH M 5 .  ? 1.704   7.704   7.047   1.00 36.73 ? 1153 HOH B O     1 
HETATM 919  O  O     . HOH M 5 .  ? -1.194  -1.188  -11.242 1.00 40.67 ? 1158 HOH B O     1 
HETATM 920  O  O     . HOH M 5 .  ? -1.106  4.299   -3.659  1.00 59.98 ? 1159 HOH B O     1 
HETATM 921  O  O     . HOH M 5 .  ? -8.894  -4.568  -12.155 1.00 49.36 ? 1162 HOH B O     1 
HETATM 922  O  O     . HOH M 5 .  ? 7.878   4.812   11.817  1.00 52.42 ? 1175 HOH B O     1 
HETATM 923  O  O     . HOH M 5 .  ? 3.947   14.511  22.038  1.00 67.91 ? 1178 HOH B O     1 
HETATM 924  O  O     . HOH M 5 .  ? -10.997 -1.167  -12.801 1.00 50.65 ? 1179 HOH B O     1 
HETATM 925  O  O     . HOH M 5 .  ? 1.935   11.182  5.430   1.00 53.54 ? 1186 HOH B O     1 
HETATM 926  O  O     . HOH M 5 .  ? 4.693   12.972  6.481   1.00 60.65 ? 1190 HOH B O     1 
HETATM 927  O  O     . HOH M 5 .  ? -3.009  6.992   -0.730  1.00 64.97 ? 1191 HOH B O     1 
HETATM 928  O  O     . HOH M 5 .  ? 3.202   13.196  10.471  1.00 68.88 ? 1200 HOH B O     1 
HETATM 929  O  O     . HOH M 5 .  ? 9.788   7.125   9.110   1.00 61.11 ? 1201 HOH B O     1 
HETATM 930  O  O     . HOH M 5 .  ? -3.466  3.848   -4.906  1.00 53.44 ? 1203 HOH B O     1 
HETATM 931  O  O     . HOH M 5 .  ? 4.702   10.502  0.762   1.00 35.14 ? 1207 HOH B O     1 
HETATM 932  O  O     . HOH M 5 .  ? -2.055  3.586   5.732   1.00 52.06 ? 1210 HOH B O     1 
HETATM 933  O  O     . HOH N 5 .  ? 4.555   5.365   -5.308  1.00 21.94 ? 14   HOH C O     1 
HETATM 934  O  O     . HOH N 5 .  ? 3.804   8.061   -6.303  1.00 23.07 ? 15   HOH C O     1 
HETATM 935  O  O     . HOH N 5 .  ? -0.739  -11.340 -3.279  1.00 29.13 ? 16   HOH C O     1 
HETATM 936  O  O     . HOH N 5 .  ? 9.643   14.618  -3.926  1.00 27.77 ? 1001 HOH C O     1 
HETATM 937  O  O     . HOH N 5 .  ? 8.040   16.877  -6.986  1.00 40.94 ? 1002 HOH C O     1 
HETATM 938  O  O     . HOH N 5 .  ? 10.955  10.341  -1.734  1.00 20.86 ? 1003 HOH C O     1 
HETATM 939  O  O     . HOH N 5 .  ? 11.657  5.106   -1.359  1.00 20.73 ? 1004 HOH C O     1 
HETATM 940  O  O     . HOH N 5 .  ? 10.110  -0.386  -2.113  1.00 24.21 ? 1005 HOH C O     1 
HETATM 941  O  O     . HOH N 5 .  ? 6.435   -4.562  -3.571  1.00 22.65 ? 1006 HOH C O     1 
HETATM 942  O  O     . HOH N 5 .  ? 2.789   -7.216  -6.182  1.00 28.61 ? 1007 HOH C O     1 
HETATM 943  O  O     . HOH N 5 .  ? -0.670  -8.386  -10.925 1.00 48.41 ? 1008 HOH C O     1 
HETATM 944  O  O     . HOH N 5 .  ? -3.278  -7.436  -15.302 1.00 40.24 ? 1009 HOH C O     1 
HETATM 945  O  O     . HOH N 5 .  ? -4.313  -6.157  -20.348 1.00 33.38 ? 1010 HOH C O     1 
HETATM 946  O  O     . HOH N 5 .  ? -0.566  -3.860  -0.843  1.00 18.91 ? 1012 HOH C O     1 
HETATM 947  O  O     . HOH N 5 .  ? -3.830  -5.953  -0.515  1.00 21.85 ? 1016 HOH C O     1 
HETATM 948  O  O     . HOH N 5 .  ? 12.205  10.227  3.647   1.00 33.26 ? 1022 HOH C O     1 
HETATM 949  O  O     . HOH N 5 .  ? 7.946   -2.087  3.004   1.00 29.50 ? 1024 HOH C O     1 
HETATM 950  O  O     . HOH N 5 .  ? 11.441  15.845  2.550   1.00 63.54 ? 1025 HOH C O     1 
HETATM 951  O  O     . HOH N 5 .  ? 13.276  10.563  -4.607  1.00 38.58 ? 1032 HOH C O     1 
HETATM 952  O  O     . HOH N 5 .  ? -1.139  -0.784  -16.328 1.00 61.26 ? 1033 HOH C O     1 
HETATM 953  O  O     . HOH N 5 .  ? 2.711   0.752   -9.110  1.00 24.75 ? 1036 HOH C O     1 
HETATM 954  O  O     . HOH N 5 .  ? 9.782   7.076   5.236   1.00 52.46 ? 1040 HOH C O     1 
HETATM 955  O  O     . HOH N 5 .  ? 11.477  12.292  4.818   1.00 54.12 ? 1042 HOH C O     1 
HETATM 956  O  O     . HOH N 5 .  ? 6.805   0.717   4.874   1.00 47.26 ? 1046 HOH C O     1 
HETATM 957  O  O     . HOH N 5 .  ? -0.213  12.551  -4.073  1.00 35.27 ? 1051 HOH C O     1 
HETATM 958  O  O     . HOH N 5 .  ? 12.314  16.515  0.411   1.00 48.40 ? 1056 HOH C O     1 
HETATM 959  O  O     . HOH N 5 .  ? 1.567   10.264  -5.314  1.00 39.22 ? 1067 HOH C O     1 
HETATM 960  O  O     . HOH N 5 .  ? 4.559   0.085   -12.726 1.00 38.56 ? 1069 HOH C O     1 
HETATM 961  O  O     . HOH N 5 .  ? -6.383  -6.222  -3.376  1.00 40.81 ? 1070 HOH C O     1 
HETATM 962  O  O     . HOH N 5 .  ? -5.714  -9.264  -17.580 1.00 66.07 ? 1071 HOH C O     1 
HETATM 963  O  O     . HOH N 5 .  ? 2.732   -2.264  -18.319 1.00 53.30 ? 1073 HOH C O     1 
HETATM 964  O  O     . HOH N 5 .  ? 8.296   11.598  7.931   1.00 73.05 ? 1078 HOH C O     1 
HETATM 965  O  O     . HOH N 5 .  ? 8.215   10.418  4.858   1.00 41.86 ? 1080 HOH C O     1 
HETATM 966  O  O     . HOH N 5 .  ? 0.809   0.574   -10.986 1.00 47.57 ? 1088 HOH C O     1 
HETATM 967  O  O     . HOH N 5 .  ? -6.350  -5.820  -9.430  1.00 52.18 ? 1101 HOH C O     1 
HETATM 968  O  O     . HOH N 5 .  ? 5.495   -8.177  -2.711  1.00 53.65 ? 1118 HOH C O     1 
HETATM 969  O  O     . HOH N 5 .  ? 10.148  -3.480  1.396   1.00 35.98 ? 1123 HOH C O     1 
HETATM 970  O  O     . HOH N 5 .  ? 2.029   -11.050 -4.002  1.00 41.83 ? 1124 HOH C O     1 
HETATM 971  O  O     . HOH N 5 .  ? 9.872   -6.080  1.461   1.00 29.64 ? 1131 HOH C O     1 
HETATM 972  O  O     . HOH N 5 .  ? 7.517   -7.583  2.052   1.00 25.30 ? 1132 HOH C O     1 
HETATM 973  O  O     . HOH N 5 .  ? -6.259  1.001   -22.407 1.00 50.66 ? 1134 HOH C O     1 
HETATM 974  O  O     . HOH N 5 .  ? -8.306  -7.389  -15.679 1.00 43.73 ? 1135 HOH C O     1 
HETATM 975  O  O     . HOH N 5 .  ? 1.609   -9.657  -8.952  1.00 35.16 ? 1136 HOH C O     1 
HETATM 976  O  O     . HOH N 5 .  ? 4.952   1.559   -10.507 1.00 29.99 ? 1138 HOH C O     1 
HETATM 977  O  O     . HOH N 5 .  ? 4.083   -1.382  -16.438 1.00 45.93 ? 1139 HOH C O     1 
HETATM 978  O  O     . HOH N 5 .  ? -5.855  -5.991  -6.171  1.00 52.29 ? 1141 HOH C O     1 
HETATM 979  O  O     . HOH N 5 .  ? 3.251   -3.557  -20.984 1.00 53.76 ? 1143 HOH C O     1 
HETATM 980  O  O     . HOH N 5 .  ? 9.940   13.842  4.363   1.00 47.92 ? 1144 HOH C O     1 
HETATM 981  O  O     . HOH N 5 .  ? 4.923   12.831  0.750   1.00 43.58 ? 1148 HOH C O     1 
HETATM 982  O  O     . HOH N 5 .  ? 5.553   -7.493  -20.745 1.00 60.21 ? 1149 HOH C O     1 
HETATM 983  O  O     . HOH N 5 .  ? -7.675  -7.322  -5.696  1.00 57.67 ? 1155 HOH C O     1 
HETATM 984  O  O     . HOH N 5 .  ? -5.064  -1.320  -12.198 1.00 54.90 ? 1163 HOH C O     1 
HETATM 985  O  O     . HOH N 5 .  ? 10.423  21.307  -2.094  1.00 44.96 ? 1164 HOH C O     1 
HETATM 986  O  O     . HOH N 5 .  ? 8.181   17.801  2.847   1.00 46.16 ? 1168 HOH C O     1 
HETATM 987  O  O     . HOH N 5 .  ? -0.970  -9.942  -12.842 1.00 54.11 ? 1189 HOH C O     1 
HETATM 988  O  O     . HOH N 5 .  ? 12.291  13.905  -4.556  1.00 44.20 ? 1208 HOH C O     1 
HETATM 989  O  O     . HOH N 5 .  ? 7.941   -8.346  -1.035  1.00 46.36 ? 1209 HOH C O     1 
HETATM 990  O  O     . HOH O 5 .  ? 2.531   -4.150  12.136  1.00 30.42 ? 16   HOH D O     1 
HETATM 991  O  O     . HOH O 5 .  ? -0.543  -3.034  9.521   1.00 24.62 ? 17   HOH D O     1 
HETATM 992  O  O     . HOH O 5 .  ? 0.520   -2.020  12.031  1.00 25.89 ? 18   HOH D O     1 
HETATM 993  O  O     . HOH O 5 .  ? 1.575   -10.206 0.583   1.00 21.35 ? 19   HOH D O     1 
HETATM 994  O  O     . HOH O 5 .  ? 4.539   -10.353 4.172   1.00 30.64 ? 20   HOH D O     1 
HETATM 995  O  O     . HOH O 5 .  ? 5.259   -6.052  8.700   1.00 36.30 ? 21   HOH D O     1 
HETATM 996  O  O     . HOH O 5 .  ? -0.640  -11.881 -0.358  1.00 25.85 ? 22   HOH D O     1 
HETATM 997  O  O     . HOH O 5 .  ? 8.641   1.922   12.866  1.00 28.91 ? 1011 HOH D O     1 
HETATM 998  O  O     . HOH O 5 .  ? 7.971   -0.056  7.850   1.00 27.52 ? 1013 HOH D O     1 
HETATM 999  O  O     . HOH O 5 .  ? 1.325   -4.775  0.969   1.00 20.43 ? 1015 HOH D O     1 
HETATM 1000 O  O     . HOH O 5 .  ? -9.188  -6.111  -1.076  1.00 24.79 ? 1017 HOH D O     1 
HETATM 1001 O  O     . HOH O 5 .  ? -14.234 -4.578  -0.601  1.00 33.86 ? 1018 HOH D O     1 
HETATM 1002 O  O     . HOH O 5 .  ? -18.375 -1.810  0.510   1.00 40.22 ? 1019 HOH D O     1 
HETATM 1003 O  O     . HOH O 5 .  ? -22.059 2.517   1.731   1.00 57.38 ? 1020 HOH D O     1 
HETATM 1004 O  O     . HOH O 5 .  ? -18.595 -5.492  6.432   1.00 44.11 ? 1021 HOH D O     1 
HETATM 1005 O  O     . HOH O 5 .  ? 12.054  3.325   3.628   1.00 35.30 ? 1023 HOH D O     1 
HETATM 1006 O  O     . HOH O 5 .  ? 9.450   3.096   10.663  1.00 48.02 ? 1026 HOH D O     1 
HETATM 1007 O  O     . HOH O 5 .  ? 13.522  -2.828  7.090   1.00 62.69 ? 1053 HOH D O     1 
HETATM 1008 O  O     . HOH O 5 .  ? -8.616  1.961   3.266   1.00 42.38 ? 1055 HOH D O     1 
HETATM 1009 O  O     . HOH O 5 .  ? -6.971  -1.012  5.435   1.00 34.40 ? 1057 HOH D O     1 
HETATM 1010 O  O     . HOH O 5 .  ? -6.014  1.194   5.274   1.00 41.73 ? 1060 HOH D O     1 
HETATM 1011 O  O     . HOH O 5 .  ? 2.259   -4.918  16.070  1.00 64.29 ? 1062 HOH D O     1 
HETATM 1012 O  O     . HOH O 5 .  ? 16.331  -4.065  6.649   1.00 65.69 ? 1066 HOH D O     1 
HETATM 1013 O  O     . HOH O 5 .  ? -13.132 5.641   1.133   1.00 59.95 ? 1068 HOH D O     1 
HETATM 1014 O  O     . HOH O 5 .  ? 14.777  0.416   15.120  1.00 42.58 ? 1075 HOH D O     1 
HETATM 1015 O  O     . HOH O 5 .  ? 8.551   2.680   8.643   1.00 42.51 ? 1077 HOH D O     1 
HETATM 1016 O  O     . HOH O 5 .  ? -14.959 -0.803  6.338   1.00 63.92 ? 1084 HOH D O     1 
HETATM 1017 O  O     . HOH O 5 .  ? -16.561 9.351   -1.707  1.00 59.99 ? 1087 HOH D O     1 
HETATM 1018 O  O     . HOH O 5 .  ? 10.935  1.823   4.794   1.00 58.80 ? 1093 HOH D O     1 
HETATM 1019 O  O     . HOH O 5 .  ? -12.302 -1.145  4.528   1.00 69.85 ? 1094 HOH D O     1 
HETATM 1020 O  O     . HOH O 5 .  ? 0.425   -3.519  14.379  1.00 55.61 ? 1100 HOH D O     1 
HETATM 1021 O  O     . HOH O 5 .  ? 12.705  -2.583  17.789  1.00 48.83 ? 1111 HOH D O     1 
HETATM 1022 O  O     . HOH O 5 .  ? -2.693  -11.772 1.084   1.00 28.48 ? 1113 HOH D O     1 
HETATM 1023 O  O     . HOH O 5 .  ? 7.245   -7.460  8.615   1.00 50.77 ? 1114 HOH D O     1 
HETATM 1024 O  O     . HOH O 5 .  ? 9.207   3.279   6.014   1.00 48.19 ? 1116 HOH D O     1 
HETATM 1025 O  O     . HOH O 5 .  ? -21.676 -3.483  4.897   1.00 45.92 ? 1121 HOH D O     1 
HETATM 1026 O  O     . HOH O 5 .  ? -1.902  -0.941  9.488   1.00 30.71 ? 1122 HOH D O     1 
HETATM 1027 O  O     . HOH O 5 .  ? 13.228  -5.412  4.520   1.00 50.65 ? 1127 HOH D O     1 
HETATM 1028 O  O     . HOH O 5 .  ? 6.483   -10.099 5.910   1.00 36.00 ? 1130 HOH D O     1 
HETATM 1029 O  O     . HOH O 5 .  ? 14.577  -0.873  17.941  1.00 40.54 ? 1150 HOH D O     1 
HETATM 1030 O  O     . HOH O 5 .  ? 5.204   -2.580  3.415   1.00 43.74 ? 1167 HOH D O     1 
HETATM 1031 O  O     . HOH O 5 .  ? 7.823   1.177   21.193  1.00 58.71 ? 1182 HOH D O     1 
HETATM 1032 O  O     . HOH O 5 .  ? 8.442   3.256   18.784  1.00 66.90 ? 1196 HOH D O     1 
HETATM 1033 O  O     . HOH P 5 .  ? 25.143  23.296  60.252  1.00 68.41 ? 1206 HOH G O     1 
# 
loop_
_pdbx_poly_seq_scheme.asym_id 
_pdbx_poly_seq_scheme.entity_id 
_pdbx_poly_seq_scheme.seq_id 
_pdbx_poly_seq_scheme.mon_id 
_pdbx_poly_seq_scheme.ndb_seq_num 
_pdbx_poly_seq_scheme.pdb_seq_num 
_pdbx_poly_seq_scheme.auth_seq_num 
_pdbx_poly_seq_scheme.pdb_mon_id 
_pdbx_poly_seq_scheme.auth_mon_id 
_pdbx_poly_seq_scheme.pdb_strand_id 
_pdbx_poly_seq_scheme.pdb_ins_code 
_pdbx_poly_seq_scheme.hetero 
A 1 1  DA  1  1  1  DA  DA  A . n 
A 1 2  DT  2  2  2  DT  DT  A . n 
A 1 3  DC  3  3  3  DC  DC  A . n 
A 1 4  DT  4  4  4  DT  DT  A . n 
A 1 5  DG  5  5  5  DG  DG  A . n 
A 1 6  DT  6  6  6  DT  DT  A . n 
A 1 7  DG  7  7  7  DG  DG  A . n 
A 1 8  DG  8  8  8  DG  DG  A . n 
A 1 9  DT  9  9  9  DT  DT  A . n 
A 1 10 DC  10 10 10 DC  DC  A . n 
B 1 1  DA  1  1  1  DA  DA  B . n 
B 1 2  DT  2  2  2  DT  DT  B . n 
B 1 3  DC  3  3  3  DC  DC  B . n 
B 1 4  DT  4  4  4  DT  DT  B . n 
B 1 5  DG  5  5  5  DG  DG  B . n 
B 1 6  DT  6  6  6  DT  DT  B . n 
B 1 7  DG  7  7  7  DG  DG  B . n 
B 1 8  DG  8  8  8  DG  DG  B . n 
B 1 9  DT  9  9  9  DT  DT  B . n 
B 1 10 DC  10 10 10 DC  DC  B . n 
C 2 1  LYS 1  1  1  LYS LYS C . n 
C 2 2  40T 2  2  2  40T 40T C . n 
C 2 3  40A 3  3  3  40A 40A C . n 
C 2 4  40G 4  4  4  40G 40G C . n 
C 2 5  40A 5  5  5  40A 40A C . n 
C 2 6  40C 6  6  6  40C 40C C . n 
C 2 7  40A 7  7  7  40A 40A C . n 
C 2 8  40C 8  8  8  40C 40C C . n 
C 2 9  40C 9  9  9  40C 40C C . n 
C 2 10 40A 10 10 10 40A 40A C . n 
C 2 11 40G 11 11 11 40G 40G C . n 
D 2 1  LYS 1  1  1  LYS LYS D . n 
D 2 2  40T 2  2  2  40T 40T D . n 
D 2 3  40A 3  3  3  40A 40A D . n 
D 2 4  40G 4  4  4  40G 40G D . n 
D 2 5  40A 5  5  5  40A 40A D . n 
D 2 6  40C 6  6  6  40C 40C D . n 
D 2 7  40A 7  7  7  40A 40A D . n 
D 2 8  40C 8  8  8  40C 40C D . n 
D 2 9  40C 9  9  9  40C 40C D . n 
D 2 10 40A 10 10 10 40A 40A D . n 
D 2 11 40G 11 11 11 40G 40G D . n 
# 
loop_
_pdbx_nonpoly_scheme.asym_id 
_pdbx_nonpoly_scheme.entity_id 
_pdbx_nonpoly_scheme.mon_id 
_pdbx_nonpoly_scheme.ndb_seq_num 
_pdbx_nonpoly_scheme.pdb_seq_num 
_pdbx_nonpoly_scheme.auth_seq_num 
_pdbx_nonpoly_scheme.pdb_mon_id 
_pdbx_nonpoly_scheme.auth_mon_id 
_pdbx_nonpoly_scheme.pdb_strand_id 
_pdbx_nonpoly_scheme.pdb_ins_code 
E 3 EDO 1  11   11   EDO EDO A . 
F 4 ZN  1  12   12   ZN  ZN  C . 
G 3 EDO 1  13   13   EDO EDO C . 
H 4 ZN  1  12   12   ZN  ZN  D . 
I 3 EDO 1  13   13   EDO EDO D . 
J 3 EDO 1  14   14   EDO EDO D . 
K 3 EDO 1  15   15   EDO EDO D . 
L 5 HOH 1  12   12   HOH HOH A . 
L 5 HOH 2  13   13   HOH HOH A . 
L 5 HOH 3  14   14   HOH HOH A . 
L 5 HOH 4  15   15   HOH HOH A . 
L 5 HOH 5  1028 1028 HOH HOH A . 
L 5 HOH 6  1031 1031 HOH HOH A . 
L 5 HOH 7  1035 1035 HOH HOH A . 
L 5 HOH 8  1043 1043 HOH HOH A . 
L 5 HOH 9  1048 1048 HOH HOH A . 
L 5 HOH 10 1052 1052 HOH HOH A . 
L 5 HOH 11 1058 1058 HOH HOH A . 
L 5 HOH 12 1065 1065 HOH HOH A . 
L 5 HOH 13 1079 1079 HOH HOH A . 
L 5 HOH 14 1082 1082 HOH HOH A . 
L 5 HOH 15 1083 1083 HOH HOH A . 
L 5 HOH 16 1090 1090 HOH HOH A . 
L 5 HOH 17 1091 1091 HOH HOH A . 
L 5 HOH 18 1095 1095 HOH HOH A . 
L 5 HOH 19 1098 1098 HOH HOH A . 
L 5 HOH 20 1099 1099 HOH HOH A . 
L 5 HOH 21 1103 1103 HOH HOH A . 
L 5 HOH 22 1104 1104 HOH HOH A . 
L 5 HOH 23 1109 1109 HOH HOH A . 
L 5 HOH 24 1110 1110 HOH HOH A . 
L 5 HOH 25 1115 1115 HOH HOH A . 
L 5 HOH 26 1117 1117 HOH HOH A . 
L 5 HOH 27 1128 1128 HOH HOH A . 
L 5 HOH 28 1129 1129 HOH HOH A . 
L 5 HOH 29 1137 1137 HOH HOH A . 
L 5 HOH 30 1145 1145 HOH HOH A . 
L 5 HOH 31 1146 1146 HOH HOH A . 
L 5 HOH 32 1152 1152 HOH HOH A . 
L 5 HOH 33 1156 1156 HOH HOH A . 
L 5 HOH 34 1157 1157 HOH HOH A . 
L 5 HOH 35 1165 1165 HOH HOH A . 
L 5 HOH 36 1180 1180 HOH HOH A . 
L 5 HOH 37 1181 1181 HOH HOH A . 
L 5 HOH 38 1183 1183 HOH HOH A . 
L 5 HOH 39 1187 1187 HOH HOH A . 
L 5 HOH 40 1188 1188 HOH HOH A . 
L 5 HOH 41 1194 1194 HOH HOH A . 
L 5 HOH 42 1198 1198 HOH HOH A . 
L 5 HOH 43 1204 1204 HOH HOH A . 
M 5 HOH 1  11   11   HOH HOH B . 
M 5 HOH 2  12   12   HOH HOH B . 
M 5 HOH 3  13   13   HOH HOH B . 
M 5 HOH 4  14   14   HOH HOH B . 
M 5 HOH 5  15   15   HOH HOH B . 
M 5 HOH 6  1027 1027 HOH HOH B . 
M 5 HOH 7  1034 1034 HOH HOH B . 
M 5 HOH 8  1038 1038 HOH HOH B . 
M 5 HOH 9  1045 1045 HOH HOH B . 
M 5 HOH 10 1047 1047 HOH HOH B . 
M 5 HOH 11 1049 1049 HOH HOH B . 
M 5 HOH 12 1050 1050 HOH HOH B . 
M 5 HOH 13 1054 1054 HOH HOH B . 
M 5 HOH 14 1059 1059 HOH HOH B . 
M 5 HOH 15 1061 1061 HOH HOH B . 
M 5 HOH 16 1063 1063 HOH HOH B . 
M 5 HOH 17 1064 1064 HOH HOH B . 
M 5 HOH 18 1072 1072 HOH HOH B . 
M 5 HOH 19 1086 1086 HOH HOH B . 
M 5 HOH 20 1092 1092 HOH HOH B . 
M 5 HOH 21 1097 1097 HOH HOH B . 
M 5 HOH 22 1102 1102 HOH HOH B . 
M 5 HOH 23 1105 1105 HOH HOH B . 
M 5 HOH 24 1106 1106 HOH HOH B . 
M 5 HOH 25 1119 1119 HOH HOH B . 
M 5 HOH 26 1120 1120 HOH HOH B . 
M 5 HOH 27 1126 1126 HOH HOH B . 
M 5 HOH 28 1140 1140 HOH HOH B . 
M 5 HOH 29 1142 1142 HOH HOH B . 
M 5 HOH 30 1147 1147 HOH HOH B . 
M 5 HOH 31 1153 1153 HOH HOH B . 
M 5 HOH 32 1158 1158 HOH HOH B . 
M 5 HOH 33 1159 1159 HOH HOH B . 
M 5 HOH 34 1162 1162 HOH HOH B . 
M 5 HOH 35 1175 1175 HOH HOH B . 
M 5 HOH 36 1178 1178 HOH HOH B . 
M 5 HOH 37 1179 1179 HOH HOH B . 
M 5 HOH 38 1186 1186 HOH HOH B . 
M 5 HOH 39 1190 1190 HOH HOH B . 
M 5 HOH 40 1191 1191 HOH HOH B . 
M 5 HOH 41 1200 1200 HOH HOH B . 
M 5 HOH 42 1201 1201 HOH HOH B . 
M 5 HOH 43 1203 1203 HOH HOH B . 
M 5 HOH 44 1207 1207 HOH HOH B . 
M 5 HOH 45 1210 1210 HOH HOH B . 
N 5 HOH 1  14   14   HOH HOH C . 
N 5 HOH 2  15   15   HOH HOH C . 
N 5 HOH 3  16   16   HOH HOH C . 
N 5 HOH 4  1001 1001 HOH HOH C . 
N 5 HOH 5  1002 1002 HOH HOH C . 
N 5 HOH 6  1003 1003 HOH HOH C . 
N 5 HOH 7  1004 1004 HOH HOH C . 
N 5 HOH 8  1005 1005 HOH HOH C . 
N 5 HOH 9  1006 1006 HOH HOH C . 
N 5 HOH 10 1007 1007 HOH HOH C . 
N 5 HOH 11 1008 1008 HOH HOH C . 
N 5 HOH 12 1009 1009 HOH HOH C . 
N 5 HOH 13 1010 1010 HOH HOH C . 
N 5 HOH 14 1012 1012 HOH HOH C . 
N 5 HOH 15 1016 1016 HOH HOH C . 
N 5 HOH 16 1022 1022 HOH HOH C . 
N 5 HOH 17 1024 1024 HOH HOH C . 
N 5 HOH 18 1025 1025 HOH HOH C . 
N 5 HOH 19 1032 1032 HOH HOH C . 
N 5 HOH 20 1033 1033 HOH HOH C . 
N 5 HOH 21 1036 1036 HOH HOH C . 
N 5 HOH 22 1040 1040 HOH HOH C . 
N 5 HOH 23 1042 1042 HOH HOH C . 
N 5 HOH 24 1046 1046 HOH HOH C . 
N 5 HOH 25 1051 1051 HOH HOH C . 
N 5 HOH 26 1056 1056 HOH HOH C . 
N 5 HOH 27 1067 1067 HOH HOH C . 
N 5 HOH 28 1069 1069 HOH HOH C . 
N 5 HOH 29 1070 1070 HOH HOH C . 
N 5 HOH 30 1071 1071 HOH HOH C . 
N 5 HOH 31 1073 1073 HOH HOH C . 
N 5 HOH 32 1078 1078 HOH HOH C . 
N 5 HOH 33 1080 1080 HOH HOH C . 
N 5 HOH 34 1088 1088 HOH HOH C . 
N 5 HOH 35 1101 1101 HOH HOH C . 
N 5 HOH 36 1118 1118 HOH HOH C . 
N 5 HOH 37 1123 1123 HOH HOH C . 
N 5 HOH 38 1124 1124 HOH HOH C . 
N 5 HOH 39 1131 1131 HOH HOH C . 
N 5 HOH 40 1132 1132 HOH HOH C . 
N 5 HOH 41 1134 1134 HOH HOH C . 
N 5 HOH 42 1135 1135 HOH HOH C . 
N 5 HOH 43 1136 1136 HOH HOH C . 
N 5 HOH 44 1138 1138 HOH HOH C . 
N 5 HOH 45 1139 1139 HOH HOH C . 
N 5 HOH 46 1141 1141 HOH HOH C . 
N 5 HOH 47 1143 1143 HOH HOH C . 
N 5 HOH 48 1144 1144 HOH HOH C . 
N 5 HOH 49 1148 1148 HOH HOH C . 
N 5 HOH 50 1149 1149 HOH HOH C . 
N 5 HOH 51 1155 1155 HOH HOH C . 
N 5 HOH 52 1163 1163 HOH HOH C . 
N 5 HOH 53 1164 1164 HOH HOH C . 
N 5 HOH 54 1168 1168 HOH HOH C . 
N 5 HOH 55 1189 1189 HOH HOH C . 
N 5 HOH 56 1208 1208 HOH HOH C . 
N 5 HOH 57 1209 1209 HOH HOH C . 
O 5 HOH 1  16   16   HOH HOH D . 
O 5 HOH 2  17   17   HOH HOH D . 
O 5 HOH 3  18   18   HOH HOH D . 
O 5 HOH 4  19   19   HOH HOH D . 
O 5 HOH 5  20   20   HOH HOH D . 
O 5 HOH 6  21   21   HOH HOH D . 
O 5 HOH 7  22   22   HOH HOH D . 
O 5 HOH 8  1011 1011 HOH HOH D . 
O 5 HOH 9  1013 1013 HOH HOH D . 
O 5 HOH 10 1015 1015 HOH HOH D . 
O 5 HOH 11 1017 1017 HOH HOH D . 
O 5 HOH 12 1018 1018 HOH HOH D . 
O 5 HOH 13 1019 1019 HOH HOH D . 
O 5 HOH 14 1020 1020 HOH HOH D . 
O 5 HOH 15 1021 1021 HOH HOH D . 
O 5 HOH 16 1023 1023 HOH HOH D . 
O 5 HOH 17 1026 1026 HOH HOH D . 
O 5 HOH 18 1053 1053 HOH HOH D . 
O 5 HOH 19 1055 1055 HOH HOH D . 
O 5 HOH 20 1057 1057 HOH HOH D . 
O 5 HOH 21 1060 1060 HOH HOH D . 
O 5 HOH 22 1062 1062 HOH HOH D . 
O 5 HOH 23 1066 1066 HOH HOH D . 
O 5 HOH 24 1068 1068 HOH HOH D . 
O 5 HOH 25 1075 1075 HOH HOH D . 
O 5 HOH 26 1077 1077 HOH HOH D . 
O 5 HOH 27 1084 1084 HOH HOH D . 
O 5 HOH 28 1087 1087 HOH HOH D . 
O 5 HOH 29 1093 1093 HOH HOH D . 
O 5 HOH 30 1094 1094 HOH HOH D . 
O 5 HOH 31 1100 1100 HOH HOH D . 
O 5 HOH 32 1111 1111 HOH HOH D . 
O 5 HOH 33 1113 1113 HOH HOH D . 
O 5 HOH 34 1114 1114 HOH HOH D . 
O 5 HOH 35 1116 1116 HOH HOH D . 
O 5 HOH 36 1121 1121 HOH HOH D . 
O 5 HOH 37 1122 1122 HOH HOH D . 
O 5 HOH 38 1127 1127 HOH HOH D . 
O 5 HOH 39 1130 1130 HOH HOH D . 
O 5 HOH 40 1150 1150 HOH HOH D . 
O 5 HOH 41 1167 1167 HOH HOH D . 
O 5 HOH 42 1182 1182 HOH HOH D . 
O 5 HOH 43 1196 1196 HOH HOH D . 
P 5 HOH 1  1206 1206 HOH HOH G . 
# 
loop_
_pdbx_struct_assembly.id 
_pdbx_struct_assembly.details 
_pdbx_struct_assembly.method_details 
_pdbx_struct_assembly.oligomeric_details 
_pdbx_struct_assembly.oligomeric_count 
1 author_and_software_defined_assembly PISA dimeric 2 
2 author_and_software_defined_assembly PISA dimeric 2 
# 
loop_
_pdbx_struct_assembly_gen.assembly_id 
_pdbx_struct_assembly_gen.oper_expression 
_pdbx_struct_assembly_gen.asym_id_list 
1 1 C,F,G,N         
1 2 A,E,L           
2 1 B,D,H,I,J,K,M,O 
# 
loop_
_pdbx_struct_assembly_prop.biol_id 
_pdbx_struct_assembly_prop.type 
_pdbx_struct_assembly_prop.value 
_pdbx_struct_assembly_prop.details 
1 'ABSA (A^2)' 960  ? 
1 MORE         1    ? 
1 'SSA (A^2)'  4040 ? 
2 'ABSA (A^2)' 980  ? 
2 MORE         1    ? 
2 'SSA (A^2)'  4030 ? 
# 
loop_
_pdbx_struct_oper_list.id 
_pdbx_struct_oper_list.type 
_pdbx_struct_oper_list.name 
_pdbx_struct_oper_list.symmetry_operation 
_pdbx_struct_oper_list.matrix[1][1] 
_pdbx_struct_oper_list.matrix[1][2] 
_pdbx_struct_oper_list.matrix[1][3] 
_pdbx_struct_oper_list.vector[1] 
_pdbx_struct_oper_list.matrix[2][1] 
_pdbx_struct_oper_list.matrix[2][2] 
_pdbx_struct_oper_list.matrix[2][3] 
_pdbx_struct_oper_list.vector[2] 
_pdbx_struct_oper_list.matrix[3][1] 
_pdbx_struct_oper_list.matrix[3][2] 
_pdbx_struct_oper_list.matrix[3][3] 
_pdbx_struct_oper_list.vector[3] 
1 'identity operation'         1_555 x,y,z             1.0000000000 0.0000000000 0.0000000000  0.0000000000  0.0000000000 1.0000000000  0.0000000000  0.0000000000 0.0000000000  0.0000000000  1.0000000000  0.0000000000  
2 'crystal symmetry operation' 4_466 x-1/2,-y+3/2,-z+1 0.2919386607 0.9246534305 -0.2445155452 24.7597770022 0.9246534305 -0.3382162849 -0.1750022230 6.2753955992 -0.2445155452 -0.1750022230 -0.9537223758 -3.8471675798 
# 
loop_
_pdbx_struct_conn_angle.id 
_pdbx_struct_conn_angle.ptnr1_label_atom_id 
_pdbx_struct_conn_angle.ptnr1_label_alt_id 
_pdbx_struct_conn_angle.ptnr1_label_asym_id 
_pdbx_struct_conn_angle.ptnr1_label_comp_id 
_pdbx_struct_conn_angle.ptnr1_label_seq_id 
_pdbx_struct_conn_angle.ptnr1_auth_atom_id 
_pdbx_struct_conn_angle.ptnr1_auth_asym_id 
_pdbx_struct_conn_angle.ptnr1_auth_comp_id 
_pdbx_struct_conn_angle.ptnr1_auth_seq_id 
_pdbx_struct_conn_angle.ptnr1_PDB_ins_code 
_pdbx_struct_conn_angle.ptnr1_symmetry 
_pdbx_struct_conn_angle.ptnr2_label_atom_id 
_pdbx_struct_conn_angle.ptnr2_label_alt_id 
_pdbx_struct_conn_angle.ptnr2_label_asym_id 
_pdbx_struct_conn_angle.ptnr2_label_comp_id 
_pdbx_struct_conn_angle.ptnr2_label_seq_id 
_pdbx_struct_conn_angle.ptnr2_auth_atom_id 
_pdbx_struct_conn_angle.ptnr2_auth_asym_id 
_pdbx_struct_conn_angle.ptnr2_auth_comp_id 
_pdbx_struct_conn_angle.ptnr2_auth_seq_id 
_pdbx_struct_conn_angle.ptnr2_PDB_ins_code 
_pdbx_struct_conn_angle.ptnr2_symmetry 
_pdbx_struct_conn_angle.ptnr3_label_atom_id 
_pdbx_struct_conn_angle.ptnr3_label_alt_id 
_pdbx_struct_conn_angle.ptnr3_label_asym_id 
_pdbx_struct_conn_angle.ptnr3_label_comp_id 
_pdbx_struct_conn_angle.ptnr3_label_seq_id 
_pdbx_struct_conn_angle.ptnr3_auth_atom_id 
_pdbx_struct_conn_angle.ptnr3_auth_asym_id 
_pdbx_struct_conn_angle.ptnr3_auth_comp_id 
_pdbx_struct_conn_angle.ptnr3_auth_seq_id 
_pdbx_struct_conn_angle.ptnr3_PDB_ins_code 
_pdbx_struct_conn_angle.ptnr3_symmetry 
_pdbx_struct_conn_angle.value 
_pdbx_struct_conn_angle.value_esd 
1  OP1 ? A DG  5 ? A DG  5  ? 1_555 ZN ? H ZN . ? D ZN 12 ? 1_555 O  ? L HOH . ? A HOH 12 ? 1_555 94.3  ? 
2  OP1 ? A DG  5 ? A DG  5  ? 1_555 ZN ? H ZN . ? D ZN 12 ? 1_555 N7 ? D 40G 4 ? D 40G 4  ? 1_555 90.8  ? 
3  O   ? L HOH . ? A HOH 12 ? 1_555 ZN ? H ZN . ? D ZN 12 ? 1_555 N7 ? D 40G 4 ? D 40G 4  ? 1_555 172.3 ? 
4  OP1 ? A DG  5 ? A DG  5  ? 1_555 ZN ? H ZN . ? D ZN 12 ? 1_555 O  ? O HOH . ? D HOH 16 ? 1_555 90.5  ? 
5  O   ? L HOH . ? A HOH 12 ? 1_555 ZN ? H ZN . ? D ZN 12 ? 1_555 O  ? O HOH . ? D HOH 16 ? 1_555 84.8  ? 
6  N7  ? D 40G 4 ? D 40G 4  ? 1_555 ZN ? H ZN . ? D ZN 12 ? 1_555 O  ? O HOH . ? D HOH 16 ? 1_555 89.3  ? 
7  OP1 ? A DG  5 ? A DG  5  ? 1_555 ZN ? H ZN . ? D ZN 12 ? 1_555 O  ? O HOH . ? D HOH 17 ? 1_555 95.7  ? 
8  O   ? L HOH . ? A HOH 12 ? 1_555 ZN ? H ZN . ? D ZN 12 ? 1_555 O  ? O HOH . ? D HOH 17 ? 1_555 88.3  ? 
9  N7  ? D 40G 4 ? D 40G 4  ? 1_555 ZN ? H ZN . ? D ZN 12 ? 1_555 O  ? O HOH . ? D HOH 17 ? 1_555 97.0  ? 
10 O   ? O HOH . ? D HOH 16 ? 1_555 ZN ? H ZN . ? D ZN 12 ? 1_555 O  ? O HOH . ? D HOH 17 ? 1_555 171.0 ? 
11 OP1 ? A DG  5 ? A DG  5  ? 1_555 ZN ? H ZN . ? D ZN 12 ? 1_555 O  ? O HOH . ? D HOH 18 ? 1_555 176.8 ? 
12 O   ? L HOH . ? A HOH 12 ? 1_555 ZN ? H ZN . ? D ZN 12 ? 1_555 O  ? O HOH . ? D HOH 18 ? 1_555 83.4  ? 
13 N7  ? D 40G 4 ? D 40G 4  ? 1_555 ZN ? H ZN . ? D ZN 12 ? 1_555 O  ? O HOH . ? D HOH 18 ? 1_555 91.3  ? 
14 O   ? O HOH . ? D HOH 16 ? 1_555 ZN ? H ZN . ? D ZN 12 ? 1_555 O  ? O HOH . ? D HOH 18 ? 1_555 87.1  ? 
15 O   ? O HOH . ? D HOH 17 ? 1_555 ZN ? H ZN . ? D ZN 12 ? 1_555 O  ? O HOH . ? D HOH 18 ? 1_555 86.4  ? 
16 OP1 ? B DT  6 ? B DT  6  ? 1_555 ZN ? F ZN . ? C ZN 12 ? 1_555 O  ? M HOH . ? B HOH 12 ? 1_555 89.4  ? 
17 OP1 ? B DT  6 ? B DT  6  ? 1_555 ZN ? F ZN . ? C ZN 12 ? 1_555 O  ? M HOH . ? B HOH 14 ? 1_555 94.7  ? 
18 O   ? M HOH . ? B HOH 12 ? 1_555 ZN ? F ZN . ? C ZN 12 ? 1_555 O  ? M HOH . ? B HOH 14 ? 1_555 88.2  ? 
19 OP1 ? B DT  6 ? B DT  6  ? 1_555 ZN ? F ZN . ? C ZN 12 ? 1_555 N7 ? C 40G 4 ? C 40G 4  ? 1_555 88.9  ? 
20 O   ? M HOH . ? B HOH 12 ? 1_555 ZN ? F ZN . ? C ZN 12 ? 1_555 N7 ? C 40G 4 ? C 40G 4  ? 1_555 93.5  ? 
21 O   ? M HOH . ? B HOH 14 ? 1_555 ZN ? F ZN . ? C ZN 12 ? 1_555 N7 ? C 40G 4 ? C 40G 4  ? 1_555 176.0 ? 
22 OP1 ? B DT  6 ? B DT  6  ? 1_555 ZN ? F ZN . ? C ZN 12 ? 1_555 O  ? N HOH . ? C HOH 14 ? 1_555 96.6  ? 
23 O   ? M HOH . ? B HOH 12 ? 1_555 ZN ? F ZN . ? C ZN 12 ? 1_555 O  ? N HOH . ? C HOH 14 ? 1_555 173.2 ? 
24 O   ? M HOH . ? B HOH 14 ? 1_555 ZN ? F ZN . ? C ZN 12 ? 1_555 O  ? N HOH . ? C HOH 14 ? 1_555 88.1  ? 
25 N7  ? C 40G 4 ? C 40G 4  ? 1_555 ZN ? F ZN . ? C ZN 12 ? 1_555 O  ? N HOH . ? C HOH 14 ? 1_555 89.8  ? 
26 OP1 ? B DT  6 ? B DT  6  ? 1_555 ZN ? F ZN . ? C ZN 12 ? 1_555 O  ? N HOH . ? C HOH 15 ? 1_555 173.6 ? 
27 O   ? M HOH . ? B HOH 12 ? 1_555 ZN ? F ZN . ? C ZN 12 ? 1_555 O  ? N HOH . ? C HOH 15 ? 1_555 85.7  ? 
28 O   ? M HOH . ? B HOH 14 ? 1_555 ZN ? F ZN . ? C ZN 12 ? 1_555 O  ? N HOH . ? C HOH 15 ? 1_555 81.1  ? 
29 N7  ? C 40G 4 ? C 40G 4  ? 1_555 ZN ? F ZN . ? C ZN 12 ? 1_555 O  ? N HOH . ? C HOH 15 ? 1_555 95.4  ? 
30 O   ? N HOH . ? C HOH 14 ? 1_555 ZN ? F ZN . ? C ZN 12 ? 1_555 O  ? N HOH . ? C HOH 15 ? 1_555 88.2  ? 
# 
loop_
_pdbx_audit_revision_history.ordinal 
_pdbx_audit_revision_history.data_content_type 
_pdbx_audit_revision_history.major_revision 
_pdbx_audit_revision_history.minor_revision 
_pdbx_audit_revision_history.revision_date 
1 'Structure model' 1 0 2010-12-29 
2 'Structure model' 1 1 2011-07-13 
3 'Structure model' 2 0 2023-11-15 
# 
_pdbx_audit_revision_details.ordinal             1 
_pdbx_audit_revision_details.revision_ordinal    1 
_pdbx_audit_revision_details.data_content_type   'Structure model' 
_pdbx_audit_revision_details.provider            repository 
_pdbx_audit_revision_details.type                'Initial release' 
_pdbx_audit_revision_details.description         ? 
_pdbx_audit_revision_details.details             ? 
# 
loop_
_pdbx_audit_revision_group.ordinal 
_pdbx_audit_revision_group.revision_ordinal 
_pdbx_audit_revision_group.data_content_type 
_pdbx_audit_revision_group.group 
1 2 'Structure model' 'Version format compliance' 
2 3 'Structure model' 'Atomic model'              
3 3 'Structure model' 'Data collection'           
4 3 'Structure model' 'Database references'       
5 3 'Structure model' 'Derived calculations'      
# 
loop_
_pdbx_audit_revision_category.ordinal 
_pdbx_audit_revision_category.revision_ordinal 
_pdbx_audit_revision_category.data_content_type 
_pdbx_audit_revision_category.category 
1 3 'Structure model' atom_site              
2 3 'Structure model' chem_comp_atom         
3 3 'Structure model' chem_comp_bond         
4 3 'Structure model' database_2             
5 3 'Structure model' pdbx_struct_conn_angle 
6 3 'Structure model' struct_conn            
7 3 'Structure model' struct_conn_type       
8 3 'Structure model' struct_site            
# 
loop_
_pdbx_audit_revision_item.ordinal 
_pdbx_audit_revision_item.revision_ordinal 
_pdbx_audit_revision_item.data_content_type 
_pdbx_audit_revision_item.item 
1  3 'Structure model' '_atom_site.auth_atom_id'                     
2  3 'Structure model' '_atom_site.label_atom_id'                    
3  3 'Structure model' '_database_2.pdbx_DOI'                        
4  3 'Structure model' '_database_2.pdbx_database_accession'         
5  3 'Structure model' '_pdbx_struct_conn_angle.ptnr1_auth_asym_id'  
6  3 'Structure model' '_pdbx_struct_conn_angle.ptnr1_auth_comp_id'  
7  3 'Structure model' '_pdbx_struct_conn_angle.ptnr1_auth_seq_id'   
8  3 'Structure model' '_pdbx_struct_conn_angle.ptnr1_label_asym_id' 
9  3 'Structure model' '_pdbx_struct_conn_angle.ptnr1_label_atom_id' 
10 3 'Structure model' '_pdbx_struct_conn_angle.ptnr1_label_comp_id' 
11 3 'Structure model' '_pdbx_struct_conn_angle.ptnr1_label_seq_id'  
12 3 'Structure model' '_pdbx_struct_conn_angle.ptnr2_auth_asym_id'  
13 3 'Structure model' '_pdbx_struct_conn_angle.ptnr2_label_asym_id' 
14 3 'Structure model' '_pdbx_struct_conn_angle.ptnr3_auth_asym_id'  
15 3 'Structure model' '_pdbx_struct_conn_angle.ptnr3_auth_comp_id'  
16 3 'Structure model' '_pdbx_struct_conn_angle.ptnr3_auth_seq_id'   
17 3 'Structure model' '_pdbx_struct_conn_angle.ptnr3_label_asym_id' 
18 3 'Structure model' '_pdbx_struct_conn_angle.ptnr3_label_atom_id' 
19 3 'Structure model' '_pdbx_struct_conn_angle.ptnr3_label_comp_id' 
20 3 'Structure model' '_pdbx_struct_conn_angle.ptnr3_label_seq_id'  
21 3 'Structure model' '_pdbx_struct_conn_angle.value'               
22 3 'Structure model' '_struct_conn.conn_type_id'                   
23 3 'Structure model' '_struct_conn.id'                             
24 3 'Structure model' '_struct_conn.pdbx_dist_value'                
25 3 'Structure model' '_struct_conn.pdbx_leaving_atom_flag'         
26 3 'Structure model' '_struct_conn.ptnr1_auth_asym_id'             
27 3 'Structure model' '_struct_conn.ptnr1_auth_comp_id'             
28 3 'Structure model' '_struct_conn.ptnr1_auth_seq_id'              
29 3 'Structure model' '_struct_conn.ptnr1_label_asym_id'            
30 3 'Structure model' '_struct_conn.ptnr1_label_atom_id'            
31 3 'Structure model' '_struct_conn.ptnr1_label_comp_id'            
32 3 'Structure model' '_struct_conn.ptnr1_label_seq_id'             
33 3 'Structure model' '_struct_conn.ptnr2_auth_asym_id'             
34 3 'Structure model' '_struct_conn.ptnr2_auth_comp_id'             
35 3 'Structure model' '_struct_conn.ptnr2_auth_seq_id'              
36 3 'Structure model' '_struct_conn.ptnr2_label_asym_id'            
37 3 'Structure model' '_struct_conn.ptnr2_label_atom_id'            
38 3 'Structure model' '_struct_conn.ptnr2_label_comp_id'            
39 3 'Structure model' '_struct_conn.ptnr2_label_seq_id'             
40 3 'Structure model' '_struct_conn_type.id'                        
41 3 'Structure model' '_struct_site.pdbx_auth_asym_id'              
42 3 'Structure model' '_struct_site.pdbx_auth_comp_id'              
43 3 'Structure model' '_struct_site.pdbx_auth_seq_id'               
# 
loop_
_software.name 
_software.classification 
_software.version 
_software.citation_id 
_software.pdbx_ordinal 
HKL-2000  'data collection' . ? 1 
SHELX     'model building'  . ? 2 
SHELXL-97 refinement        . ? 3 
HKL-2000  'data reduction'  . ? 4 
SCALEPACK 'data scaling'    . ? 5 
SHELX     phasing           . ? 6 
# 
loop_
_pdbx_validate_close_contact.id 
_pdbx_validate_close_contact.PDB_model_num 
_pdbx_validate_close_contact.auth_atom_id_1 
_pdbx_validate_close_contact.auth_asym_id_1 
_pdbx_validate_close_contact.auth_comp_id_1 
_pdbx_validate_close_contact.auth_seq_id_1 
_pdbx_validate_close_contact.PDB_ins_code_1 
_pdbx_validate_close_contact.label_alt_id_1 
_pdbx_validate_close_contact.auth_atom_id_2 
_pdbx_validate_close_contact.auth_asym_id_2 
_pdbx_validate_close_contact.auth_comp_id_2 
_pdbx_validate_close_contact.auth_seq_id_2 
_pdbx_validate_close_contact.PDB_ins_code_2 
_pdbx_validate_close_contact.label_alt_id_2 
_pdbx_validate_close_contact.dist 
1 1 O A HOH 15   ? ? O A HOH 1110 ? ? 1.86 
2 1 O A HOH 1058 ? ? O A HOH 1188 ? ? 2.18 
# 
_pdbx_validate_symm_contact.id                1 
_pdbx_validate_symm_contact.PDB_model_num     1 
_pdbx_validate_symm_contact.auth_atom_id_1    O 
_pdbx_validate_symm_contact.auth_asym_id_1    A 
_pdbx_validate_symm_contact.auth_comp_id_1    HOH 
_pdbx_validate_symm_contact.auth_seq_id_1     1098 
_pdbx_validate_symm_contact.PDB_ins_code_1    ? 
_pdbx_validate_symm_contact.label_alt_id_1    ? 
_pdbx_validate_symm_contact.site_symmetry_1   1_555 
_pdbx_validate_symm_contact.auth_atom_id_2    O 
_pdbx_validate_symm_contact.auth_asym_id_2    B 
_pdbx_validate_symm_contact.auth_comp_id_2    HOH 
_pdbx_validate_symm_contact.auth_seq_id_2     1047 
_pdbx_validate_symm_contact.PDB_ins_code_2    ? 
_pdbx_validate_symm_contact.label_alt_id_2    ? 
_pdbx_validate_symm_contact.site_symmetry_2   4_566 
_pdbx_validate_symm_contact.dist              2.17 
# 
loop_
_pdbx_validate_rmsd_angle.id 
_pdbx_validate_rmsd_angle.PDB_model_num 
_pdbx_validate_rmsd_angle.auth_atom_id_1 
_pdbx_validate_rmsd_angle.auth_asym_id_1 
_pdbx_validate_rmsd_angle.auth_comp_id_1 
_pdbx_validate_rmsd_angle.auth_seq_id_1 
_pdbx_validate_rmsd_angle.PDB_ins_code_1 
_pdbx_validate_rmsd_angle.label_alt_id_1 
_pdbx_validate_rmsd_angle.auth_atom_id_2 
_pdbx_validate_rmsd_angle.auth_asym_id_2 
_pdbx_validate_rmsd_angle.auth_comp_id_2 
_pdbx_validate_rmsd_angle.auth_seq_id_2 
_pdbx_validate_rmsd_angle.PDB_ins_code_2 
_pdbx_validate_rmsd_angle.label_alt_id_2 
_pdbx_validate_rmsd_angle.auth_atom_id_3 
_pdbx_validate_rmsd_angle.auth_asym_id_3 
_pdbx_validate_rmsd_angle.auth_comp_id_3 
_pdbx_validate_rmsd_angle.auth_seq_id_3 
_pdbx_validate_rmsd_angle.PDB_ins_code_3 
_pdbx_validate_rmsd_angle.label_alt_id_3 
_pdbx_validate_rmsd_angle.angle_value 
_pdbx_validate_rmsd_angle.angle_target_value 
_pdbx_validate_rmsd_angle.angle_deviation 
_pdbx_validate_rmsd_angle.angle_standard_deviation 
_pdbx_validate_rmsd_angle.linker_flag 
1  1 "O4'" A DG 7 ? ? "C1'" A DG 7 ? ? N9    A DG 7 ? ? 113.44 108.30 5.14  0.30 N 
2  1 N1    A DT 9 ? ? C2    A DT 9 ? ? O2    A DT 9 ? ? 118.20 123.10 -4.90 0.80 N 
3  1 N3    A DT 9 ? ? C2    A DT 9 ? ? O2    A DT 9 ? ? 126.66 122.30 4.36  0.60 N 
4  1 "O4'" B DT 2 ? ? "C1'" B DT 2 ? ? N1    B DT 2 ? ? 112.59 108.30 4.29  0.30 N 
5  1 N1    B DG 5 ? ? C6    B DG 5 ? ? O6    B DG 5 ? ? 115.62 119.90 -4.28 0.60 N 
6  1 "O4'" B DG 7 ? ? "C1'" B DG 7 ? ? N9    B DG 7 ? ? 110.93 108.30 2.63  0.30 N 
7  1 "O4'" B DG 8 ? ? "C4'" B DG 8 ? ? "C3'" B DG 8 ? ? 100.86 104.50 -3.64 0.40 N 
8  1 "O4'" B DT 9 ? ? "C1'" B DT 9 ? ? N1    B DT 9 ? ? 110.23 108.30 1.93  0.30 N 
9  1 N1    B DT 9 ? ? C2    B DT 9 ? ? O2    B DT 9 ? ? 117.82 123.10 -5.28 0.80 N 
10 1 N3    B DT 9 ? ? C2    B DT 9 ? ? O2    B DT 9 ? ? 126.95 122.30 4.65  0.60 N 
# 
loop_
_pdbx_unobs_or_zero_occ_atoms.id 
_pdbx_unobs_or_zero_occ_atoms.PDB_model_num 
_pdbx_unobs_or_zero_occ_atoms.polymer_flag 
_pdbx_unobs_or_zero_occ_atoms.occupancy_flag 
_pdbx_unobs_or_zero_occ_atoms.auth_asym_id 
_pdbx_unobs_or_zero_occ_atoms.auth_comp_id 
_pdbx_unobs_or_zero_occ_atoms.auth_seq_id 
_pdbx_unobs_or_zero_occ_atoms.PDB_ins_code 
_pdbx_unobs_or_zero_occ_atoms.auth_atom_id 
_pdbx_unobs_or_zero_occ_atoms.label_alt_id 
_pdbx_unobs_or_zero_occ_atoms.label_asym_id 
_pdbx_unobs_or_zero_occ_atoms.label_comp_id 
_pdbx_unobs_or_zero_occ_atoms.label_seq_id 
_pdbx_unobs_or_zero_occ_atoms.label_atom_id 
1  1 Y 1 C LYS 1 ? O  ? C LYS 1 O  
2  1 Y 1 C LYS 1 ? CG ? C LYS 1 CG 
3  1 Y 1 C LYS 1 ? CD ? C LYS 1 CD 
4  1 Y 1 C LYS 1 ? CE ? C LYS 1 CE 
5  1 Y 1 C LYS 1 ? NZ ? C LYS 1 NZ 
6  1 Y 1 D LYS 1 ? O  ? D LYS 1 O  
7  1 Y 1 D LYS 1 ? CG ? D LYS 1 CG 
8  1 Y 1 D LYS 1 ? CD ? D LYS 1 CD 
9  1 Y 1 D LYS 1 ? CE ? D LYS 1 CE 
10 1 Y 1 D LYS 1 ? NZ ? D LYS 1 NZ 
# 
loop_
_chem_comp_atom.comp_id 
_chem_comp_atom.atom_id 
_chem_comp_atom.type_symbol 
_chem_comp_atom.pdbx_aromatic_flag 
_chem_comp_atom.pdbx_stereo_config 
_chem_comp_atom.pdbx_ordinal 
40A C      C  N N 1   
40A N1     N  Y N 2   
40A C2     C  Y N 3   
40A N3     N  Y N 4   
40A C4     C  Y N 5   
40A C5     C  Y N 6   
40A C6     C  Y N 7   
40A N6     N  N N 8   
40A N7     N  Y N 9   
40A C8     C  Y N 10  
40A N9     N  Y N 11  
40A N      N  N N 12  
40A O      O  N N 13  
40A CA     C  N S 14  
40A C2M    C  N N 15  
40A "C3'"  C  N N 16  
40A "N4'"  N  N N 17  
40A "C5'"  C  N N 18  
40A "C7'"  C  N N 19  
40A "O7'"  O  N N 20  
40A "C8'"  C  N N 21  
40A H3     H  N N 22  
40A H8     H  N N 23  
40A H      H  N N 24  
40A HA     H  N N 25  
40A "H13'" H  N N 26  
40A "H23'" H  N N 27  
40A "H15'" H  N N 28  
40A "H25'" H  N N 29  
40A HN6    H  N N 30  
40A HN6A   H  N N 31  
40A "H18'" H  N N 32  
40A "H28'" H  N N 33  
40A H2M    H  N N 34  
40A H2MA   H  N N 35  
40A H2MB   H  N N 36  
40A OXT    O  N N 37  
40A H2     H  N N 38  
40A HXT    H  N N 39  
40C C      C  N N 40  
40C N1     N  N N 41  
40C C2     C  N N 42  
40C O2     O  N N 43  
40C N3     N  N N 44  
40C C4     C  N N 45  
40C N4     N  N N 46  
40C C5     C  N N 47  
40C C6     C  N N 48  
40C N      N  N N 49  
40C O      O  N N 50  
40C CA     C  N S 51  
40C C2M    C  N N 52  
40C "C3'"  C  N N 53  
40C "N4'"  N  N N 54  
40C "C5'"  C  N N 55  
40C "C7'"  C  N N 56  
40C "O7'"  O  N N 57  
40C "C8'"  C  N N 58  
40C H5     H  N N 59  
40C H6     H  N N 60  
40C H      H  N N 61  
40C HA     H  N N 62  
40C "H13'" H  N N 63  
40C "H23'" H  N N 64  
40C HN4    H  N N 65  
40C HN4A   H  N N 66  
40C "H15'" H  N N 67  
40C "H25'" H  N N 68  
40C "H18'" H  N N 69  
40C "H28'" H  N N 70  
40C H2M    H  N N 71  
40C H2MA   H  N N 72  
40C H2MB   H  N N 73  
40C OXT    O  N N 74  
40C H2     H  N N 75  
40C HXT    H  N N 76  
40G C      C  N N 77  
40G N1     N  N N 78  
40G C2     C  N N 79  
40G N2     N  N N 80  
40G N3     N  N N 81  
40G C4     C  Y N 82  
40G C5     C  Y N 83  
40G C6     C  N N 84  
40G O6     O  N N 85  
40G N7     N  Y N 86  
40G C8     C  Y N 87  
40G N9     N  Y N 88  
40G N      N  N N 89  
40G O      O  N N 90  
40G CA     C  N S 91  
40G C2M    C  N N 92  
40G "C3'"  C  N N 93  
40G "N4'"  N  N N 94  
40G "C5'"  C  N N 95  
40G "C7'"  C  N N 96  
40G "O7'"  O  N N 97  
40G "C8'"  C  N N 98  
40G HN1    H  N N 99  
40G H8     H  N N 100 
40G H      H  N N 101 
40G HA     H  N N 102 
40G HN2    H  N N 103 
40G HN2A   H  N N 104 
40G "H13'" H  N N 105 
40G "H23'" H  N N 106 
40G "H15'" H  N N 107 
40G "H25'" H  N N 108 
40G "H18'" H  N N 109 
40G "H28'" H  N N 110 
40G H2M    H  N N 111 
40G H2MA   H  N N 112 
40G H2MB   H  N N 113 
40G OXT    O  N N 114 
40G H2     H  N N 115 
40G HXT    H  N N 116 
40T C      C  N N 117 
40T N1     N  N N 118 
40T C2     C  N N 119 
40T O2     O  N N 120 
40T N3     N  N N 121 
40T C4     C  N N 122 
40T O4     O  N N 123 
40T C5     C  N N 124 
40T C6     C  N N 125 
40T C7     C  N N 126 
40T N      N  N N 127 
40T O      O  N N 128 
40T CA     C  N S 129 
40T C2M    C  N N 130 
40T "C3'"  C  N N 131 
40T "N4'"  N  N N 132 
40T "C5'"  C  N N 133 
40T "C7'"  C  N N 134 
40T "O7'"  O  N N 135 
40T "C8'"  C  N N 136 
40T HN3    H  N N 137 
40T H6     H  N N 138 
40T H      H  N N 139 
40T HA     H  N N 140 
40T "H13'" H  N N 141 
40T "H23'" H  N N 142 
40T "H15'" H  N N 143 
40T "H25'" H  N N 144 
40T H7     H  N N 145 
40T H7A    H  N N 146 
40T H7B    H  N N 147 
40T "HXT'" H  N N 148 
40T "H28'" H  N N 149 
40T H2M    H  N N 150 
40T H2MA   H  N N 151 
40T H2MB   H  N N 152 
40T OXT    O  N N 153 
40T H2     H  N N 154 
40T HXT    H  N N 155 
DA  OP3    O  N N 156 
DA  P      P  N N 157 
DA  OP1    O  N N 158 
DA  OP2    O  N N 159 
DA  "O5'"  O  N N 160 
DA  "C5'"  C  N N 161 
DA  "C4'"  C  N R 162 
DA  "O4'"  O  N N 163 
DA  "C3'"  C  N S 164 
DA  "O3'"  O  N N 165 
DA  "C2'"  C  N N 166 
DA  "C1'"  C  N R 167 
DA  N9     N  Y N 168 
DA  C8     C  Y N 169 
DA  N7     N  Y N 170 
DA  C5     C  Y N 171 
DA  C6     C  Y N 172 
DA  N6     N  N N 173 
DA  N1     N  Y N 174 
DA  C2     C  Y N 175 
DA  N3     N  Y N 176 
DA  C4     C  Y N 177 
DA  HOP3   H  N N 178 
DA  HOP2   H  N N 179 
DA  "H5'"  H  N N 180 
DA  "H5''" H  N N 181 
DA  "H4'"  H  N N 182 
DA  "H3'"  H  N N 183 
DA  "HO3'" H  N N 184 
DA  "H2'"  H  N N 185 
DA  "H2''" H  N N 186 
DA  "H1'"  H  N N 187 
DA  H8     H  N N 188 
DA  H61    H  N N 189 
DA  H62    H  N N 190 
DA  H2     H  N N 191 
DC  OP3    O  N N 192 
DC  P      P  N N 193 
DC  OP1    O  N N 194 
DC  OP2    O  N N 195 
DC  "O5'"  O  N N 196 
DC  "C5'"  C  N N 197 
DC  "C4'"  C  N R 198 
DC  "O4'"  O  N N 199 
DC  "C3'"  C  N S 200 
DC  "O3'"  O  N N 201 
DC  "C2'"  C  N N 202 
DC  "C1'"  C  N R 203 
DC  N1     N  N N 204 
DC  C2     C  N N 205 
DC  O2     O  N N 206 
DC  N3     N  N N 207 
DC  C4     C  N N 208 
DC  N4     N  N N 209 
DC  C5     C  N N 210 
DC  C6     C  N N 211 
DC  HOP3   H  N N 212 
DC  HOP2   H  N N 213 
DC  "H5'"  H  N N 214 
DC  "H5''" H  N N 215 
DC  "H4'"  H  N N 216 
DC  "H3'"  H  N N 217 
DC  "HO3'" H  N N 218 
DC  "H2'"  H  N N 219 
DC  "H2''" H  N N 220 
DC  "H1'"  H  N N 221 
DC  H41    H  N N 222 
DC  H42    H  N N 223 
DC  H5     H  N N 224 
DC  H6     H  N N 225 
DG  OP3    O  N N 226 
DG  P      P  N N 227 
DG  OP1    O  N N 228 
DG  OP2    O  N N 229 
DG  "O5'"  O  N N 230 
DG  "C5'"  C  N N 231 
DG  "C4'"  C  N R 232 
DG  "O4'"  O  N N 233 
DG  "C3'"  C  N S 234 
DG  "O3'"  O  N N 235 
DG  "C2'"  C  N N 236 
DG  "C1'"  C  N R 237 
DG  N9     N  Y N 238 
DG  C8     C  Y N 239 
DG  N7     N  Y N 240 
DG  C5     C  Y N 241 
DG  C6     C  N N 242 
DG  O6     O  N N 243 
DG  N1     N  N N 244 
DG  C2     C  N N 245 
DG  N2     N  N N 246 
DG  N3     N  N N 247 
DG  C4     C  Y N 248 
DG  HOP3   H  N N 249 
DG  HOP2   H  N N 250 
DG  "H5'"  H  N N 251 
DG  "H5''" H  N N 252 
DG  "H4'"  H  N N 253 
DG  "H3'"  H  N N 254 
DG  "HO3'" H  N N 255 
DG  "H2'"  H  N N 256 
DG  "H2''" H  N N 257 
DG  "H1'"  H  N N 258 
DG  H8     H  N N 259 
DG  H1     H  N N 260 
DG  H21    H  N N 261 
DG  H22    H  N N 262 
DT  OP3    O  N N 263 
DT  P      P  N N 264 
DT  OP1    O  N N 265 
DT  OP2    O  N N 266 
DT  "O5'"  O  N N 267 
DT  "C5'"  C  N N 268 
DT  "C4'"  C  N R 269 
DT  "O4'"  O  N N 270 
DT  "C3'"  C  N S 271 
DT  "O3'"  O  N N 272 
DT  "C2'"  C  N N 273 
DT  "C1'"  C  N R 274 
DT  N1     N  N N 275 
DT  C2     C  N N 276 
DT  O2     O  N N 277 
DT  N3     N  N N 278 
DT  C4     C  N N 279 
DT  O4     O  N N 280 
DT  C5     C  N N 281 
DT  C7     C  N N 282 
DT  C6     C  N N 283 
DT  HOP3   H  N N 284 
DT  HOP2   H  N N 285 
DT  "H5'"  H  N N 286 
DT  "H5''" H  N N 287 
DT  "H4'"  H  N N 288 
DT  "H3'"  H  N N 289 
DT  "HO3'" H  N N 290 
DT  "H2'"  H  N N 291 
DT  "H2''" H  N N 292 
DT  "H1'"  H  N N 293 
DT  H3     H  N N 294 
DT  H71    H  N N 295 
DT  H72    H  N N 296 
DT  H73    H  N N 297 
DT  H6     H  N N 298 
EDO C1     C  N N 299 
EDO O1     O  N N 300 
EDO C2     C  N N 301 
EDO O2     O  N N 302 
EDO H11    H  N N 303 
EDO H12    H  N N 304 
EDO HO1    H  N N 305 
EDO H21    H  N N 306 
EDO H22    H  N N 307 
EDO HO2    H  N N 308 
HOH O      O  N N 309 
HOH H1     H  N N 310 
HOH H2     H  N N 311 
LYS N      N  N N 312 
LYS CA     C  N S 313 
LYS C      C  N N 314 
LYS O      O  N N 315 
LYS CB     C  N N 316 
LYS CG     C  N N 317 
LYS CD     C  N N 318 
LYS CE     C  N N 319 
LYS NZ     N  N N 320 
LYS OXT    O  N N 321 
LYS H      H  N N 322 
LYS H2     H  N N 323 
LYS HA     H  N N 324 
LYS HB2    H  N N 325 
LYS HB3    H  N N 326 
LYS HG2    H  N N 327 
LYS HG3    H  N N 328 
LYS HD2    H  N N 329 
LYS HD3    H  N N 330 
LYS HE2    H  N N 331 
LYS HE3    H  N N 332 
LYS HZ1    H  N N 333 
LYS HZ2    H  N N 334 
LYS HZ3    H  N N 335 
LYS HXT    H  N N 336 
ZN  ZN     ZN N N 337 
# 
loop_
_chem_comp_bond.comp_id 
_chem_comp_bond.atom_id_1 
_chem_comp_bond.atom_id_2 
_chem_comp_bond.value_order 
_chem_comp_bond.pdbx_aromatic_flag 
_chem_comp_bond.pdbx_stereo_config 
_chem_comp_bond.pdbx_ordinal 
40A C      O      doub N N 1   
40A C      "C5'"  sing N N 2   
40A C      OXT    sing N N 3   
40A N1     C2     doub Y N 4   
40A N1     C6     sing Y N 5   
40A C2     N3     sing Y N 6   
40A N3     C4     doub Y N 7   
40A C4     N9     sing Y N 8   
40A C5     C4     sing Y N 9   
40A C5     N7     sing Y N 10  
40A C6     C5     doub Y N 11  
40A N6     C6     sing N N 12  
40A N6     HN6A   sing N N 13  
40A N7     C8     doub Y N 14  
40A C8     H8     sing N N 15  
40A N9     C8     sing Y N 16  
40A N9     "C8'"  sing N N 17  
40A N      H2     sing N N 18  
40A CA     N      sing N N 19  
40A CA     HA     sing N N 20  
40A CA     C2M    sing N N 21  
40A C2M    H2MA   sing N N 22  
40A "C3'"  CA     sing N N 23  
40A "N4'"  "C3'"  sing N N 24  
40A "N4'"  "C5'"  sing N N 25  
40A "C5'"  "H15'" sing N N 26  
40A "C5'"  "H25'" sing N N 27  
40A "C7'"  "N4'"  sing N N 28  
40A "O7'"  "C7'"  doub N N 29  
40A "C8'"  "C7'"  sing N N 30  
40A "C8'"  "H18'" sing N N 31  
40A H3     C2     sing N N 32  
40A H      N      sing N N 33  
40A "H13'" "C3'"  sing N N 34  
40A "H23'" "C3'"  sing N N 35  
40A HN6    N6     sing N N 36  
40A "H28'" "C8'"  sing N N 37  
40A H2M    C2M    sing N N 38  
40A H2MB   C2M    sing N N 39  
40A OXT    HXT    sing N N 40  
40C C      "C5'"  sing N N 41  
40C C      O      doub N N 42  
40C C      OXT    sing N N 43  
40C N1     "C8'"  sing N N 44  
40C C2     N1     sing N N 45  
40C O2     C2     doub N N 46  
40C N3     C2     sing N N 47  
40C N3     C4     doub N N 48  
40C C4     C5     sing N N 49  
40C N4     C4     sing N N 50  
40C C5     C6     doub N N 51  
40C C6     N1     sing N N 52  
40C C6     H6     sing N N 53  
40C N      CA     sing N N 54  
40C N      H2     sing N N 55  
40C CA     C2M    sing N N 56  
40C CA     HA     sing N N 57  
40C C2M    H2MA   sing N N 58  
40C C2M    H2M    sing N N 59  
40C "C3'"  CA     sing N N 60  
40C "C3'"  "H23'" sing N N 61  
40C "N4'"  "C3'"  sing N N 62  
40C "N4'"  "C5'"  sing N N 63  
40C "C5'"  "H25'" sing N N 64  
40C "C7'"  "N4'"  sing N N 65  
40C "O7'"  "C7'"  doub N N 66  
40C "C8'"  "C7'"  sing N N 67  
40C "C8'"  "H18'" sing N N 68  
40C H5     C5     sing N N 69  
40C H      N      sing N N 70  
40C "H13'" "C3'"  sing N N 71  
40C HN4    N4     sing N N 72  
40C HN4A   N4     sing N N 73  
40C "H15'" "C5'"  sing N N 74  
40C "H28'" "C8'"  sing N N 75  
40C H2MB   C2M    sing N N 76  
40C OXT    HXT    sing N N 77  
40G C      "C5'"  sing N N 78  
40G C      O      doub N N 79  
40G C      OXT    sing N N 80  
40G N1     C2     sing N N 81  
40G C2     N3     doub N N 82  
40G N2     C2     sing N N 83  
40G N2     HN2    sing N N 84  
40G C4     N3     sing N N 85  
40G C4     N9     sing Y N 86  
40G C5     C4     doub Y N 87  
40G C5     N7     sing Y N 88  
40G C6     N1     sing N N 89  
40G C6     C5     sing N N 90  
40G O6     C6     doub N N 91  
40G N7     C8     doub Y N 92  
40G C8     N9     sing Y N 93  
40G C8     H8     sing N N 94  
40G N9     "C8'"  sing N N 95  
40G N      CA     sing N N 96  
40G N      H2     sing N N 97  
40G CA     HA     sing N N 98  
40G CA     C2M    sing N N 99  
40G C2M    H2MA   sing N N 100 
40G C2M    H2M    sing N N 101 
40G "C3'"  CA     sing N N 102 
40G "C3'"  "H23'" sing N N 103 
40G "N4'"  "C3'"  sing N N 104 
40G "N4'"  "C5'"  sing N N 105 
40G "C5'"  "H25'" sing N N 106 
40G "C7'"  "N4'"  sing N N 107 
40G "O7'"  "C7'"  doub N N 108 
40G "C8'"  "C7'"  sing N N 109 
40G "C8'"  "H28'" sing N N 110 
40G "C8'"  "H18'" sing N N 111 
40G HN1    N1     sing N N 112 
40G H      N      sing N N 113 
40G HN2A   N2     sing N N 114 
40G "H13'" "C3'"  sing N N 115 
40G "H15'" "C5'"  sing N N 116 
40G H2MB   C2M    sing N N 117 
40G OXT    HXT    sing N N 118 
40T C      O      doub N N 119 
40T C      "C5'"  sing N N 120 
40T C      OXT    sing N N 121 
40T N1     "C8'"  sing N N 122 
40T N1     C6     sing N N 123 
40T C2     N1     sing N N 124 
40T O2     C2     doub N N 125 
40T N3     C2     sing N N 126 
40T N3     C4     sing N N 127 
40T C4     C5     sing N N 128 
40T O4     C4     doub N N 129 
40T C5     C6     doub N N 130 
40T C5     C7     sing N N 131 
40T C6     H6     sing N N 132 
40T C7     H7B    sing N N 133 
40T N      H2     sing N N 134 
40T CA     N      sing N N 135 
40T CA     C2M    sing N N 136 
40T CA     HA     sing N N 137 
40T C2M    H2MB   sing N N 138 
40T "C3'"  CA     sing N N 139 
40T "N4'"  "C3'"  sing N N 140 
40T "N4'"  "C5'"  sing N N 141 
40T "C5'"  "H15'" sing N N 142 
40T "C5'"  "H25'" sing N N 143 
40T "C7'"  "N4'"  sing N N 144 
40T "O7'"  "C7'"  doub N N 145 
40T "C8'"  "C7'"  sing N N 146 
40T "C8'"  "HXT'" sing N N 147 
40T HN3    N3     sing N N 148 
40T H      N      sing N N 149 
40T "H13'" "C3'"  sing N N 150 
40T "H23'" "C3'"  sing N N 151 
40T H7     C7     sing N N 152 
40T H7A    C7     sing N N 153 
40T "H28'" "C8'"  sing N N 154 
40T H2M    C2M    sing N N 155 
40T H2MA   C2M    sing N N 156 
40T OXT    HXT    sing N N 157 
DA  OP3    P      sing N N 158 
DA  OP3    HOP3   sing N N 159 
DA  P      OP1    doub N N 160 
DA  P      OP2    sing N N 161 
DA  P      "O5'"  sing N N 162 
DA  OP2    HOP2   sing N N 163 
DA  "O5'"  "C5'"  sing N N 164 
DA  "C5'"  "C4'"  sing N N 165 
DA  "C5'"  "H5'"  sing N N 166 
DA  "C5'"  "H5''" sing N N 167 
DA  "C4'"  "O4'"  sing N N 168 
DA  "C4'"  "C3'"  sing N N 169 
DA  "C4'"  "H4'"  sing N N 170 
DA  "O4'"  "C1'"  sing N N 171 
DA  "C3'"  "O3'"  sing N N 172 
DA  "C3'"  "C2'"  sing N N 173 
DA  "C3'"  "H3'"  sing N N 174 
DA  "O3'"  "HO3'" sing N N 175 
DA  "C2'"  "C1'"  sing N N 176 
DA  "C2'"  "H2'"  sing N N 177 
DA  "C2'"  "H2''" sing N N 178 
DA  "C1'"  N9     sing N N 179 
DA  "C1'"  "H1'"  sing N N 180 
DA  N9     C8     sing Y N 181 
DA  N9     C4     sing Y N 182 
DA  C8     N7     doub Y N 183 
DA  C8     H8     sing N N 184 
DA  N7     C5     sing Y N 185 
DA  C5     C6     sing Y N 186 
DA  C5     C4     doub Y N 187 
DA  C6     N6     sing N N 188 
DA  C6     N1     doub Y N 189 
DA  N6     H61    sing N N 190 
DA  N6     H62    sing N N 191 
DA  N1     C2     sing Y N 192 
DA  C2     N3     doub Y N 193 
DA  C2     H2     sing N N 194 
DA  N3     C4     sing Y N 195 
DC  OP3    P      sing N N 196 
DC  OP3    HOP3   sing N N 197 
DC  P      OP1    doub N N 198 
DC  P      OP2    sing N N 199 
DC  P      "O5'"  sing N N 200 
DC  OP2    HOP2   sing N N 201 
DC  "O5'"  "C5'"  sing N N 202 
DC  "C5'"  "C4'"  sing N N 203 
DC  "C5'"  "H5'"  sing N N 204 
DC  "C5'"  "H5''" sing N N 205 
DC  "C4'"  "O4'"  sing N N 206 
DC  "C4'"  "C3'"  sing N N 207 
DC  "C4'"  "H4'"  sing N N 208 
DC  "O4'"  "C1'"  sing N N 209 
DC  "C3'"  "O3'"  sing N N 210 
DC  "C3'"  "C2'"  sing N N 211 
DC  "C3'"  "H3'"  sing N N 212 
DC  "O3'"  "HO3'" sing N N 213 
DC  "C2'"  "C1'"  sing N N 214 
DC  "C2'"  "H2'"  sing N N 215 
DC  "C2'"  "H2''" sing N N 216 
DC  "C1'"  N1     sing N N 217 
DC  "C1'"  "H1'"  sing N N 218 
DC  N1     C2     sing N N 219 
DC  N1     C6     sing N N 220 
DC  C2     O2     doub N N 221 
DC  C2     N3     sing N N 222 
DC  N3     C4     doub N N 223 
DC  C4     N4     sing N N 224 
DC  C4     C5     sing N N 225 
DC  N4     H41    sing N N 226 
DC  N4     H42    sing N N 227 
DC  C5     C6     doub N N 228 
DC  C5     H5     sing N N 229 
DC  C6     H6     sing N N 230 
DG  OP3    P      sing N N 231 
DG  OP3    HOP3   sing N N 232 
DG  P      OP1    doub N N 233 
DG  P      OP2    sing N N 234 
DG  P      "O5'"  sing N N 235 
DG  OP2    HOP2   sing N N 236 
DG  "O5'"  "C5'"  sing N N 237 
DG  "C5'"  "C4'"  sing N N 238 
DG  "C5'"  "H5'"  sing N N 239 
DG  "C5'"  "H5''" sing N N 240 
DG  "C4'"  "O4'"  sing N N 241 
DG  "C4'"  "C3'"  sing N N 242 
DG  "C4'"  "H4'"  sing N N 243 
DG  "O4'"  "C1'"  sing N N 244 
DG  "C3'"  "O3'"  sing N N 245 
DG  "C3'"  "C2'"  sing N N 246 
DG  "C3'"  "H3'"  sing N N 247 
DG  "O3'"  "HO3'" sing N N 248 
DG  "C2'"  "C1'"  sing N N 249 
DG  "C2'"  "H2'"  sing N N 250 
DG  "C2'"  "H2''" sing N N 251 
DG  "C1'"  N9     sing N N 252 
DG  "C1'"  "H1'"  sing N N 253 
DG  N9     C8     sing Y N 254 
DG  N9     C4     sing Y N 255 
DG  C8     N7     doub Y N 256 
DG  C8     H8     sing N N 257 
DG  N7     C5     sing Y N 258 
DG  C5     C6     sing N N 259 
DG  C5     C4     doub Y N 260 
DG  C6     O6     doub N N 261 
DG  C6     N1     sing N N 262 
DG  N1     C2     sing N N 263 
DG  N1     H1     sing N N 264 
DG  C2     N2     sing N N 265 
DG  C2     N3     doub N N 266 
DG  N2     H21    sing N N 267 
DG  N2     H22    sing N N 268 
DG  N3     C4     sing N N 269 
DT  OP3    P      sing N N 270 
DT  OP3    HOP3   sing N N 271 
DT  P      OP1    doub N N 272 
DT  P      OP2    sing N N 273 
DT  P      "O5'"  sing N N 274 
DT  OP2    HOP2   sing N N 275 
DT  "O5'"  "C5'"  sing N N 276 
DT  "C5'"  "C4'"  sing N N 277 
DT  "C5'"  "H5'"  sing N N 278 
DT  "C5'"  "H5''" sing N N 279 
DT  "C4'"  "O4'"  sing N N 280 
DT  "C4'"  "C3'"  sing N N 281 
DT  "C4'"  "H4'"  sing N N 282 
DT  "O4'"  "C1'"  sing N N 283 
DT  "C3'"  "O3'"  sing N N 284 
DT  "C3'"  "C2'"  sing N N 285 
DT  "C3'"  "H3'"  sing N N 286 
DT  "O3'"  "HO3'" sing N N 287 
DT  "C2'"  "C1'"  sing N N 288 
DT  "C2'"  "H2'"  sing N N 289 
DT  "C2'"  "H2''" sing N N 290 
DT  "C1'"  N1     sing N N 291 
DT  "C1'"  "H1'"  sing N N 292 
DT  N1     C2     sing N N 293 
DT  N1     C6     sing N N 294 
DT  C2     O2     doub N N 295 
DT  C2     N3     sing N N 296 
DT  N3     C4     sing N N 297 
DT  N3     H3     sing N N 298 
DT  C4     O4     doub N N 299 
DT  C4     C5     sing N N 300 
DT  C5     C7     sing N N 301 
DT  C5     C6     doub N N 302 
DT  C7     H71    sing N N 303 
DT  C7     H72    sing N N 304 
DT  C7     H73    sing N N 305 
DT  C6     H6     sing N N 306 
EDO C1     O1     sing N N 307 
EDO C1     C2     sing N N 308 
EDO C1     H11    sing N N 309 
EDO C1     H12    sing N N 310 
EDO O1     HO1    sing N N 311 
EDO C2     O2     sing N N 312 
EDO C2     H21    sing N N 313 
EDO C2     H22    sing N N 314 
EDO O2     HO2    sing N N 315 
HOH O      H1     sing N N 316 
HOH O      H2     sing N N 317 
LYS N      CA     sing N N 318 
LYS N      H      sing N N 319 
LYS N      H2     sing N N 320 
LYS CA     C      sing N N 321 
LYS CA     CB     sing N N 322 
LYS CA     HA     sing N N 323 
LYS C      O      doub N N 324 
LYS C      OXT    sing N N 325 
LYS CB     CG     sing N N 326 
LYS CB     HB2    sing N N 327 
LYS CB     HB3    sing N N 328 
LYS CG     CD     sing N N 329 
LYS CG     HG2    sing N N 330 
LYS CG     HG3    sing N N 331 
LYS CD     CE     sing N N 332 
LYS CD     HD2    sing N N 333 
LYS CD     HD3    sing N N 334 
LYS CE     NZ     sing N N 335 
LYS CE     HE2    sing N N 336 
LYS CE     HE3    sing N N 337 
LYS NZ     HZ1    sing N N 338 
LYS NZ     HZ2    sing N N 339 
LYS NZ     HZ3    sing N N 340 
LYS OXT    HXT    sing N N 341 
# 
loop_
_pdbx_entity_nonpoly.entity_id 
_pdbx_entity_nonpoly.name 
_pdbx_entity_nonpoly.comp_id 
3 1,2-ETHANEDIOL EDO 
4 'ZINC ION'     ZN  
5 water          HOH 
# 
